data_7PKU
#
_entry.id   7PKU
#
loop_
_entity.id
_entity.type
_entity.pdbx_description
1 polymer '3C-like proteinase'
2 polymer Nucleoprotein
#
loop_
_entity_poly.entity_id
_entity_poly.type
_entity_poly.pdbx_seq_one_letter_code
_entity_poly.pdbx_strand_id
1 'polypeptide(L)'
;QGYKSVNITFELDERIDKVLNEKCSAYTVELGTEVNEFACVVADAVIKTLQPVSELLTPLGIDLDEWSMATYYLFDESGE
FKLASHMYCSFYPPDE
;
A
2 'polypeptide(L)' RNSSRNSTPGSSRGTSPARMAGNGGDAALALLLLDRLNQLESKMSGKGQQQQGQTVTKKSAAEASKKPRQKRT B
#
# COMPACT_ATOMS: atom_id res chain seq x y z
N GLN A 1 -20.20 -17.57 -7.44
CA GLN A 1 -19.76 -16.27 -6.95
C GLN A 1 -18.25 -16.23 -6.77
N GLY A 2 -17.64 -15.10 -7.15
CA GLY A 2 -16.20 -14.94 -7.04
C GLY A 2 -15.79 -13.48 -6.97
N TYR A 3 -14.67 -13.22 -6.27
CA TYR A 3 -14.14 -11.87 -6.11
C TYR A 3 -12.91 -11.68 -7.00
N LYS A 4 -12.76 -10.49 -7.62
CA LYS A 4 -11.60 -10.23 -8.47
C LYS A 4 -10.62 -9.33 -7.73
N SER A 5 -9.54 -9.93 -7.24
CA SER A 5 -8.53 -9.22 -6.47
C SER A 5 -7.28 -8.94 -7.31
N VAL A 6 -6.75 -7.71 -7.15
CA VAL A 6 -5.57 -7.26 -7.89
C VAL A 6 -4.59 -6.48 -6.99
N ASN A 7 -3.39 -6.23 -7.52
CA ASN A 7 -2.34 -5.50 -6.80
C ASN A 7 -2.21 -4.08 -7.34
N ILE A 8 -2.12 -3.09 -6.43
CA ILE A 8 -2.01 -1.68 -6.82
C ILE A 8 -0.74 -1.03 -6.27
N THR A 9 -0.23 -0.05 -7.01
CA THR A 9 0.97 0.69 -6.59
C THR A 9 0.62 2.17 -6.33
N PHE A 10 0.51 2.51 -5.05
CA PHE A 10 0.16 3.86 -4.62
C PHE A 10 1.38 4.62 -4.08
N GLU A 11 2.01 5.42 -4.97
CA GLU A 11 3.22 6.23 -4.67
C GLU A 11 4.47 5.38 -4.38
N LEU A 12 4.25 4.12 -3.97
CA LEU A 12 5.34 3.16 -3.65
C LEU A 12 6.35 3.03 -4.80
N ASP A 13 7.65 3.11 -4.46
CA ASP A 13 8.74 3.01 -5.45
C ASP A 13 10.03 2.47 -4.83
N GLU A 14 10.63 3.24 -3.91
CA GLU A 14 11.88 2.85 -3.25
C GLU A 14 11.76 2.90 -1.71
N ARG A 15 10.54 3.10 -1.23
CA ARG A 15 10.24 3.18 0.19
C ARG A 15 8.89 2.53 0.41
N ILE A 16 8.85 1.56 1.33
CA ILE A 16 7.62 0.81 1.69
C ILE A 16 6.98 0.08 0.46
N ASP A 17 7.73 0.00 -0.65
CA ASP A 17 7.27 -0.63 -1.90
C ASP A 17 6.84 -2.10 -1.72
N LYS A 18 7.82 -3.00 -1.47
CA LYS A 18 7.54 -4.44 -1.28
C LYS A 18 6.74 -4.71 0.00
N VAL A 19 6.88 -3.80 0.99
CA VAL A 19 6.21 -3.92 2.30
C VAL A 19 4.67 -3.88 2.15
N LEU A 20 4.16 -2.81 1.51
CA LEU A 20 2.73 -2.63 1.32
C LEU A 20 2.22 -3.35 0.07
N ASN A 21 3.15 -3.67 -0.87
CA ASN A 21 2.78 -4.40 -2.09
C ASN A 21 2.43 -5.84 -1.74
N GLU A 22 3.14 -6.40 -0.75
CA GLU A 22 2.90 -7.76 -0.27
C GLU A 22 1.88 -7.81 0.86
N LYS A 23 1.80 -6.73 1.67
CA LYS A 23 0.87 -6.70 2.81
C LYS A 23 -0.52 -6.13 2.48
N CYS A 24 -0.58 -4.98 1.77
CA CYS A 24 -1.87 -4.35 1.47
C CYS A 24 -1.91 -3.74 0.06
N SER A 25 -1.87 -4.61 -0.94
CA SER A 25 -1.93 -4.21 -2.35
C SER A 25 -2.94 -5.06 -3.12
N ALA A 26 -3.46 -6.11 -2.47
CA ALA A 26 -4.43 -7.00 -3.09
C ALA A 26 -5.83 -6.71 -2.55
N TYR A 27 -6.59 -5.97 -3.36
CA TYR A 27 -7.96 -5.56 -3.01
C TYR A 27 -8.97 -6.32 -3.86
N THR A 28 -10.25 -6.29 -3.45
CA THR A 28 -11.32 -6.99 -4.16
C THR A 28 -12.16 -6.02 -4.99
N VAL A 29 -12.22 -6.31 -6.29
CA VAL A 29 -12.95 -5.48 -7.26
C VAL A 29 -13.75 -6.37 -8.24
N GLU A 30 -14.58 -5.69 -9.07
CA GLU A 30 -15.46 -6.33 -10.10
C GLU A 30 -16.78 -6.79 -9.46
N LEU A 31 -16.84 -6.73 -8.13
CA LEU A 31 -18.03 -7.12 -7.37
C LEU A 31 -18.84 -5.87 -7.02
N GLY A 32 -18.35 -4.72 -7.52
CA GLY A 32 -19.00 -3.45 -7.27
C GLY A 32 -18.02 -2.34 -6.93
N THR A 33 -16.71 -2.55 -7.21
CA THR A 33 -15.70 -1.54 -6.91
C THR A 33 -15.45 -0.61 -8.10
N GLU A 34 -15.31 0.67 -7.78
CA GLU A 34 -15.05 1.72 -8.77
C GLU A 34 -13.58 2.16 -8.66
N VAL A 35 -13.22 3.24 -9.36
CA VAL A 35 -11.84 3.76 -9.35
C VAL A 35 -11.62 4.80 -8.23
N ASN A 36 -12.60 5.69 -8.04
CA ASN A 36 -12.55 6.72 -6.99
C ASN A 36 -12.54 6.08 -5.61
N GLU A 37 -13.43 5.08 -5.42
CA GLU A 37 -13.53 4.32 -4.17
C GLU A 37 -12.30 3.42 -4.01
N PHE A 38 -11.63 3.16 -5.15
CA PHE A 38 -10.41 2.36 -5.19
C PHE A 38 -9.23 3.14 -4.61
N ALA A 39 -9.17 4.44 -4.95
CA ALA A 39 -8.13 5.34 -4.46
C ALA A 39 -8.32 5.62 -2.96
N CYS A 40 -9.59 5.79 -2.57
CA CYS A 40 -9.96 6.04 -1.17
C CYS A 40 -9.79 4.78 -0.30
N VAL A 41 -10.00 3.60 -0.90
CA VAL A 41 -9.87 2.32 -0.17
C VAL A 41 -8.39 1.97 0.09
N VAL A 42 -7.53 2.17 -0.94
CA VAL A 42 -6.08 1.91 -0.80
C VAL A 42 -5.46 2.90 0.21
N ALA A 43 -5.90 4.16 0.11
CA ALA A 43 -5.46 5.23 1.01
C ALA A 43 -5.88 4.94 2.46
N ASP A 44 -7.09 4.39 2.62
CA ASP A 44 -7.66 4.04 3.93
C ASP A 44 -6.92 2.86 4.57
N ALA A 45 -6.61 1.81 3.77
CA ALA A 45 -5.90 0.62 4.27
C ALA A 45 -4.50 0.98 4.78
N VAL A 46 -3.75 1.73 3.96
CA VAL A 46 -2.38 2.15 4.30
C VAL A 46 -2.38 3.16 5.49
N ILE A 47 -3.38 4.04 5.51
CA ILE A 47 -3.51 5.06 6.55
C ILE A 47 -4.08 4.50 7.86
N LYS A 48 -4.72 3.33 7.78
CA LYS A 48 -5.31 2.69 8.97
C LYS A 48 -4.30 1.73 9.64
N THR A 49 -3.47 1.05 8.83
CA THR A 49 -2.51 0.08 9.38
C THR A 49 -1.13 0.68 9.69
N LEU A 50 -0.64 1.58 8.83
CA LEU A 50 0.69 2.16 8.98
C LEU A 50 0.73 3.45 9.81
N GLN A 51 -0.35 4.24 9.76
CA GLN A 51 -0.43 5.54 10.47
C GLN A 51 -0.32 5.45 12.01
N PRO A 52 -0.94 4.44 12.70
CA PRO A 52 -0.87 4.33 14.18
C PRO A 52 0.55 4.29 14.78
N VAL A 53 1.58 4.28 13.92
CA VAL A 53 2.98 4.27 14.36
C VAL A 53 3.48 5.71 14.52
N SER A 54 3.75 6.39 13.36
CA SER A 54 4.22 7.80 13.30
C SER A 54 5.64 7.99 13.86
N GLU A 55 5.96 7.30 14.97
CA GLU A 55 7.28 7.41 15.63
C GLU A 55 8.47 7.07 14.71
N LEU A 56 8.33 5.98 13.94
CA LEU A 56 9.38 5.55 13.00
C LEU A 56 9.22 6.16 11.61
N LEU A 57 7.95 6.45 11.24
CA LEU A 57 7.63 7.00 9.91
C LEU A 57 8.08 8.45 9.72
N THR A 58 8.09 9.26 10.79
CA THR A 58 8.51 10.67 10.66
C THR A 58 10.06 10.84 10.54
N PRO A 59 10.93 10.05 11.25
CA PRO A 59 12.38 10.14 11.10
C PRO A 59 12.86 9.36 9.87
N LEU A 60 12.03 8.38 9.45
CA LEU A 60 12.28 7.52 8.28
C LEU A 60 12.58 8.35 7.02
N GLY A 61 11.76 9.38 6.75
CA GLY A 61 11.96 10.22 5.59
C GLY A 61 10.66 10.76 4.98
N ILE A 62 9.54 10.09 5.27
CA ILE A 62 8.23 10.50 4.74
C ILE A 62 7.51 11.46 5.72
N ASP A 63 6.52 12.20 5.20
CA ASP A 63 5.75 13.16 6.00
C ASP A 63 4.52 12.50 6.64
N LEU A 64 3.86 11.60 5.88
CA LEU A 64 2.65 10.87 6.34
C LEU A 64 1.42 11.79 6.48
N ASP A 65 1.61 13.09 6.26
CA ASP A 65 0.51 14.07 6.35
C ASP A 65 -0.08 14.39 4.97
N GLU A 66 0.63 13.96 3.92
CA GLU A 66 0.19 14.19 2.53
C GLU A 66 -0.53 12.96 1.96
N TRP A 67 -0.51 11.86 2.73
CA TRP A 67 -1.15 10.59 2.32
C TRP A 67 -2.60 10.53 2.79
N SER A 68 -2.91 11.26 3.86
CA SER A 68 -4.26 11.28 4.44
C SER A 68 -5.09 12.47 3.91
N MET A 69 -4.40 13.58 3.60
CA MET A 69 -5.07 14.79 3.11
C MET A 69 -5.16 14.82 1.58
N ALA A 70 -4.10 14.35 0.91
CA ALA A 70 -4.06 14.33 -0.55
C ALA A 70 -4.38 12.94 -1.10
N THR A 71 -5.28 12.90 -2.08
CA THR A 71 -5.69 11.65 -2.72
C THR A 71 -5.01 11.48 -4.08
N TYR A 72 -4.83 10.23 -4.50
CA TYR A 72 -4.18 9.92 -5.78
C TYR A 72 -5.19 9.37 -6.79
N TYR A 73 -4.82 9.41 -8.08
CA TYR A 73 -5.67 8.92 -9.16
C TYR A 73 -5.16 7.58 -9.67
N LEU A 74 -6.10 6.71 -10.05
CA LEU A 74 -5.77 5.37 -10.54
C LEU A 74 -5.94 5.27 -12.06
N PHE A 75 -4.88 4.80 -12.73
CA PHE A 75 -4.86 4.62 -14.19
C PHE A 75 -4.10 3.35 -14.57
N ASP A 76 -4.37 2.84 -15.78
CA ASP A 76 -3.72 1.63 -16.29
C ASP A 76 -2.72 1.96 -17.40
N GLU A 77 -3.18 2.72 -18.42
CA GLU A 77 -2.34 3.11 -19.55
C GLU A 77 -2.60 4.57 -19.95
N SER A 78 -1.54 5.41 -19.84
CA SER A 78 -1.58 6.85 -20.16
C SER A 78 -2.45 7.67 -19.19
N GLY A 79 -3.71 7.26 -19.03
CA GLY A 79 -4.63 7.95 -18.14
C GLY A 79 -6.07 7.57 -18.38
N GLU A 80 -6.35 6.26 -18.33
CA GLU A 80 -7.71 5.75 -18.55
C GLU A 80 -8.16 4.90 -17.35
N PHE A 81 -9.48 4.81 -17.17
CA PHE A 81 -10.07 4.04 -16.07
C PHE A 81 -10.41 2.61 -16.51
N LYS A 82 -9.54 1.66 -16.15
CA LYS A 82 -9.72 0.25 -16.48
C LYS A 82 -9.23 -0.65 -15.35
N LEU A 83 -9.83 -1.84 -15.23
CA LEU A 83 -9.46 -2.80 -14.19
C LEU A 83 -8.52 -3.87 -14.75
N ALA A 84 -7.30 -3.89 -14.22
CA ALA A 84 -6.26 -4.85 -14.64
C ALA A 84 -5.60 -5.51 -13.43
N SER A 85 -4.71 -6.49 -13.69
CA SER A 85 -3.99 -7.22 -12.63
C SER A 85 -3.11 -6.29 -11.78
N HIS A 86 -2.44 -5.34 -12.47
CA HIS A 86 -1.57 -4.37 -11.81
C HIS A 86 -1.95 -2.95 -12.24
N MET A 87 -2.54 -2.21 -11.30
CA MET A 87 -2.96 -0.83 -11.57
C MET A 87 -2.02 0.17 -10.91
N TYR A 88 -1.95 1.37 -11.51
CA TYR A 88 -1.07 2.43 -11.01
C TYR A 88 -1.86 3.51 -10.27
N CYS A 89 -1.55 3.66 -8.98
CA CYS A 89 -2.18 4.66 -8.13
C CYS A 89 -1.17 5.78 -7.81
N SER A 90 -1.30 6.89 -8.54
CA SER A 90 -0.41 8.06 -8.37
C SER A 90 -1.12 9.36 -8.76
N PHE A 91 -0.48 10.50 -8.43
CA PHE A 91 -1.02 11.83 -8.73
C PHE A 91 -0.54 12.30 -10.12
N TYR A 92 -1.48 12.79 -10.94
CA TYR A 92 -1.16 13.27 -12.29
C TYR A 92 -1.69 14.70 -12.54
N PRO A 93 -2.97 15.05 -12.17
CA PRO A 93 -3.51 16.41 -12.42
C PRO A 93 -2.83 17.50 -11.55
N PRO A 94 -3.04 18.83 -11.85
CA PRO A 94 -2.43 19.92 -11.06
C PRO A 94 -3.10 20.12 -9.70
N ASP A 95 -2.36 20.72 -8.77
CA ASP A 95 -2.85 20.99 -7.42
C ASP A 95 -3.29 22.44 -7.27
N GLU A 96 -4.47 22.64 -6.69
CA GLU A 96 -5.03 23.98 -6.48
C GLU A 96 -4.86 24.41 -5.03
N ARG B 1 27.19 -4.20 17.23
CA ARG B 1 26.74 -3.20 18.20
C ARG B 1 25.22 -3.10 18.19
N ASN B 2 24.63 -2.93 19.41
CA ASN B 2 23.17 -2.80 19.62
C ASN B 2 22.42 -4.12 19.38
N SER B 3 22.66 -4.75 18.22
CA SER B 3 22.01 -6.01 17.87
C SER B 3 23.04 -7.15 17.83
N SER B 4 22.71 -8.26 18.50
CA SER B 4 23.58 -9.43 18.56
C SER B 4 22.82 -10.71 18.21
N ARG B 5 21.60 -10.83 18.77
CA ARG B 5 20.75 -12.00 18.53
C ARG B 5 19.56 -11.64 17.64
N ASN B 6 19.02 -12.66 16.92
CA ASN B 6 17.87 -12.51 16.00
C ASN B 6 18.18 -11.59 14.82
N SER B 7 17.62 -11.94 13.64
CA SER B 7 17.81 -11.19 12.38
C SER B 7 19.27 -11.19 11.92
N THR B 8 19.50 -11.64 10.69
CA THR B 8 20.85 -11.70 10.11
C THR B 8 20.97 -10.77 8.89
N PRO B 9 22.22 -10.36 8.49
CA PRO B 9 22.41 -9.46 7.33
C PRO B 9 22.20 -10.16 5.98
N GLY B 10 22.61 -11.44 5.90
CA GLY B 10 22.46 -12.21 4.68
C GLY B 10 23.75 -12.29 3.89
N SER B 11 23.73 -11.71 2.69
CA SER B 11 24.90 -11.70 1.81
C SER B 11 25.64 -10.36 1.88
N SER B 12 26.97 -10.42 1.79
CA SER B 12 27.81 -9.22 1.84
C SER B 12 28.76 -9.16 0.64
N ARG B 13 29.36 -10.31 0.29
CA ARG B 13 30.30 -10.39 -0.83
C ARG B 13 29.62 -10.97 -2.06
N GLY B 14 30.00 -10.47 -3.24
CA GLY B 14 29.42 -10.92 -4.49
C GLY B 14 30.09 -10.30 -5.71
N THR B 15 30.33 -11.13 -6.73
CA THR B 15 30.98 -10.68 -7.96
C THR B 15 30.30 -11.28 -9.19
N SER B 16 30.05 -12.59 -9.16
CA SER B 16 29.41 -13.30 -10.26
C SER B 16 27.95 -13.67 -9.90
N PRO B 17 26.93 -12.86 -10.35
CA PRO B 17 25.51 -13.16 -10.07
C PRO B 17 24.97 -14.33 -10.88
N ALA B 18 24.09 -15.12 -10.25
CA ALA B 18 23.49 -16.29 -10.88
C ALA B 18 21.96 -16.24 -10.81
N ARG B 19 21.44 -15.85 -9.64
CA ARG B 19 19.99 -15.76 -9.42
C ARG B 19 19.51 -14.31 -9.44
N MET B 20 20.43 -13.36 -9.16
CA MET B 20 20.16 -11.90 -9.14
C MET B 20 19.32 -11.49 -7.91
N ALA B 21 18.22 -12.20 -7.67
CA ALA B 21 17.34 -11.92 -6.54
C ALA B 21 17.61 -12.86 -5.37
N GLY B 22 17.78 -12.28 -4.18
CA GLY B 22 18.05 -13.06 -2.98
C GLY B 22 19.29 -12.58 -2.25
N ASN B 23 19.13 -11.54 -1.44
CA ASN B 23 20.24 -10.96 -0.66
C ASN B 23 20.23 -11.47 0.78
N GLY B 24 19.03 -11.52 1.38
CA GLY B 24 18.89 -11.98 2.75
C GLY B 24 17.44 -12.10 3.18
N GLY B 25 16.70 -11.00 3.04
CA GLY B 25 15.28 -10.97 3.41
C GLY B 25 14.52 -9.85 2.73
N ASP B 26 13.56 -9.27 3.45
CA ASP B 26 12.74 -8.18 2.92
C ASP B 26 12.71 -7.00 3.89
N ALA B 27 12.91 -5.78 3.35
CA ALA B 27 12.92 -4.52 4.13
C ALA B 27 14.07 -4.47 5.15
N ALA B 28 14.52 -3.25 5.45
CA ALA B 28 15.61 -3.04 6.40
C ALA B 28 15.21 -2.07 7.52
N LEU B 29 14.50 -1.00 7.14
CA LEU B 29 14.04 0.01 8.10
C LEU B 29 12.51 0.07 8.19
N ALA B 30 11.83 -0.50 7.19
CA ALA B 30 10.37 -0.51 7.14
C ALA B 30 9.77 -1.75 7.83
N LEU B 31 10.65 -2.70 8.21
CA LEU B 31 10.22 -3.94 8.88
C LEU B 31 9.72 -3.71 10.31
N LEU B 32 10.19 -2.62 10.93
CA LEU B 32 9.80 -2.26 12.31
C LEU B 32 8.35 -1.77 12.37
N LEU B 33 8.02 -0.81 11.49
CA LEU B 33 6.67 -0.22 11.42
C LEU B 33 5.66 -1.22 10.85
N LEU B 34 6.11 -1.97 9.82
CA LEU B 34 5.28 -2.97 9.14
C LEU B 34 4.90 -4.11 10.10
N ASP B 35 5.90 -4.76 10.69
CA ASP B 35 5.66 -5.89 11.60
C ASP B 35 4.89 -5.46 12.86
N ARG B 36 5.33 -4.35 13.48
CA ARG B 36 4.71 -3.85 14.71
C ARG B 36 3.21 -3.54 14.55
N LEU B 37 2.86 -2.61 13.65
CA LEU B 37 1.45 -2.20 13.48
C LEU B 37 0.60 -3.20 12.69
N ASN B 38 1.15 -3.77 11.62
CA ASN B 38 0.38 -4.73 10.80
C ASN B 38 0.01 -5.98 11.60
N GLN B 39 0.88 -6.38 12.54
CA GLN B 39 0.61 -7.54 13.39
C GLN B 39 -0.11 -7.10 14.68
N LEU B 40 -0.01 -5.81 15.03
CA LEU B 40 -0.68 -5.24 16.23
C LEU B 40 -2.20 -5.15 16.01
N GLU B 41 -2.61 -4.83 14.78
CA GLU B 41 -4.04 -4.69 14.43
C GLU B 41 -4.72 -6.04 14.20
N SER B 42 -3.91 -7.09 13.95
CA SER B 42 -4.43 -8.45 13.69
C SER B 42 -5.07 -9.05 14.95
N LYS B 43 -6.36 -9.41 14.82
CA LYS B 43 -7.12 -10.00 15.93
C LYS B 43 -7.79 -11.33 15.51
N MET B 44 -7.63 -11.69 14.23
CA MET B 44 -8.22 -12.93 13.69
C MET B 44 -7.31 -14.13 13.95
N SER B 45 -7.89 -15.33 13.92
CA SER B 45 -7.15 -16.58 14.16
C SER B 45 -6.54 -17.11 12.86
N GLY B 46 -5.23 -17.40 12.91
CA GLY B 46 -4.52 -17.92 11.75
C GLY B 46 -3.11 -18.34 12.09
N LYS B 47 -2.31 -17.39 12.63
CA LYS B 47 -0.90 -17.60 13.04
C LYS B 47 0.04 -17.79 11.84
N GLY B 48 -0.34 -18.66 10.91
CA GLY B 48 0.47 -18.92 9.73
C GLY B 48 -0.12 -18.32 8.47
N GLN B 49 0.26 -17.07 8.18
CA GLN B 49 -0.23 -16.36 6.99
C GLN B 49 0.81 -16.40 5.87
N GLN B 50 0.36 -16.82 4.68
CA GLN B 50 1.24 -16.91 3.51
C GLN B 50 0.97 -15.78 2.52
N GLN B 51 -0.32 -15.48 2.30
CA GLN B 51 -0.72 -14.41 1.39
C GLN B 51 -1.52 -13.34 2.12
N GLN B 52 -1.10 -12.09 1.96
CA GLN B 52 -1.76 -10.94 2.60
C GLN B 52 -2.70 -10.25 1.61
N GLY B 53 -3.85 -9.78 2.14
CA GLY B 53 -4.84 -9.11 1.31
C GLY B 53 -5.91 -10.07 0.82
N GLN B 54 -7.18 -9.79 1.20
CA GLN B 54 -8.32 -10.62 0.82
C GLN B 54 -9.59 -9.78 0.82
N THR B 55 -9.70 -8.92 1.85
CA THR B 55 -10.84 -8.04 1.99
C THR B 55 -10.41 -6.65 2.44
N VAL B 56 -11.15 -5.63 2.01
CA VAL B 56 -10.84 -4.25 2.36
C VAL B 56 -12.11 -3.45 2.71
N THR B 57 -13.09 -3.45 1.79
CA THR B 57 -14.36 -2.74 2.00
C THR B 57 -15.52 -3.49 1.34
N LYS B 58 -16.72 -3.29 1.88
CA LYS B 58 -17.94 -3.93 1.37
C LYS B 58 -19.10 -2.93 1.29
N LYS B 59 -19.20 -2.07 2.31
CA LYS B 59 -20.28 -1.06 2.38
C LYS B 59 -19.88 0.28 1.74
N SER B 60 -18.57 0.51 1.57
CA SER B 60 -18.06 1.75 0.98
C SER B 60 -18.04 1.73 -0.55
N ALA B 61 -17.65 0.59 -1.14
CA ALA B 61 -17.57 0.46 -2.60
C ALA B 61 -18.87 -0.02 -3.24
N ALA B 62 -19.71 -0.73 -2.48
CA ALA B 62 -20.98 -1.26 -2.99
C ALA B 62 -22.15 -0.28 -2.85
N GLU B 63 -22.04 0.67 -1.90
CA GLU B 63 -23.08 1.67 -1.68
C GLU B 63 -22.93 2.89 -2.59
N ALA B 64 -21.71 3.08 -3.13
CA ALA B 64 -21.41 4.20 -4.02
C ALA B 64 -21.81 3.90 -5.47
N SER B 65 -21.73 2.62 -5.85
CA SER B 65 -22.09 2.18 -7.20
C SER B 65 -23.58 1.80 -7.31
N LYS B 66 -24.20 1.49 -6.17
CA LYS B 66 -25.61 1.10 -6.11
C LYS B 66 -26.52 2.32 -5.94
N LYS B 67 -26.12 3.23 -5.03
CA LYS B 67 -26.90 4.44 -4.75
C LYS B 67 -26.00 5.70 -4.85
N PRO B 68 -26.08 6.48 -5.98
CA PRO B 68 -25.27 7.70 -6.16
C PRO B 68 -25.73 8.85 -5.25
N ARG B 69 -24.75 9.57 -4.69
CA ARG B 69 -25.02 10.71 -3.80
C ARG B 69 -24.27 11.95 -4.25
N GLN B 70 -24.87 13.12 -3.99
CA GLN B 70 -24.27 14.40 -4.37
C GLN B 70 -23.59 15.06 -3.17
N LYS B 71 -22.46 15.72 -3.43
CA LYS B 71 -21.69 16.39 -2.38
C LYS B 71 -21.67 17.90 -2.62
N ARG B 72 -21.54 18.66 -1.50
CA ARG B 72 -21.50 20.16 -1.51
C ARG B 72 -22.86 20.79 -1.86
N THR B 73 -23.48 20.31 -2.95
CA THR B 73 -24.78 20.82 -3.38
C THR B 73 -25.76 19.67 -3.68
N GLN A 1 -18.66 -15.83 -10.09
CA GLN A 1 -18.41 -16.93 -9.15
C GLN A 1 -18.18 -16.41 -7.74
N GLY A 2 -17.39 -15.33 -7.62
CA GLY A 2 -17.09 -14.74 -6.32
C GLY A 2 -16.59 -13.32 -6.42
N TYR A 3 -15.52 -13.03 -5.69
CA TYR A 3 -14.92 -11.69 -5.69
C TYR A 3 -13.62 -11.66 -6.49
N LYS A 4 -13.33 -10.53 -7.16
CA LYS A 4 -12.10 -10.41 -7.95
C LYS A 4 -11.09 -9.55 -7.19
N SER A 5 -10.05 -10.20 -6.66
CA SER A 5 -9.02 -9.51 -5.89
C SER A 5 -7.76 -9.29 -6.72
N VAL A 6 -7.26 -8.06 -6.68
CA VAL A 6 -6.07 -7.67 -7.44
C VAL A 6 -5.10 -6.82 -6.60
N ASN A 7 -3.91 -6.58 -7.18
CA ASN A 7 -2.86 -5.79 -6.53
C ASN A 7 -2.80 -4.40 -7.17
N ILE A 8 -2.48 -3.39 -6.36
CA ILE A 8 -2.41 -2.00 -6.84
C ILE A 8 -1.14 -1.30 -6.36
N THR A 9 -0.71 -0.32 -7.15
CA THR A 9 0.47 0.49 -6.84
C THR A 9 0.03 1.95 -6.76
N PHE A 10 0.16 2.55 -5.57
CA PHE A 10 -0.28 3.93 -5.36
C PHE A 10 0.78 4.78 -4.66
N GLU A 11 1.23 5.81 -5.39
CA GLU A 11 2.23 6.81 -4.93
C GLU A 11 3.60 6.19 -4.57
N LEU A 12 3.72 5.60 -3.35
CA LEU A 12 4.98 4.98 -2.84
C LEU A 12 6.06 6.05 -2.61
N ASP A 13 7.03 5.75 -1.72
CA ASP A 13 8.09 6.71 -1.39
C ASP A 13 9.49 6.10 -1.53
N GLU A 14 9.57 4.87 -2.07
CA GLU A 14 10.86 4.14 -2.29
C GLU A 14 11.57 3.79 -0.96
N ARG A 15 10.86 3.97 0.16
CA ARG A 15 11.39 3.67 1.49
C ARG A 15 10.60 2.53 2.12
N ILE A 16 9.29 2.58 1.90
CA ILE A 16 8.36 1.56 2.37
C ILE A 16 7.56 1.03 1.17
N ASP A 17 8.17 1.15 -0.02
CA ASP A 17 7.59 0.69 -1.29
C ASP A 17 7.34 -0.83 -1.30
N LYS A 18 8.26 -1.58 -0.67
CA LYS A 18 8.17 -3.05 -0.60
C LYS A 18 6.98 -3.52 0.25
N VAL A 19 6.77 -2.85 1.40
CA VAL A 19 5.67 -3.17 2.31
C VAL A 19 4.30 -2.76 1.72
N LEU A 20 4.30 -1.64 0.98
CA LEU A 20 3.08 -1.13 0.35
C LEU A 20 2.76 -1.83 -0.98
N ASN A 21 3.79 -2.42 -1.61
CA ASN A 21 3.61 -3.13 -2.88
C ASN A 21 3.30 -4.61 -2.65
N GLU A 22 3.75 -5.14 -1.51
CA GLU A 22 3.52 -6.54 -1.16
C GLU A 22 2.23 -6.71 -0.33
N LYS A 23 2.11 -5.93 0.76
CA LYS A 23 0.95 -6.03 1.66
C LYS A 23 -0.19 -5.08 1.31
N CYS A 24 0.15 -3.83 0.97
CA CYS A 24 -0.87 -2.80 0.67
C CYS A 24 -1.34 -2.82 -0.80
N SER A 25 -1.28 -4.00 -1.43
CA SER A 25 -1.70 -4.14 -2.82
C SER A 25 -2.62 -5.36 -2.97
N ALA A 26 -3.71 -5.36 -2.21
CA ALA A 26 -4.69 -6.46 -2.25
C ALA A 26 -6.07 -6.01 -1.81
N TYR A 27 -6.97 -5.89 -2.79
CA TYR A 27 -8.36 -5.51 -2.52
C TYR A 27 -9.33 -6.24 -3.47
N THR A 28 -10.63 -6.17 -3.16
CA THR A 28 -11.66 -6.85 -3.96
C THR A 28 -12.41 -5.88 -4.85
N VAL A 29 -12.57 -6.28 -6.11
CA VAL A 29 -13.24 -5.48 -7.15
C VAL A 29 -14.05 -6.38 -8.10
N GLU A 30 -14.84 -5.72 -8.98
CA GLU A 30 -15.71 -6.37 -10.00
C GLU A 30 -17.07 -6.74 -9.40
N LEU A 31 -17.17 -6.63 -8.08
CA LEU A 31 -18.42 -6.93 -7.36
C LEU A 31 -19.16 -5.63 -7.05
N GLY A 32 -18.63 -4.53 -7.59
CA GLY A 32 -19.20 -3.22 -7.40
C GLY A 32 -18.20 -2.20 -6.90
N THR A 33 -16.89 -2.47 -7.10
CA THR A 33 -15.84 -1.55 -6.66
C THR A 33 -15.55 -0.48 -7.72
N GLU A 34 -15.61 0.78 -7.29
CA GLU A 34 -15.34 1.93 -8.17
C GLU A 34 -13.89 2.36 -8.02
N VAL A 35 -13.37 3.04 -9.05
CA VAL A 35 -11.97 3.52 -9.06
C VAL A 35 -11.69 4.60 -8.00
N ASN A 36 -12.69 5.46 -7.75
CA ASN A 36 -12.58 6.53 -6.74
C ASN A 36 -12.53 5.93 -5.33
N GLU A 37 -13.44 4.96 -5.07
CA GLU A 37 -13.51 4.26 -3.78
C GLU A 37 -12.32 3.30 -3.64
N PHE A 38 -11.71 2.97 -4.80
CA PHE A 38 -10.55 2.09 -4.87
C PHE A 38 -9.29 2.86 -4.43
N ALA A 39 -9.19 4.12 -4.87
CA ALA A 39 -8.08 4.99 -4.51
C ALA A 39 -8.20 5.42 -3.04
N CYS A 40 -9.46 5.57 -2.60
CA CYS A 40 -9.76 5.94 -1.21
C CYS A 40 -9.59 4.75 -0.26
N VAL A 41 -9.79 3.52 -0.80
CA VAL A 41 -9.64 2.29 0.00
C VAL A 41 -8.13 1.96 0.20
N VAL A 42 -7.32 2.18 -0.84
CA VAL A 42 -5.86 1.97 -0.76
C VAL A 42 -5.22 3.03 0.14
N ALA A 43 -5.73 4.27 -0.02
CA ALA A 43 -5.30 5.41 0.78
C ALA A 43 -5.54 5.16 2.27
N ASP A 44 -6.77 4.71 2.59
CA ASP A 44 -7.17 4.39 3.97
C ASP A 44 -6.39 3.19 4.51
N ALA A 45 -6.07 2.23 3.61
CA ALA A 45 -5.31 1.03 3.98
C ALA A 45 -3.93 1.39 4.56
N VAL A 46 -3.19 2.24 3.83
CA VAL A 46 -1.85 2.68 4.27
C VAL A 46 -1.91 3.60 5.51
N ILE A 47 -2.89 4.52 5.52
CA ILE A 47 -3.08 5.48 6.64
C ILE A 47 -3.58 4.76 7.91
N LYS A 48 -4.18 3.57 7.74
CA LYS A 48 -4.71 2.81 8.88
C LYS A 48 -3.69 1.83 9.47
N THR A 49 -2.88 1.16 8.62
CA THR A 49 -1.91 0.18 9.10
C THR A 49 -0.51 0.74 9.40
N LEU A 50 0.01 1.61 8.52
CA LEU A 50 1.37 2.14 8.67
C LEU A 50 1.48 3.45 9.47
N GLN A 51 0.37 4.19 9.61
CA GLN A 51 0.41 5.48 10.32
C GLN A 51 0.32 5.39 11.87
N PRO A 52 -0.38 4.37 12.48
CA PRO A 52 -0.50 4.28 13.97
C PRO A 52 0.84 4.19 14.74
N VAL A 53 1.97 4.03 14.02
CA VAL A 53 3.29 3.95 14.65
C VAL A 53 3.88 5.36 14.83
N SER A 54 4.19 6.03 13.69
CA SER A 54 4.73 7.41 13.64
C SER A 54 6.16 7.53 14.22
N GLU A 55 6.42 6.87 15.35
CA GLU A 55 7.73 6.93 16.03
C GLU A 55 8.91 6.50 15.13
N LEU A 56 8.69 5.46 14.33
CA LEU A 56 9.73 4.94 13.42
C LEU A 56 9.67 5.59 12.03
N LEU A 57 8.44 5.78 11.52
CA LEU A 57 8.22 6.36 10.17
C LEU A 57 8.75 7.77 10.00
N THR A 58 8.61 8.61 11.04
CA THR A 58 9.09 10.01 10.98
C THR A 58 10.63 10.07 10.84
N PRO A 59 11.44 9.36 11.69
CA PRO A 59 12.92 9.35 11.57
C PRO A 59 13.39 8.57 10.33
N LEU A 60 12.52 7.67 9.81
CA LEU A 60 12.83 6.87 8.62
C LEU A 60 12.89 7.72 7.34
N GLY A 61 11.92 8.63 7.18
CA GLY A 61 11.88 9.49 6.00
C GLY A 61 10.51 10.04 5.68
N ILE A 62 9.49 9.17 5.75
CA ILE A 62 8.10 9.57 5.45
C ILE A 62 7.38 10.12 6.69
N ASP A 63 6.30 10.88 6.44
CA ASP A 63 5.51 11.50 7.51
C ASP A 63 4.04 11.05 7.43
N LEU A 64 3.57 10.77 6.20
CA LEU A 64 2.18 10.32 5.93
C LEU A 64 1.12 11.40 6.32
N ASP A 65 1.58 12.65 6.42
CA ASP A 65 0.70 13.77 6.78
C ASP A 65 0.48 14.71 5.59
N GLU A 66 1.30 14.55 4.55
CA GLU A 66 1.20 15.38 3.34
C GLU A 66 0.45 14.66 2.22
N TRP A 67 0.71 13.36 2.07
CA TRP A 67 0.07 12.56 1.02
C TRP A 67 -1.07 11.68 1.58
N SER A 68 -1.65 12.12 2.70
CA SER A 68 -2.76 11.41 3.34
C SER A 68 -4.12 12.01 2.95
N MET A 69 -4.16 13.35 2.83
CA MET A 69 -5.39 14.07 2.47
C MET A 69 -5.54 14.23 0.96
N ALA A 70 -4.51 13.80 0.20
CA ALA A 70 -4.52 13.90 -1.26
C ALA A 70 -4.97 12.60 -1.90
N THR A 71 -5.87 12.72 -2.88
CA THR A 71 -6.41 11.55 -3.59
C THR A 71 -5.68 11.34 -4.92
N TYR A 72 -5.68 10.08 -5.39
CA TYR A 72 -5.02 9.72 -6.64
C TYR A 72 -6.00 9.00 -7.58
N TYR A 73 -5.67 9.00 -8.88
CA TYR A 73 -6.48 8.33 -9.89
C TYR A 73 -5.82 7.04 -10.33
N LEU A 74 -6.61 6.07 -10.81
CA LEU A 74 -6.07 4.79 -11.25
C LEU A 74 -6.02 4.70 -12.77
N PHE A 75 -4.91 4.16 -13.29
CA PHE A 75 -4.70 4.00 -14.73
C PHE A 75 -4.04 2.65 -15.04
N ASP A 76 -4.17 2.20 -16.29
CA ASP A 76 -3.60 0.92 -16.73
C ASP A 76 -2.23 1.13 -17.40
N GLU A 77 -2.12 2.16 -18.25
CA GLU A 77 -0.88 2.47 -18.95
C GLU A 77 -0.43 3.91 -18.70
N SER A 78 -1.31 4.88 -19.04
CA SER A 78 -1.01 6.30 -18.86
C SER A 78 -2.23 7.07 -18.37
N GLY A 79 -3.38 6.86 -19.03
CA GLY A 79 -4.61 7.54 -18.66
C GLY A 79 -5.85 6.78 -19.09
N GLU A 80 -5.91 5.50 -18.72
CA GLU A 80 -7.04 4.64 -19.07
C GLU A 80 -7.60 3.96 -17.81
N PHE A 81 -8.94 3.95 -17.70
CA PHE A 81 -9.61 3.34 -16.55
C PHE A 81 -10.06 1.92 -16.89
N LYS A 82 -9.24 0.95 -16.48
CA LYS A 82 -9.53 -0.48 -16.71
C LYS A 82 -9.09 -1.33 -15.52
N LEU A 83 -9.91 -2.32 -15.16
CA LEU A 83 -9.61 -3.21 -14.04
C LEU A 83 -8.77 -4.41 -14.49
N ALA A 84 -7.53 -4.46 -14.02
CA ALA A 84 -6.59 -5.53 -14.35
C ALA A 84 -5.98 -6.14 -13.09
N SER A 85 -4.96 -6.99 -13.26
CA SER A 85 -4.26 -7.64 -12.13
C SER A 85 -3.46 -6.64 -11.30
N HIS A 86 -2.80 -5.70 -11.98
CA HIS A 86 -1.99 -4.68 -11.32
C HIS A 86 -2.29 -3.29 -11.92
N MET A 87 -2.83 -2.40 -11.08
CA MET A 87 -3.17 -1.03 -11.52
C MET A 87 -2.29 0.00 -10.83
N TYR A 88 -2.18 1.18 -11.44
CA TYR A 88 -1.35 2.27 -10.90
C TYR A 88 -2.23 3.43 -10.45
N CYS A 89 -1.78 4.14 -9.40
CA CYS A 89 -2.49 5.28 -8.84
C CYS A 89 -1.54 6.47 -8.65
N SER A 90 -1.80 7.55 -9.40
CA SER A 90 -0.99 8.78 -9.33
C SER A 90 -1.86 10.01 -9.56
N PHE A 91 -1.33 11.18 -9.20
CA PHE A 91 -2.04 12.46 -9.35
C PHE A 91 -1.72 13.11 -10.71
N TYR A 92 -2.77 13.36 -11.50
CA TYR A 92 -2.64 13.97 -12.82
C TYR A 92 -3.57 15.18 -12.96
N PRO A 93 -3.03 16.44 -13.11
CA PRO A 93 -3.86 17.66 -13.27
C PRO A 93 -4.68 17.66 -14.58
N PRO A 94 -5.71 18.55 -14.74
CA PRO A 94 -6.53 18.61 -15.96
C PRO A 94 -5.79 19.25 -17.14
N ASP A 95 -6.22 18.90 -18.35
CA ASP A 95 -5.61 19.42 -19.58
C ASP A 95 -6.60 20.32 -20.32
N GLU A 96 -6.06 21.38 -20.94
CA GLU A 96 -6.88 22.34 -21.69
C GLU A 96 -6.78 22.06 -23.19
N ARG B 1 42.35 -5.81 -2.94
CA ARG B 1 42.31 -5.98 -4.39
C ARG B 1 41.19 -6.96 -4.78
N ASN B 2 41.10 -8.07 -4.05
CA ASN B 2 40.09 -9.10 -4.32
C ASN B 2 39.31 -9.45 -3.04
N SER B 3 37.98 -9.46 -3.16
CA SER B 3 37.10 -9.78 -2.04
C SER B 3 36.21 -10.97 -2.36
N SER B 4 35.93 -11.79 -1.35
CA SER B 4 35.08 -12.97 -1.50
C SER B 4 33.78 -12.82 -0.73
N ARG B 5 32.69 -13.34 -1.31
CA ARG B 5 31.37 -13.26 -0.69
C ARG B 5 31.00 -14.60 -0.05
N ASN B 6 30.21 -14.53 1.03
CA ASN B 6 29.77 -15.73 1.75
C ASN B 6 28.34 -16.11 1.35
N SER B 7 28.08 -17.41 1.32
CA SER B 7 26.76 -17.94 0.96
C SER B 7 26.14 -18.74 2.11
N THR B 8 26.97 -19.55 2.78
CA THR B 8 26.52 -20.37 3.91
C THR B 8 26.85 -19.70 5.25
N PRO B 9 25.81 -19.22 6.02
CA PRO B 9 26.03 -18.57 7.34
C PRO B 9 26.66 -19.49 8.37
N GLY B 10 27.47 -18.90 9.27
CA GLY B 10 28.13 -19.68 10.31
C GLY B 10 29.58 -19.97 9.98
N SER B 11 30.49 -19.42 10.79
CA SER B 11 31.93 -19.61 10.59
C SER B 11 32.59 -20.16 11.85
N SER B 12 33.38 -21.26 11.68
CA SER B 12 34.11 -21.95 12.77
C SER B 12 33.17 -22.69 13.73
N ARG B 13 32.23 -21.95 14.34
CA ARG B 13 31.27 -22.53 15.29
C ARG B 13 29.85 -22.05 14.98
N GLY B 14 29.70 -20.75 14.72
CA GLY B 14 28.40 -20.17 14.42
C GLY B 14 28.24 -18.77 14.97
N THR B 15 27.37 -17.97 14.33
CA THR B 15 27.11 -16.59 14.75
C THR B 15 25.61 -16.31 14.84
N SER B 16 24.87 -16.76 13.82
CA SER B 16 23.42 -16.57 13.76
C SER B 16 22.66 -17.80 14.29
N PRO B 17 21.99 -17.70 15.48
CA PRO B 17 21.23 -18.84 16.06
C PRO B 17 20.04 -19.29 15.20
N ALA B 18 19.46 -18.34 14.46
CA ALA B 18 18.32 -18.61 13.58
C ALA B 18 18.77 -18.91 12.16
N ARG B 19 18.00 -19.76 11.46
CA ARG B 19 18.30 -20.15 10.08
C ARG B 19 17.47 -19.33 9.08
N MET B 20 16.21 -19.07 9.44
CA MET B 20 15.30 -18.30 8.57
C MET B 20 15.29 -16.82 8.96
N ALA B 21 15.08 -15.95 7.95
CA ALA B 21 15.04 -14.47 8.12
C ALA B 21 16.38 -13.91 8.61
N GLY B 22 16.93 -12.97 7.86
CA GLY B 22 18.20 -12.35 8.21
C GLY B 22 18.20 -10.85 8.00
N ASN B 23 18.78 -10.42 6.87
CA ASN B 23 18.86 -9.00 6.53
C ASN B 23 17.77 -8.60 5.53
N GLY B 24 17.31 -7.35 5.64
CA GLY B 24 16.27 -6.85 4.75
C GLY B 24 16.31 -5.34 4.62
N GLY B 25 17.47 -4.81 4.25
CA GLY B 25 17.64 -3.37 4.10
C GLY B 25 19.10 -2.95 4.13
N ASP B 26 19.48 -2.05 3.22
CA ASP B 26 20.85 -1.55 3.14
C ASP B 26 20.97 -0.16 3.76
N ALA B 27 19.99 0.71 3.45
CA ALA B 27 19.98 2.08 3.96
C ALA B 27 18.89 2.28 5.01
N ALA B 28 17.69 1.75 4.73
CA ALA B 28 16.55 1.87 5.64
C ALA B 28 15.92 0.50 5.91
N LEU B 29 15.36 0.34 7.11
CA LEU B 29 14.72 -0.91 7.51
C LEU B 29 13.22 -0.71 7.72
N ALA B 30 12.43 -1.34 6.84
CA ALA B 30 10.96 -1.25 6.90
C ALA B 30 10.35 -2.37 7.76
N LEU B 31 11.20 -3.29 8.23
CA LEU B 31 10.79 -4.44 9.05
C LEU B 31 10.27 -4.02 10.43
N LEU B 32 10.65 -2.81 10.88
CA LEU B 32 10.24 -2.29 12.20
C LEU B 32 8.75 -1.92 12.19
N LEU B 33 8.35 -1.03 11.25
CA LEU B 33 6.96 -0.59 11.12
C LEU B 33 6.07 -1.73 10.61
N LEU B 34 6.65 -2.56 9.72
CA LEU B 34 5.97 -3.71 9.14
C LEU B 34 5.53 -4.69 10.23
N ASP B 35 6.51 -5.30 10.92
CA ASP B 35 6.25 -6.27 11.98
C ASP B 35 5.39 -5.69 13.11
N ARG B 36 5.79 -4.52 13.63
CA ARG B 36 5.10 -3.86 14.75
C ARG B 36 3.60 -3.61 14.49
N LEU B 37 3.26 -2.76 13.51
CA LEU B 37 1.85 -2.40 13.26
C LEU B 37 1.07 -3.44 12.46
N ASN B 38 1.68 -4.05 11.44
CA ASN B 38 0.99 -5.05 10.61
C ASN B 38 0.63 -6.29 11.43
N GLN B 39 1.47 -6.64 12.42
CA GLN B 39 1.21 -7.78 13.29
C GLN B 39 0.40 -7.38 14.53
N LEU B 40 0.47 -6.08 14.91
CA LEU B 40 -0.28 -5.55 16.05
C LEU B 40 -1.79 -5.51 15.77
N GLU B 41 -2.14 -5.15 14.51
CA GLU B 41 -3.55 -5.07 14.08
C GLU B 41 -4.12 -6.44 13.70
N SER B 42 -3.27 -7.30 13.13
CA SER B 42 -3.67 -8.65 12.71
C SER B 42 -3.36 -9.68 13.81
N LYS B 43 -4.39 -10.44 14.19
CA LYS B 43 -4.25 -11.47 15.22
C LYS B 43 -4.08 -12.85 14.60
N MET B 44 -3.34 -13.72 15.32
CA MET B 44 -3.09 -15.09 14.85
C MET B 44 -3.91 -16.09 15.66
N SER B 45 -4.50 -17.06 14.95
CA SER B 45 -5.32 -18.10 15.56
C SER B 45 -4.89 -19.49 15.10
N GLY B 46 -5.28 -20.52 15.87
CA GLY B 46 -4.93 -21.90 15.54
C GLY B 46 -5.91 -22.52 14.55
N LYS B 47 -7.20 -22.52 14.91
CA LYS B 47 -8.24 -23.08 14.06
C LYS B 47 -9.00 -21.96 13.33
N GLY B 48 -8.78 -21.87 12.01
CA GLY B 48 -9.42 -20.85 11.20
C GLY B 48 -8.56 -19.61 11.05
N GLN B 49 -7.80 -19.55 9.95
CA GLN B 49 -6.91 -18.41 9.68
C GLN B 49 -7.58 -17.39 8.78
N GLN B 50 -7.57 -16.13 9.24
CA GLN B 50 -8.17 -15.02 8.49
C GLN B 50 -7.21 -13.83 8.43
N GLN B 51 -6.98 -13.33 7.22
CA GLN B 51 -6.08 -12.19 7.01
C GLN B 51 -6.87 -10.92 6.71
N GLN B 52 -6.39 -9.79 7.24
CA GLN B 52 -7.04 -8.50 7.05
C GLN B 52 -6.24 -7.63 6.07
N GLY B 53 -6.97 -6.94 5.19
CA GLY B 53 -6.34 -6.09 4.20
C GLY B 53 -6.24 -6.75 2.83
N GLN B 54 -7.38 -7.23 2.32
CA GLN B 54 -7.47 -7.90 1.03
C GLN B 54 -8.91 -7.85 0.51
N THR B 55 -9.81 -7.38 1.39
CA THR B 55 -11.22 -7.29 1.06
C THR B 55 -11.76 -5.87 1.27
N VAL B 56 -12.80 -5.54 0.52
CA VAL B 56 -13.46 -4.22 0.58
C VAL B 56 -14.89 -4.37 1.12
N THR B 57 -15.47 -3.25 1.56
CA THR B 57 -16.84 -3.24 2.11
C THR B 57 -17.88 -3.24 0.99
N LYS B 58 -18.86 -4.14 1.11
CA LYS B 58 -19.93 -4.27 0.11
C LYS B 58 -21.11 -3.34 0.41
N LYS B 59 -20.95 -2.50 1.45
CA LYS B 59 -22.00 -1.56 1.85
C LYS B 59 -21.86 -0.20 1.15
N SER B 60 -20.61 0.21 0.90
CA SER B 60 -20.33 1.50 0.26
C SER B 60 -20.25 1.43 -1.27
N ALA B 61 -19.45 0.49 -1.80
CA ALA B 61 -19.27 0.35 -3.25
C ALA B 61 -20.26 -0.63 -3.89
N ALA B 62 -20.58 -1.72 -3.20
CA ALA B 62 -21.49 -2.75 -3.74
C ALA B 62 -22.97 -2.38 -3.60
N GLU B 63 -23.31 -1.59 -2.59
CA GLU B 63 -24.71 -1.17 -2.35
C GLU B 63 -25.07 0.12 -3.09
N ALA B 64 -24.05 0.91 -3.47
CA ALA B 64 -24.25 2.18 -4.17
C ALA B 64 -24.27 2.01 -5.69
N SER B 65 -23.49 1.05 -6.19
CA SER B 65 -23.38 0.78 -7.63
C SER B 65 -24.41 -0.26 -8.12
N LYS B 66 -24.95 -1.06 -7.19
CA LYS B 66 -25.92 -2.12 -7.51
C LYS B 66 -27.27 -1.57 -8.00
N LYS B 67 -27.81 -0.56 -7.31
CA LYS B 67 -29.11 0.02 -7.69
C LYS B 67 -29.05 1.55 -7.89
N PRO B 68 -28.47 2.37 -6.94
CA PRO B 68 -28.42 3.84 -7.10
C PRO B 68 -27.43 4.29 -8.18
N ARG B 69 -27.77 5.38 -8.86
CA ARG B 69 -26.92 5.94 -9.93
C ARG B 69 -26.79 7.45 -9.79
N GLN B 70 -27.90 8.12 -9.45
CA GLN B 70 -27.92 9.57 -9.29
C GLN B 70 -27.87 9.93 -7.79
N LYS B 71 -27.12 11.00 -7.48
CA LYS B 71 -26.97 11.47 -6.10
C LYS B 71 -27.70 12.79 -5.89
N ARG B 72 -28.33 12.94 -4.72
CA ARG B 72 -29.07 14.15 -4.38
C ARG B 72 -28.24 15.07 -3.49
N THR B 73 -27.55 14.48 -2.50
CA THR B 73 -26.71 15.24 -1.57
C THR B 73 -25.23 15.17 -1.97
N GLN A 1 -13.70 -17.18 -6.25
CA GLN A 1 -15.03 -17.70 -5.89
C GLN A 1 -16.13 -16.74 -6.32
N GLY A 2 -15.90 -15.44 -6.08
CA GLY A 2 -16.89 -14.42 -6.44
C GLY A 2 -16.37 -12.99 -6.24
N TYR A 3 -15.08 -12.86 -5.94
CA TYR A 3 -14.46 -11.55 -5.73
C TYR A 3 -13.17 -11.45 -6.54
N LYS A 4 -12.92 -10.28 -7.17
CA LYS A 4 -11.69 -10.11 -7.94
C LYS A 4 -10.71 -9.23 -7.16
N SER A 5 -9.69 -9.88 -6.61
CA SER A 5 -8.68 -9.20 -5.80
C SER A 5 -7.40 -8.97 -6.58
N VAL A 6 -6.88 -7.75 -6.48
CA VAL A 6 -5.65 -7.35 -7.20
C VAL A 6 -4.74 -6.47 -6.32
N ASN A 7 -3.52 -6.22 -6.82
CA ASN A 7 -2.52 -5.40 -6.12
C ASN A 7 -2.41 -4.03 -6.77
N ILE A 8 -2.31 -2.99 -5.93
CA ILE A 8 -2.22 -1.60 -6.43
C ILE A 8 -0.90 -0.95 -5.98
N THR A 9 -0.39 -0.06 -6.83
CA THR A 9 0.84 0.68 -6.53
C THR A 9 0.51 2.15 -6.34
N PHE A 10 1.24 2.83 -5.44
CA PHE A 10 0.98 4.24 -5.16
C PHE A 10 2.25 5.06 -4.93
N GLU A 11 2.50 5.99 -5.87
CA GLU A 11 3.65 6.93 -5.88
C GLU A 11 5.03 6.27 -5.61
N LEU A 12 5.28 5.89 -4.35
CA LEU A 12 6.55 5.28 -3.92
C LEU A 12 6.84 3.94 -4.62
N ASP A 13 8.00 3.33 -4.31
CA ASP A 13 8.43 2.05 -4.90
C ASP A 13 9.44 1.34 -3.99
N GLU A 14 10.50 2.09 -3.62
CA GLU A 14 11.55 1.56 -2.73
C GLU A 14 11.53 2.31 -1.40
N ARG A 15 10.30 2.63 -0.94
CA ARG A 15 10.05 3.36 0.29
C ARG A 15 8.66 2.99 0.79
N ILE A 16 8.63 1.93 1.62
CA ILE A 16 7.40 1.37 2.23
C ILE A 16 6.31 0.94 1.21
N ASP A 17 6.58 1.16 -0.10
CA ASP A 17 5.63 0.77 -1.15
C ASP A 17 5.59 -0.75 -1.34
N LYS A 18 6.76 -1.40 -1.22
CA LYS A 18 6.87 -2.86 -1.36
C LYS A 18 6.22 -3.58 -0.17
N VAL A 19 6.47 -3.05 1.04
CA VAL A 19 5.91 -3.62 2.29
C VAL A 19 4.37 -3.56 2.24
N LEU A 20 3.85 -2.41 1.77
CA LEU A 20 2.40 -2.22 1.63
C LEU A 20 1.89 -2.90 0.35
N ASN A 21 2.81 -3.16 -0.59
CA ASN A 21 2.47 -3.84 -1.87
C ASN A 21 2.14 -5.30 -1.63
N GLU A 22 2.79 -5.88 -0.62
CA GLU A 22 2.56 -7.28 -0.25
C GLU A 22 1.44 -7.43 0.79
N LYS A 23 1.42 -6.54 1.80
CA LYS A 23 0.41 -6.63 2.87
C LYS A 23 -0.87 -5.83 2.62
N CYS A 24 -0.74 -4.56 2.19
CA CYS A 24 -1.93 -3.71 2.00
C CYS A 24 -2.12 -3.24 0.55
N SER A 25 -2.03 -4.18 -0.39
CA SER A 25 -2.22 -3.87 -1.82
C SER A 25 -3.19 -4.85 -2.46
N ALA A 26 -3.70 -5.82 -1.69
CA ALA A 26 -4.65 -6.81 -2.20
C ALA A 26 -6.06 -6.48 -1.73
N TYR A 27 -6.82 -5.86 -2.64
CA TYR A 27 -8.20 -5.44 -2.37
C TYR A 27 -9.17 -6.19 -3.29
N THR A 28 -10.47 -6.15 -2.95
CA THR A 28 -11.50 -6.84 -3.74
C THR A 28 -12.28 -5.85 -4.59
N VAL A 29 -12.29 -6.12 -5.90
CA VAL A 29 -12.97 -5.27 -6.90
C VAL A 29 -13.73 -6.14 -7.93
N GLU A 30 -14.51 -5.44 -8.79
CA GLU A 30 -15.34 -6.06 -9.86
C GLU A 30 -16.70 -6.49 -9.31
N LEU A 31 -16.83 -6.41 -7.99
CA LEU A 31 -18.07 -6.78 -7.30
C LEU A 31 -18.88 -5.51 -6.99
N GLY A 32 -18.33 -4.37 -7.44
CA GLY A 32 -18.96 -3.09 -7.23
C GLY A 32 -17.99 -2.02 -6.76
N THR A 33 -16.67 -2.25 -6.96
CA THR A 33 -15.67 -1.27 -6.54
C THR A 33 -15.40 -0.23 -7.64
N GLU A 34 -15.39 1.04 -7.22
CA GLU A 34 -15.13 2.16 -8.11
C GLU A 34 -13.67 2.61 -7.97
N VAL A 35 -13.16 3.31 -9.00
CA VAL A 35 -11.76 3.78 -9.02
C VAL A 35 -11.47 4.82 -7.92
N ASN A 36 -12.36 5.81 -7.78
CA ASN A 36 -12.23 6.87 -6.75
C ASN A 36 -12.31 6.28 -5.34
N GLU A 37 -13.26 5.35 -5.15
CA GLU A 37 -13.44 4.65 -3.86
C GLU A 37 -12.30 3.66 -3.64
N PHE A 38 -11.63 3.29 -4.75
CA PHE A 38 -10.50 2.36 -4.74
C PHE A 38 -9.24 3.07 -4.20
N ALA A 39 -9.07 4.34 -4.61
CA ALA A 39 -7.94 5.17 -4.17
C ALA A 39 -8.13 5.60 -2.71
N CYS A 40 -9.39 5.89 -2.35
CA CYS A 40 -9.74 6.29 -0.98
C CYS A 40 -9.67 5.10 -0.02
N VAL A 41 -10.02 3.90 -0.52
CA VAL A 41 -10.00 2.68 0.30
C VAL A 41 -8.55 2.23 0.58
N VAL A 42 -7.68 2.29 -0.46
CA VAL A 42 -6.26 1.92 -0.31
C VAL A 42 -5.56 2.91 0.63
N ALA A 43 -5.95 4.20 0.49
CA ALA A 43 -5.43 5.29 1.31
C ALA A 43 -5.78 5.07 2.79
N ASP A 44 -7.02 4.62 3.04
CA ASP A 44 -7.52 4.34 4.39
C ASP A 44 -6.80 3.16 5.07
N ALA A 45 -6.63 2.04 4.34
CA ALA A 45 -5.96 0.85 4.89
C ALA A 45 -4.51 1.14 5.27
N VAL A 46 -3.78 1.83 4.37
CA VAL A 46 -2.37 2.18 4.60
C VAL A 46 -2.21 3.23 5.72
N ILE A 47 -3.18 4.17 5.78
CA ILE A 47 -3.19 5.24 6.77
C ILE A 47 -3.68 4.76 8.15
N LYS A 48 -4.39 3.64 8.16
CA LYS A 48 -4.92 3.06 9.40
C LYS A 48 -3.95 2.07 10.03
N THR A 49 -3.21 1.32 9.19
CA THR A 49 -2.29 0.30 9.68
C THR A 49 -0.86 0.78 9.90
N LEU A 50 -0.36 1.61 8.98
CA LEU A 50 1.02 2.10 9.04
C LEU A 50 1.20 3.41 9.82
N GLN A 51 0.12 4.17 10.02
CA GLN A 51 0.19 5.47 10.71
C GLN A 51 0.40 5.34 12.25
N PRO A 52 -0.26 4.36 12.96
CA PRO A 52 -0.10 4.18 14.43
C PRO A 52 1.36 4.10 14.90
N VAL A 53 2.27 3.74 13.99
CA VAL A 53 3.70 3.64 14.30
C VAL A 53 4.50 4.64 13.45
N SER A 54 4.06 5.91 13.47
CA SER A 54 4.70 7.00 12.71
C SER A 54 6.04 7.45 13.34
N GLU A 55 6.50 6.72 14.36
CA GLU A 55 7.75 7.04 15.08
C GLU A 55 8.99 6.90 14.19
N LEU A 56 9.05 5.82 13.41
CA LEU A 56 10.18 5.57 12.50
C LEU A 56 9.92 6.15 11.10
N LEU A 57 8.63 6.31 10.76
CA LEU A 57 8.21 6.83 9.45
C LEU A 57 8.47 8.33 9.28
N THR A 58 8.28 9.14 10.35
CA THR A 58 8.51 10.58 10.27
C THR A 58 10.01 10.95 10.06
N PRO A 59 11.01 10.25 10.70
CA PRO A 59 12.44 10.53 10.46
C PRO A 59 12.93 9.84 9.18
N LEU A 60 12.23 8.73 8.82
CA LEU A 60 12.51 7.94 7.61
C LEU A 60 12.53 8.81 6.33
N GLY A 61 11.50 9.66 6.18
CA GLY A 61 11.42 10.53 5.01
C GLY A 61 10.08 11.24 4.89
N ILE A 62 9.00 10.46 4.94
CA ILE A 62 7.63 11.00 4.83
C ILE A 62 7.05 11.35 6.20
N ASP A 63 6.11 12.31 6.21
CA ASP A 63 5.46 12.77 7.44
C ASP A 63 4.04 12.20 7.60
N LEU A 64 3.51 11.59 6.51
CA LEU A 64 2.15 10.98 6.48
C LEU A 64 1.02 12.02 6.61
N ASP A 65 1.37 13.31 6.50
CA ASP A 65 0.41 14.41 6.60
C ASP A 65 -0.10 14.86 5.21
N GLU A 66 0.50 14.29 4.16
CA GLU A 66 0.12 14.63 2.78
C GLU A 66 -0.64 13.48 2.09
N TRP A 67 -0.75 12.35 2.81
CA TRP A 67 -1.44 11.15 2.29
C TRP A 67 -2.92 11.15 2.65
N SER A 68 -3.27 11.78 3.77
CA SER A 68 -4.66 11.86 4.24
C SER A 68 -5.36 13.13 3.76
N MET A 69 -4.59 14.09 3.24
CA MET A 69 -5.13 15.36 2.74
C MET A 69 -5.37 15.33 1.23
N ALA A 70 -4.44 14.72 0.49
CA ALA A 70 -4.55 14.62 -0.97
C ALA A 70 -4.95 13.23 -1.42
N THR A 71 -5.69 13.16 -2.52
CA THR A 71 -6.15 11.90 -3.10
C THR A 71 -5.41 11.58 -4.39
N TYR A 72 -5.32 10.29 -4.72
CA TYR A 72 -4.63 9.84 -5.94
C TYR A 72 -5.61 9.20 -6.93
N TYR A 73 -5.19 9.14 -8.20
CA TYR A 73 -6.01 8.54 -9.26
C TYR A 73 -5.35 7.25 -9.75
N LEU A 74 -6.15 6.31 -10.26
CA LEU A 74 -5.62 5.04 -10.75
C LEU A 74 -5.60 5.00 -12.27
N PHE A 75 -4.50 4.45 -12.81
CA PHE A 75 -4.31 4.33 -14.26
C PHE A 75 -3.67 2.98 -14.60
N ASP A 76 -3.91 2.50 -15.83
CA ASP A 76 -3.36 1.23 -16.28
C ASP A 76 -2.21 1.45 -17.27
N GLU A 77 -2.48 2.18 -18.37
CA GLU A 77 -1.47 2.47 -19.39
C GLU A 77 -1.63 3.88 -19.95
N SER A 78 -0.56 4.68 -19.83
CA SER A 78 -0.51 6.09 -20.30
C SER A 78 -1.44 7.02 -19.51
N GLY A 79 -2.76 6.72 -19.54
CA GLY A 79 -3.73 7.53 -18.83
C GLY A 79 -5.15 7.05 -19.05
N GLU A 80 -5.38 5.76 -18.81
CA GLU A 80 -6.70 5.15 -18.98
C GLU A 80 -7.11 4.40 -17.71
N PHE A 81 -8.43 4.32 -17.49
CA PHE A 81 -8.97 3.63 -16.32
C PHE A 81 -9.43 2.22 -16.68
N LYS A 82 -8.63 1.22 -16.26
CA LYS A 82 -8.92 -0.19 -16.52
C LYS A 82 -8.52 -1.05 -15.32
N LEU A 83 -9.32 -2.10 -15.06
CA LEU A 83 -9.07 -3.01 -13.94
C LEU A 83 -8.18 -4.19 -14.38
N ALA A 84 -6.96 -4.22 -13.85
CA ALA A 84 -5.99 -5.27 -14.16
C ALA A 84 -5.39 -5.86 -12.88
N SER A 85 -4.36 -6.72 -13.02
CA SER A 85 -3.68 -7.37 -11.89
C SER A 85 -2.94 -6.35 -11.01
N HIS A 86 -2.29 -5.38 -11.65
CA HIS A 86 -1.54 -4.33 -10.96
C HIS A 86 -1.88 -2.95 -11.53
N MET A 87 -2.42 -2.09 -10.67
CA MET A 87 -2.78 -0.73 -11.06
C MET A 87 -1.77 0.29 -10.53
N TYR A 88 -1.76 1.49 -11.13
CA TYR A 88 -0.84 2.54 -10.72
C TYR A 88 -1.61 3.78 -10.25
N CYS A 89 -1.35 4.19 -9.01
CA CYS A 89 -1.99 5.37 -8.41
C CYS A 89 -1.01 6.55 -8.37
N SER A 90 -1.34 7.60 -9.13
CA SER A 90 -0.50 8.80 -9.20
C SER A 90 -1.36 10.07 -9.17
N PHE A 91 -0.71 11.20 -8.82
CA PHE A 91 -1.37 12.50 -8.75
C PHE A 91 -1.21 13.26 -10.07
N TYR A 92 -2.16 14.18 -10.34
CA TYR A 92 -2.14 14.98 -11.56
C TYR A 92 -1.43 16.34 -11.30
N PRO A 93 -0.40 16.72 -12.13
CA PRO A 93 0.33 18.01 -11.95
C PRO A 93 -0.57 19.24 -12.19
N PRO A 94 -0.49 20.31 -11.32
CA PRO A 94 -1.32 21.52 -11.49
C PRO A 94 -0.87 22.39 -12.67
N ASP A 95 -1.85 23.07 -13.32
CA ASP A 95 -1.61 23.96 -14.48
C ASP A 95 -1.08 23.19 -15.70
N GLU A 96 -1.48 23.65 -16.89
CA GLU A 96 -1.06 23.03 -18.15
C GLU A 96 0.10 23.81 -18.77
N ARG B 1 43.09 22.17 -29.98
CA ARG B 1 41.75 22.73 -29.84
C ARG B 1 41.11 22.25 -28.53
N ASN B 2 40.51 23.18 -27.80
CA ASN B 2 39.85 22.87 -26.53
C ASN B 2 38.33 22.79 -26.70
N SER B 3 37.70 21.85 -25.98
CA SER B 3 36.26 21.66 -26.04
C SER B 3 35.62 21.85 -24.67
N SER B 4 36.26 21.30 -23.63
CA SER B 4 35.75 21.41 -22.25
C SER B 4 36.54 22.45 -21.46
N ARG B 5 35.86 23.10 -20.52
CA ARG B 5 36.48 24.14 -19.68
C ARG B 5 36.84 23.57 -18.31
N ASN B 6 38.09 23.81 -17.90
CA ASN B 6 38.59 23.33 -16.61
C ASN B 6 38.76 24.48 -15.62
N SER B 7 38.43 24.22 -14.36
CA SER B 7 38.52 25.22 -13.30
C SER B 7 39.70 24.93 -12.36
N THR B 8 39.88 23.64 -12.01
CA THR B 8 40.96 23.21 -11.13
C THR B 8 41.86 22.16 -11.83
N PRO B 9 43.10 22.55 -12.28
CA PRO B 9 44.03 21.62 -12.95
C PRO B 9 44.55 20.52 -12.02
N GLY B 10 44.75 19.33 -12.60
CA GLY B 10 45.24 18.19 -11.83
C GLY B 10 44.96 16.86 -12.50
N SER B 11 43.69 16.46 -12.50
CA SER B 11 43.26 15.21 -13.12
C SER B 11 42.62 15.46 -14.48
N SER B 12 42.89 14.55 -15.42
CA SER B 12 42.36 14.66 -16.79
C SER B 12 41.17 13.72 -16.99
N ARG B 13 41.29 12.49 -16.48
CA ARG B 13 40.23 11.48 -16.61
C ARG B 13 39.70 11.09 -15.23
N GLY B 14 38.39 10.80 -15.17
CA GLY B 14 37.76 10.41 -13.92
C GLY B 14 36.37 9.84 -14.13
N THR B 15 36.17 8.60 -13.68
CA THR B 15 34.88 7.92 -13.81
C THR B 15 34.09 7.98 -12.50
N SER B 16 32.77 8.14 -12.62
CA SER B 16 31.88 8.22 -11.46
C SER B 16 30.70 7.22 -11.57
N PRO B 17 30.01 7.09 -12.76
CA PRO B 17 28.87 6.16 -12.90
C PRO B 17 29.31 4.70 -13.04
N ALA B 18 28.51 3.79 -12.47
CA ALA B 18 28.79 2.36 -12.50
C ALA B 18 27.95 1.66 -13.57
N ARG B 19 28.52 0.63 -14.19
CA ARG B 19 27.84 -0.14 -15.22
C ARG B 19 27.27 -1.44 -14.66
N MET B 20 28.04 -2.12 -13.80
CA MET B 20 27.61 -3.37 -13.18
C MET B 20 27.07 -3.14 -11.77
N ALA B 21 25.88 -3.69 -11.51
CA ALA B 21 25.23 -3.55 -10.21
C ALA B 21 24.82 -4.91 -9.66
N GLY B 22 24.96 -5.06 -8.34
CA GLY B 22 24.62 -6.32 -7.68
C GLY B 22 23.95 -6.11 -6.33
N ASN B 23 24.15 -7.06 -5.41
CA ASN B 23 23.57 -6.99 -4.08
C ASN B 23 24.67 -7.05 -3.01
N GLY B 24 24.47 -6.31 -1.92
CA GLY B 24 25.44 -6.28 -0.83
C GLY B 24 25.37 -4.99 -0.02
N GLY B 25 24.91 -5.11 1.22
CA GLY B 25 24.80 -3.95 2.10
C GLY B 25 23.38 -3.42 2.18
N ASP B 26 22.44 -4.30 2.55
CA ASP B 26 21.02 -3.94 2.67
C ASP B 26 20.63 -3.77 4.13
N ALA B 27 19.77 -2.79 4.40
CA ALA B 27 19.29 -2.51 5.75
C ALA B 27 17.76 -2.54 5.82
N ALA B 28 17.23 -2.98 6.96
CA ALA B 28 15.80 -3.07 7.17
C ALA B 28 15.28 -1.89 7.99
N LEU B 29 14.28 -1.19 7.44
CA LEU B 29 13.68 -0.02 8.10
C LEU B 29 12.16 -0.02 7.95
N ALA B 30 11.68 -0.50 6.79
CA ALA B 30 10.24 -0.56 6.50
C ALA B 30 9.61 -1.87 6.96
N LEU B 31 10.41 -2.95 6.96
CA LEU B 31 9.96 -4.28 7.38
C LEU B 31 9.65 -4.36 8.88
N LEU B 32 10.33 -3.53 9.67
CA LEU B 32 10.15 -3.48 11.13
C LEU B 32 8.83 -2.82 11.53
N LEU B 33 8.48 -1.71 10.85
CA LEU B 33 7.25 -0.97 11.12
C LEU B 33 6.02 -1.72 10.61
N LEU B 34 6.14 -2.31 9.40
CA LEU B 34 5.05 -3.08 8.78
C LEU B 34 4.75 -4.33 9.63
N ASP B 35 5.78 -5.15 9.90
CA ASP B 35 5.63 -6.38 10.68
C ASP B 35 5.11 -6.10 12.09
N ARG B 36 5.66 -5.07 12.75
CA ARG B 36 5.25 -4.71 14.11
C ARG B 36 3.76 -4.36 14.21
N LEU B 37 3.28 -3.36 13.43
CA LEU B 37 1.87 -2.93 13.51
C LEU B 37 0.92 -3.87 12.78
N ASN B 38 1.28 -4.32 11.57
CA ASN B 38 0.42 -5.24 10.78
C ASN B 38 0.15 -6.54 11.55
N GLN B 39 1.14 -7.02 12.31
CA GLN B 39 0.98 -8.22 13.12
C GLN B 39 0.46 -7.87 14.52
N LEU B 40 0.64 -6.59 14.93
CA LEU B 40 0.17 -6.08 16.24
C LEU B 40 -1.38 -6.15 16.33
N GLU B 41 -2.05 -5.68 15.27
CA GLU B 41 -3.51 -5.69 15.19
C GLU B 41 -4.04 -7.00 14.58
N SER B 42 -3.38 -7.46 13.51
CA SER B 42 -3.78 -8.69 12.83
C SER B 42 -2.89 -9.85 13.24
N LYS B 43 -3.54 -10.99 13.54
CA LYS B 43 -2.83 -12.20 13.96
C LYS B 43 -3.28 -13.42 13.15
N MET B 44 -4.59 -13.51 12.90
CA MET B 44 -5.15 -14.63 12.13
C MET B 44 -5.36 -14.24 10.67
N SER B 45 -4.97 -15.15 9.77
CA SER B 45 -5.09 -14.93 8.32
C SER B 45 -5.80 -16.09 7.64
N GLY B 46 -5.45 -17.32 8.04
CA GLY B 46 -6.05 -18.51 7.46
C GLY B 46 -6.00 -19.70 8.40
N LYS B 47 -5.98 -20.91 7.82
CA LYS B 47 -5.94 -22.15 8.60
C LYS B 47 -4.82 -23.08 8.10
N GLY B 48 -4.70 -23.19 6.77
CA GLY B 48 -3.68 -24.04 6.17
C GLY B 48 -3.79 -24.11 4.66
N GLN B 49 -5.01 -24.36 4.17
CA GLN B 49 -5.26 -24.46 2.73
C GLN B 49 -5.74 -23.12 2.16
N GLN B 50 -6.63 -22.43 2.90
CA GLN B 50 -7.17 -21.15 2.48
C GLN B 50 -6.46 -20.01 3.19
N GLN B 51 -6.00 -19.02 2.42
CA GLN B 51 -5.29 -17.86 2.96
C GLN B 51 -6.00 -16.57 2.59
N GLN B 52 -6.01 -15.61 3.52
CA GLN B 52 -6.66 -14.31 3.31
C GLN B 52 -5.72 -13.17 3.66
N GLY B 53 -5.81 -12.08 2.91
CA GLY B 53 -4.96 -10.91 3.14
C GLY B 53 -5.68 -9.82 3.91
N GLN B 54 -6.39 -8.95 3.17
CA GLN B 54 -7.14 -7.84 3.73
C GLN B 54 -8.31 -7.51 2.81
N THR B 55 -9.44 -8.15 3.06
CA THR B 55 -10.63 -7.97 2.23
C THR B 55 -11.39 -6.70 2.59
N VAL B 56 -11.93 -6.03 1.58
CA VAL B 56 -12.68 -4.78 1.77
C VAL B 56 -14.19 -5.00 1.57
N THR B 57 -14.99 -3.99 1.96
CA THR B 57 -16.46 -4.05 1.85
C THR B 57 -16.94 -3.80 0.41
N LYS B 58 -18.11 -4.33 0.09
CA LYS B 58 -18.71 -4.19 -1.24
C LYS B 58 -20.06 -3.44 -1.20
N LYS B 59 -20.57 -3.20 0.03
CA LYS B 59 -21.84 -2.49 0.23
C LYS B 59 -21.66 -0.97 0.24
N SER B 60 -20.42 -0.52 0.47
CA SER B 60 -20.09 0.90 0.51
C SER B 60 -19.76 1.46 -0.89
N ALA B 61 -19.20 0.59 -1.75
CA ALA B 61 -18.84 0.98 -3.11
C ALA B 61 -19.98 0.75 -4.11
N ALA B 62 -20.92 -0.14 -3.74
CA ALA B 62 -22.07 -0.47 -4.59
C ALA B 62 -23.27 0.45 -4.31
N GLU B 63 -23.39 0.90 -3.06
CA GLU B 63 -24.50 1.78 -2.64
C GLU B 63 -24.17 3.26 -2.89
N ALA B 64 -22.87 3.57 -3.03
CA ALA B 64 -22.40 4.94 -3.26
C ALA B 64 -22.37 5.29 -4.76
N SER B 65 -22.37 4.25 -5.61
CA SER B 65 -22.34 4.44 -7.07
C SER B 65 -23.73 4.77 -7.64
N LYS B 66 -24.76 4.13 -7.08
CA LYS B 66 -26.15 4.35 -7.53
C LYS B 66 -26.81 5.51 -6.75
N LYS B 67 -26.83 5.37 -5.40
CA LYS B 67 -27.40 6.35 -4.43
C LYS B 67 -28.78 5.91 -3.87
N PRO B 68 -29.87 5.72 -4.69
CA PRO B 68 -31.20 5.30 -4.16
C PRO B 68 -31.28 3.80 -3.86
N ARG B 69 -32.22 3.43 -3.00
CA ARG B 69 -32.43 2.04 -2.61
C ARG B 69 -33.91 1.66 -2.74
N GLN B 70 -34.17 0.56 -3.47
CA GLN B 70 -35.53 0.08 -3.68
C GLN B 70 -35.83 -1.13 -2.80
N LYS B 71 -37.04 -1.16 -2.24
CA LYS B 71 -37.49 -2.25 -1.37
C LYS B 71 -38.85 -2.79 -1.80
N ARG B 72 -39.78 -1.88 -2.13
CA ARG B 72 -41.13 -2.25 -2.56
C ARG B 72 -41.44 -1.69 -3.95
N THR B 73 -41.10 -0.41 -4.17
CA THR B 73 -41.35 0.26 -5.45
C THR B 73 -40.03 0.64 -6.12
N GLN A 1 -21.50 -13.74 -8.16
CA GLN A 1 -21.29 -14.91 -7.26
C GLN A 1 -19.95 -14.83 -6.49
N GLY A 2 -18.86 -14.57 -7.23
CA GLY A 2 -17.55 -14.48 -6.60
C GLY A 2 -16.99 -13.07 -6.61
N TYR A 3 -15.92 -12.85 -5.84
CA TYR A 3 -15.27 -11.54 -5.72
C TYR A 3 -13.96 -11.54 -6.51
N LYS A 4 -13.61 -10.42 -7.17
CA LYS A 4 -12.37 -10.36 -7.93
C LYS A 4 -11.34 -9.54 -7.16
N SER A 5 -10.33 -10.23 -6.64
CA SER A 5 -9.28 -9.59 -5.85
C SER A 5 -8.01 -9.42 -6.68
N VAL A 6 -7.48 -8.19 -6.65
CA VAL A 6 -6.27 -7.85 -7.42
C VAL A 6 -5.23 -7.12 -6.54
N ASN A 7 -4.02 -6.96 -7.10
CA ASN A 7 -2.92 -6.28 -6.42
C ASN A 7 -2.66 -4.92 -7.04
N ILE A 8 -2.56 -3.89 -6.19
CA ILE A 8 -2.30 -2.52 -6.64
C ILE A 8 -0.89 -2.06 -6.28
N THR A 9 -0.40 -1.05 -7.00
CA THR A 9 0.94 -0.51 -6.76
C THR A 9 0.88 0.76 -5.91
N PHE A 10 1.63 0.76 -4.80
CA PHE A 10 1.67 1.90 -3.88
C PHE A 10 2.88 2.78 -4.18
N GLU A 11 2.66 3.81 -5.00
CA GLU A 11 3.71 4.75 -5.38
C GLU A 11 3.67 5.98 -4.47
N LEU A 12 4.39 5.88 -3.34
CA LEU A 12 4.46 6.97 -2.36
C LEU A 12 5.91 7.32 -2.05
N ASP A 13 6.71 6.30 -1.71
CA ASP A 13 8.13 6.47 -1.39
C ASP A 13 8.92 5.24 -1.84
N GLU A 14 10.25 5.40 -1.91
CA GLU A 14 11.14 4.30 -2.32
C GLU A 14 11.53 3.43 -1.11
N ARG A 15 10.61 3.36 -0.12
CA ARG A 15 10.83 2.59 1.09
C ARG A 15 9.61 1.74 1.42
N ILE A 16 8.41 2.37 1.46
CA ILE A 16 7.18 1.64 1.78
C ILE A 16 6.48 1.09 0.52
N ASP A 17 7.10 1.30 -0.65
CA ASP A 17 6.54 0.82 -1.94
C ASP A 17 6.43 -0.72 -1.98
N LYS A 18 7.54 -1.41 -1.64
CA LYS A 18 7.58 -2.88 -1.65
C LYS A 18 6.76 -3.50 -0.51
N VAL A 19 6.75 -2.83 0.66
CA VAL A 19 6.01 -3.32 1.84
C VAL A 19 4.47 -3.28 1.60
N LEU A 20 4.01 -2.20 0.96
CA LEU A 20 2.59 -2.00 0.66
C LEU A 20 2.15 -2.78 -0.57
N ASN A 21 3.07 -3.00 -1.52
CA ASN A 21 2.78 -3.73 -2.75
C ASN A 21 2.66 -5.25 -2.51
N GLU A 22 3.51 -5.79 -1.63
CA GLU A 22 3.51 -7.21 -1.33
C GLU A 22 2.59 -7.60 -0.15
N LYS A 23 2.54 -6.77 0.89
CA LYS A 23 1.76 -7.08 2.10
C LYS A 23 0.31 -6.57 2.10
N CYS A 24 0.06 -5.40 1.50
CA CYS A 24 -1.29 -4.82 1.51
C CYS A 24 -1.69 -4.24 0.15
N SER A 25 -1.82 -5.13 -0.83
CA SER A 25 -2.22 -4.74 -2.19
C SER A 25 -3.35 -5.61 -2.73
N ALA A 26 -3.92 -6.46 -1.87
CA ALA A 26 -4.99 -7.37 -2.30
C ALA A 26 -6.35 -6.88 -1.81
N TYR A 27 -7.14 -6.35 -2.75
CA TYR A 27 -8.48 -5.84 -2.45
C TYR A 27 -9.51 -6.44 -3.42
N THR A 28 -10.81 -6.23 -3.14
CA THR A 28 -11.88 -6.80 -3.97
C THR A 28 -12.52 -5.77 -4.90
N VAL A 29 -12.69 -6.18 -6.15
CA VAL A 29 -13.27 -5.36 -7.22
C VAL A 29 -14.10 -6.23 -8.19
N GLU A 30 -14.82 -5.55 -9.11
CA GLU A 30 -15.70 -6.17 -10.14
C GLU A 30 -17.08 -6.48 -9.58
N LEU A 31 -17.21 -6.35 -8.26
CA LEU A 31 -18.48 -6.59 -7.56
C LEU A 31 -19.19 -5.26 -7.31
N GLY A 32 -18.59 -4.20 -7.86
CA GLY A 32 -19.12 -2.86 -7.71
C GLY A 32 -18.08 -1.86 -7.24
N THR A 33 -16.78 -2.21 -7.33
CA THR A 33 -15.72 -1.30 -6.89
C THR A 33 -15.38 -0.26 -7.96
N GLU A 34 -15.41 1.01 -7.54
CA GLU A 34 -15.10 2.14 -8.42
C GLU A 34 -13.66 2.58 -8.22
N VAL A 35 -13.13 3.34 -9.18
CA VAL A 35 -11.74 3.84 -9.13
C VAL A 35 -11.51 4.89 -8.03
N ASN A 36 -12.51 5.76 -7.82
CA ASN A 36 -12.45 6.80 -6.78
C ASN A 36 -12.46 6.18 -5.38
N GLU A 37 -13.38 5.20 -5.19
CA GLU A 37 -13.48 4.46 -3.93
C GLU A 37 -12.28 3.53 -3.77
N PHE A 38 -11.62 3.24 -4.90
CA PHE A 38 -10.43 2.39 -4.94
C PHE A 38 -9.21 3.15 -4.40
N ALA A 39 -9.12 4.44 -4.78
CA ALA A 39 -8.03 5.31 -4.33
C ALA A 39 -8.17 5.64 -2.85
N CYS A 40 -9.43 5.87 -2.42
CA CYS A 40 -9.74 6.18 -1.02
C CYS A 40 -9.56 4.96 -0.11
N VAL A 41 -9.90 3.76 -0.63
CA VAL A 41 -9.79 2.51 0.14
C VAL A 41 -8.30 2.13 0.37
N VAL A 42 -7.48 2.22 -0.70
CA VAL A 42 -6.03 1.93 -0.60
C VAL A 42 -5.37 2.96 0.33
N ALA A 43 -5.84 4.21 0.22
CA ALA A 43 -5.40 5.33 1.05
C ALA A 43 -5.65 5.00 2.52
N ASP A 44 -6.80 4.36 2.77
CA ASP A 44 -7.21 3.93 4.12
C ASP A 44 -6.31 2.81 4.61
N ALA A 45 -5.91 1.89 3.70
CA ALA A 45 -5.02 0.77 4.05
C ALA A 45 -3.70 1.26 4.64
N VAL A 46 -3.02 2.15 3.90
CA VAL A 46 -1.73 2.72 4.33
C VAL A 46 -1.88 3.64 5.57
N ILE A 47 -2.95 4.45 5.57
CA ILE A 47 -3.22 5.41 6.64
C ILE A 47 -3.70 4.76 7.95
N LYS A 48 -4.33 3.59 7.84
CA LYS A 48 -4.84 2.86 9.02
C LYS A 48 -3.80 1.89 9.59
N THR A 49 -2.92 1.36 8.72
CA THR A 49 -1.93 0.37 9.17
C THR A 49 -0.60 0.98 9.62
N LEU A 50 0.00 1.81 8.77
CA LEU A 50 1.33 2.40 9.03
C LEU A 50 1.32 3.64 9.96
N GLN A 51 0.16 4.29 10.11
CA GLN A 51 0.05 5.51 10.94
C GLN A 51 0.39 5.32 12.44
N PRO A 52 -0.03 4.19 13.12
CA PRO A 52 0.25 3.97 14.55
C PRO A 52 1.75 4.06 14.94
N VAL A 53 2.65 3.91 13.94
CA VAL A 53 4.09 4.00 14.19
C VAL A 53 4.71 5.24 13.53
N SER A 54 4.02 6.38 13.67
CA SER A 54 4.47 7.66 13.10
C SER A 54 5.76 8.17 13.75
N GLU A 55 6.13 7.57 14.90
CA GLU A 55 7.35 7.95 15.65
C GLU A 55 8.63 7.59 14.88
N LEU A 56 8.59 6.51 14.10
CA LEU A 56 9.72 6.06 13.29
C LEU A 56 9.69 6.65 11.87
N LEU A 57 8.48 6.71 11.30
CA LEU A 57 8.25 7.22 9.92
C LEU A 57 8.59 8.71 9.77
N THR A 58 8.21 9.52 10.77
CA THR A 58 8.48 10.97 10.74
C THR A 58 10.00 11.29 10.67
N PRO A 59 10.88 10.71 11.54
CA PRO A 59 12.34 10.95 11.49
C PRO A 59 12.99 10.23 10.30
N LEU A 60 12.35 9.13 9.86
CA LEU A 60 12.83 8.33 8.72
C LEU A 60 12.88 9.17 7.43
N GLY A 61 11.78 9.88 7.14
CA GLY A 61 11.71 10.72 5.95
C GLY A 61 10.37 10.65 5.24
N ILE A 62 9.29 10.39 5.99
CA ILE A 62 7.94 10.28 5.42
C ILE A 62 6.88 10.68 6.46
N ASP A 63 5.83 11.38 5.99
CA ASP A 63 4.74 11.81 6.85
C ASP A 63 3.41 11.36 6.26
N LEU A 64 2.58 10.74 7.09
CA LEU A 64 1.28 10.23 6.66
C LEU A 64 0.18 11.31 6.76
N ASP A 65 0.60 12.56 6.90
CA ASP A 65 -0.30 13.70 6.98
C ASP A 65 -0.39 14.41 5.61
N GLU A 66 0.39 13.90 4.64
CA GLU A 66 0.42 14.46 3.30
C GLU A 66 -0.40 13.63 2.30
N TRP A 67 -0.77 12.41 2.71
CA TRP A 67 -1.56 11.50 1.84
C TRP A 67 -3.07 11.84 1.94
N SER A 68 -3.52 12.19 3.15
CA SER A 68 -4.93 12.53 3.40
C SER A 68 -5.30 13.91 2.80
N MET A 69 -4.31 14.80 2.73
CA MET A 69 -4.52 16.15 2.18
C MET A 69 -4.15 16.22 0.69
N ALA A 70 -3.96 15.05 0.08
CA ALA A 70 -3.61 14.94 -1.34
C ALA A 70 -4.57 14.01 -2.07
N THR A 71 -4.71 14.24 -3.38
CA THR A 71 -5.60 13.43 -4.23
C THR A 71 -4.84 12.33 -4.95
N TYR A 72 -5.39 11.11 -4.88
CA TYR A 72 -4.77 9.94 -5.52
C TYR A 72 -5.45 9.61 -6.84
N TYR A 73 -4.67 9.05 -7.76
CA TYR A 73 -5.17 8.66 -9.08
C TYR A 73 -4.72 7.25 -9.45
N LEU A 74 -5.68 6.42 -9.87
CA LEU A 74 -5.40 5.04 -10.26
C LEU A 74 -5.49 4.87 -11.77
N PHE A 75 -4.40 4.36 -12.37
CA PHE A 75 -4.33 4.15 -13.82
C PHE A 75 -3.81 2.73 -14.14
N ASP A 76 -4.03 2.30 -15.39
CA ASP A 76 -3.60 0.97 -15.84
C ASP A 76 -2.20 1.03 -16.45
N GLU A 77 -1.96 2.03 -17.31
CA GLU A 77 -0.66 2.21 -17.97
C GLU A 77 -0.18 3.67 -17.86
N SER A 78 -1.06 4.60 -18.22
CA SER A 78 -0.74 6.04 -18.18
C SER A 78 -1.90 6.84 -17.60
N GLY A 79 -3.13 6.53 -18.06
CA GLY A 79 -4.32 7.23 -17.59
C GLY A 79 -5.55 6.89 -18.40
N GLU A 80 -5.83 5.59 -18.52
CA GLU A 80 -6.99 5.10 -19.28
C GLU A 80 -8.10 4.59 -18.36
N PHE A 81 -7.72 4.28 -17.10
CA PHE A 81 -8.65 3.76 -16.06
C PHE A 81 -9.31 2.43 -16.49
N LYS A 82 -8.66 1.33 -16.06
CA LYS A 82 -9.15 -0.02 -16.38
C LYS A 82 -8.87 -0.97 -15.22
N LEU A 83 -9.71 -2.00 -15.08
CA LEU A 83 -9.58 -2.99 -14.01
C LEU A 83 -8.87 -4.24 -14.52
N ALA A 84 -7.64 -4.45 -14.01
CA ALA A 84 -6.82 -5.61 -14.38
C ALA A 84 -6.26 -6.30 -13.13
N SER A 85 -5.39 -7.32 -13.34
CA SER A 85 -4.78 -8.08 -12.23
C SER A 85 -3.88 -7.19 -11.36
N HIS A 86 -3.16 -6.27 -12.01
CA HIS A 86 -2.24 -5.36 -11.32
C HIS A 86 -2.46 -3.92 -11.82
N MET A 87 -2.94 -3.05 -10.91
CA MET A 87 -3.19 -1.64 -11.24
C MET A 87 -2.19 -0.75 -10.50
N TYR A 88 -1.98 0.46 -11.03
CA TYR A 88 -1.05 1.42 -10.44
C TYR A 88 -1.77 2.54 -9.70
N CYS A 89 -1.33 2.79 -8.46
CA CYS A 89 -1.91 3.84 -7.62
C CYS A 89 -0.83 4.87 -7.26
N SER A 90 -1.04 6.13 -7.71
CA SER A 90 -0.08 7.20 -7.46
C SER A 90 -0.78 8.44 -6.86
N PHE A 91 0.03 9.32 -6.25
CA PHE A 91 -0.48 10.55 -5.64
C PHE A 91 -0.45 11.73 -6.63
N TYR A 92 0.63 11.82 -7.42
CA TYR A 92 0.80 12.89 -8.40
C TYR A 92 0.36 12.40 -9.81
N PRO A 93 -0.29 13.25 -10.65
CA PRO A 93 -0.73 12.85 -12.01
C PRO A 93 0.45 12.72 -13.00
N PRO A 94 0.26 12.05 -14.18
CA PRO A 94 1.34 11.89 -15.19
C PRO A 94 1.62 13.18 -15.97
N ASP A 95 2.81 13.24 -16.56
CA ASP A 95 3.23 14.41 -17.36
C ASP A 95 3.05 14.13 -18.84
N GLU A 96 2.52 15.14 -19.57
CA GLU A 96 2.27 15.07 -21.03
C GLU A 96 1.39 13.88 -21.42
N ARG B 1 13.02 17.20 25.18
CA ARG B 1 12.27 16.00 25.53
C ARG B 1 11.69 15.33 24.28
N ASN B 2 11.14 16.14 23.37
CA ASN B 2 10.55 15.64 22.12
C ASN B 2 11.52 15.78 20.95
N SER B 3 12.21 16.94 20.88
CA SER B 3 13.16 17.21 19.81
C SER B 3 14.60 16.96 20.28
N SER B 4 15.36 16.25 19.47
CA SER B 4 16.76 15.93 19.78
C SER B 4 17.70 16.54 18.76
N ARG B 5 18.87 16.96 19.22
CA ARG B 5 19.88 17.57 18.35
C ARG B 5 20.98 16.57 17.99
N ASN B 6 21.44 16.64 16.75
CA ASN B 6 22.49 15.74 16.25
C ASN B 6 23.80 16.50 16.05
N SER B 7 24.90 15.89 16.52
CA SER B 7 26.23 16.49 16.40
C SER B 7 27.21 15.51 15.77
N THR B 8 27.94 15.99 14.76
CA THR B 8 28.93 15.18 14.05
C THR B 8 30.21 15.98 13.78
N PRO B 9 31.39 15.30 13.51
CA PRO B 9 32.66 16.00 13.25
C PRO B 9 32.72 16.62 11.85
N GLY B 10 32.12 15.94 10.87
CA GLY B 10 32.11 16.42 9.49
C GLY B 10 32.42 15.34 8.49
N SER B 11 33.61 14.74 8.63
CA SER B 11 34.06 13.67 7.73
C SER B 11 34.50 12.44 8.53
N SER B 12 34.09 11.26 8.05
CA SER B 12 34.44 10.00 8.70
C SER B 12 35.57 9.29 7.96
N ARG B 13 36.41 8.58 8.72
CA ARG B 13 37.54 7.84 8.16
C ARG B 13 37.46 6.36 8.51
N GLY B 14 37.82 5.51 7.55
CA GLY B 14 37.78 4.08 7.75
C GLY B 14 37.61 3.31 6.45
N THR B 15 38.16 2.09 6.41
CA THR B 15 38.08 1.24 5.22
C THR B 15 37.26 -0.02 5.51
N SER B 16 36.26 -0.27 4.66
CA SER B 16 35.39 -1.44 4.80
C SER B 16 35.32 -2.24 3.48
N PRO B 17 34.93 -3.56 3.52
CA PRO B 17 34.84 -4.38 2.30
C PRO B 17 33.63 -4.02 1.42
N ALA B 18 33.89 -3.89 0.11
CA ALA B 18 32.84 -3.54 -0.86
C ALA B 18 32.82 -4.52 -2.04
N ARG B 19 34.01 -5.00 -2.42
CA ARG B 19 34.16 -5.94 -3.55
C ARG B 19 34.01 -7.40 -3.10
N MET B 20 34.02 -7.62 -1.77
CA MET B 20 33.90 -8.96 -1.19
C MET B 20 32.44 -9.30 -0.89
N ALA B 21 32.10 -10.61 -0.99
CA ALA B 21 30.73 -11.14 -0.73
C ALA B 21 29.73 -10.75 -1.83
N GLY B 22 29.69 -9.45 -2.15
CA GLY B 22 28.77 -8.96 -3.18
C GLY B 22 27.78 -7.94 -2.63
N ASN B 23 28.17 -6.67 -2.70
CA ASN B 23 27.32 -5.57 -2.21
C ASN B 23 27.02 -4.58 -3.33
N GLY B 24 25.75 -4.14 -3.40
CA GLY B 24 25.34 -3.20 -4.42
C GLY B 24 23.90 -3.40 -4.84
N GLY B 25 23.01 -2.51 -4.36
CA GLY B 25 21.60 -2.60 -4.68
C GLY B 25 20.79 -1.49 -4.03
N ASP B 26 19.78 -1.89 -3.26
CA ASP B 26 18.90 -0.93 -2.57
C ASP B 26 18.75 -1.30 -1.09
N ALA B 27 18.53 -0.28 -0.26
CA ALA B 27 18.36 -0.46 1.19
C ALA B 27 16.90 -0.46 1.58
N ALA B 28 16.55 -1.26 2.59
CA ALA B 28 15.18 -1.36 3.08
C ALA B 28 15.10 -1.07 4.57
N LEU B 29 14.19 -0.16 4.93
CA LEU B 29 13.98 0.23 6.33
C LEU B 29 12.49 0.23 6.70
N ALA B 30 11.64 -0.06 5.72
CA ALA B 30 10.18 -0.11 5.93
C ALA B 30 9.70 -1.50 6.36
N LEU B 31 10.58 -2.50 6.26
CA LEU B 31 10.25 -3.87 6.65
C LEU B 31 10.14 -4.03 8.17
N LEU B 32 10.86 -3.19 8.91
CA LEU B 32 10.85 -3.22 10.39
C LEU B 32 9.57 -2.63 10.97
N LEU B 33 9.09 -1.51 10.39
CA LEU B 33 7.87 -0.84 10.85
C LEU B 33 6.62 -1.60 10.41
N LEU B 34 6.64 -2.14 9.19
CA LEU B 34 5.51 -2.91 8.67
C LEU B 34 5.36 -4.26 9.38
N ASP B 35 6.48 -5.00 9.55
CA ASP B 35 6.45 -6.30 10.21
C ASP B 35 6.07 -6.18 11.69
N ARG B 36 6.79 -5.31 12.42
CA ARG B 36 6.55 -5.12 13.86
C ARG B 36 5.13 -4.61 14.14
N LEU B 37 4.73 -3.53 13.47
CA LEU B 37 3.40 -2.91 13.68
C LEU B 37 2.23 -3.76 13.13
N ASN B 38 2.28 -4.11 11.84
CA ASN B 38 1.20 -4.88 11.19
C ASN B 38 0.98 -6.24 11.86
N GLN B 39 2.05 -6.84 12.41
CA GLN B 39 1.94 -8.12 13.08
C GLN B 39 1.63 -7.95 14.58
N LEU B 40 1.91 -6.74 15.13
CA LEU B 40 1.60 -6.44 16.54
C LEU B 40 0.15 -5.97 16.71
N GLU B 41 -0.47 -5.52 15.60
CA GLU B 41 -1.85 -5.02 15.62
C GLU B 41 -2.89 -6.14 15.48
N SER B 42 -2.67 -7.06 14.54
CA SER B 42 -3.62 -8.17 14.31
C SER B 42 -3.09 -9.51 14.83
N LYS B 43 -2.16 -10.14 14.10
CA LYS B 43 -1.61 -11.44 14.50
C LYS B 43 -0.09 -11.48 14.29
N MET B 44 0.58 -12.39 15.03
CA MET B 44 2.02 -12.55 14.95
C MET B 44 2.42 -13.55 13.85
N SER B 45 1.64 -14.64 13.74
CA SER B 45 1.90 -15.68 12.73
C SER B 45 0.94 -15.52 11.54
N GLY B 46 1.46 -15.79 10.34
CA GLY B 46 0.66 -15.68 9.13
C GLY B 46 1.38 -16.22 7.91
N LYS B 47 1.53 -17.55 7.86
CA LYS B 47 2.20 -18.22 6.73
C LYS B 47 1.36 -19.37 6.20
N GLY B 48 1.40 -19.57 4.89
CA GLY B 48 0.64 -20.64 4.25
C GLY B 48 -0.10 -20.16 3.01
N GLN B 49 -1.19 -19.39 3.23
CA GLN B 49 -2.05 -18.84 2.14
C GLN B 49 -2.71 -19.94 1.32
N GLN B 50 -4.05 -19.98 1.34
CA GLN B 50 -4.82 -20.98 0.59
C GLN B 50 -5.98 -20.32 -0.16
N GLN B 51 -6.68 -19.40 0.50
CA GLN B 51 -7.82 -18.70 -0.09
C GLN B 51 -7.51 -17.21 -0.25
N GLN B 52 -8.08 -16.61 -1.31
CA GLN B 52 -7.89 -15.19 -1.59
C GLN B 52 -9.20 -14.42 -1.42
N GLY B 53 -9.10 -13.18 -0.93
CA GLY B 53 -10.27 -12.34 -0.73
C GLY B 53 -10.33 -11.75 0.67
N GLN B 54 -10.53 -10.43 0.74
CA GLN B 54 -10.61 -9.71 2.01
C GLN B 54 -11.87 -8.85 2.10
N THR B 55 -12.44 -8.50 0.94
CA THR B 55 -13.67 -7.67 0.82
C THR B 55 -13.54 -6.33 1.56
N VAL B 56 -13.49 -5.24 0.78
CA VAL B 56 -13.36 -3.89 1.34
C VAL B 56 -14.69 -3.14 1.38
N THR B 57 -15.39 -3.13 0.24
CA THR B 57 -16.69 -2.43 0.13
C THR B 57 -17.71 -3.32 -0.58
N LYS B 58 -18.97 -3.19 -0.16
CA LYS B 58 -20.08 -3.96 -0.75
C LYS B 58 -21.29 -3.07 -1.04
N LYS B 59 -21.80 -2.40 0.02
CA LYS B 59 -22.97 -1.52 -0.11
C LYS B 59 -22.59 -0.07 -0.43
N SER B 60 -21.33 0.30 -0.17
CA SER B 60 -20.84 1.67 -0.41
C SER B 60 -20.41 1.90 -1.85
N ALA B 61 -19.72 0.92 -2.45
CA ALA B 61 -19.23 1.05 -3.83
C ALA B 61 -20.24 0.52 -4.87
N ALA B 62 -21.04 -0.47 -4.49
CA ALA B 62 -22.03 -1.06 -5.41
C ALA B 62 -23.40 -0.38 -5.37
N GLU B 63 -23.88 -0.06 -4.16
CA GLU B 63 -25.20 0.57 -3.99
C GLU B 63 -25.17 2.10 -4.01
N ALA B 64 -24.18 2.70 -3.34
CA ALA B 64 -24.06 4.16 -3.25
C ALA B 64 -23.45 4.81 -4.50
N SER B 65 -22.66 4.05 -5.26
CA SER B 65 -22.00 4.56 -6.46
C SER B 65 -22.84 4.39 -7.73
N LYS B 66 -23.83 3.47 -7.70
CA LYS B 66 -24.68 3.21 -8.87
C LYS B 66 -25.87 4.19 -8.94
N LYS B 67 -26.85 4.05 -8.03
CA LYS B 67 -28.04 4.92 -8.00
C LYS B 67 -28.66 5.04 -6.60
N PRO B 68 -28.90 3.92 -5.83
CA PRO B 68 -29.50 4.00 -4.48
C PRO B 68 -28.63 4.76 -3.47
N ARG B 69 -29.28 5.65 -2.71
CA ARG B 69 -28.59 6.46 -1.69
C ARG B 69 -29.31 6.38 -0.34
N GLN B 70 -30.65 6.44 -0.39
CA GLN B 70 -31.48 6.36 0.82
C GLN B 70 -32.11 4.99 0.96
N LYS B 71 -32.32 4.56 2.21
CA LYS B 71 -32.93 3.26 2.50
C LYS B 71 -34.33 3.43 3.07
N ARG B 72 -35.28 2.61 2.54
CA ARG B 72 -36.71 2.61 2.96
C ARG B 72 -37.46 3.87 2.50
N THR B 73 -36.87 5.06 2.75
CA THR B 73 -37.43 6.38 2.38
C THR B 73 -38.86 6.57 2.91
N GLN A 1 -21.21 -16.25 -7.26
CA GLN A 1 -20.37 -15.68 -6.20
C GLN A 1 -18.91 -15.65 -6.64
N GLY A 2 -18.19 -14.61 -6.21
CA GLY A 2 -16.79 -14.46 -6.56
C GLY A 2 -16.31 -13.02 -6.42
N TYR A 3 -15.02 -12.87 -6.11
CA TYR A 3 -14.40 -11.55 -5.94
C TYR A 3 -13.07 -11.49 -6.69
N LYS A 4 -12.80 -10.37 -7.40
CA LYS A 4 -11.54 -10.25 -8.13
C LYS A 4 -10.58 -9.33 -7.39
N SER A 5 -9.53 -9.92 -6.84
CA SER A 5 -8.52 -9.18 -6.08
C SER A 5 -7.26 -8.95 -6.91
N VAL A 6 -6.76 -7.72 -6.85
CA VAL A 6 -5.57 -7.31 -7.59
C VAL A 6 -4.62 -6.45 -6.75
N ASN A 7 -3.41 -6.20 -7.28
CA ASN A 7 -2.39 -5.40 -6.60
C ASN A 7 -2.30 -4.00 -7.21
N ILE A 8 -2.23 -2.98 -6.34
CA ILE A 8 -2.16 -1.58 -6.77
C ILE A 8 -0.85 -0.93 -6.30
N THR A 9 -0.42 0.11 -7.04
CA THR A 9 0.80 0.84 -6.71
C THR A 9 0.45 2.30 -6.37
N PHE A 10 0.38 2.58 -5.06
CA PHE A 10 0.05 3.93 -4.57
C PHE A 10 1.28 4.65 -4.06
N GLU A 11 1.77 5.58 -4.92
CA GLU A 11 2.97 6.41 -4.65
C GLU A 11 4.21 5.52 -4.34
N LEU A 12 4.57 5.38 -3.03
CA LEU A 12 5.72 4.57 -2.59
C LEU A 12 7.06 5.07 -3.17
N ASP A 13 8.16 4.74 -2.49
CA ASP A 13 9.49 5.18 -2.94
C ASP A 13 10.44 3.98 -3.09
N GLU A 14 11.21 3.67 -2.02
CA GLU A 14 12.16 2.55 -2.04
C GLU A 14 12.35 1.96 -0.63
N ARG A 15 11.35 2.16 0.24
CA ARG A 15 11.41 1.65 1.61
C ARG A 15 10.17 0.83 1.94
N ILE A 16 8.99 1.45 1.84
CA ILE A 16 7.74 0.75 2.14
C ILE A 16 7.06 0.19 0.87
N ASP A 17 7.81 0.18 -0.24
CA ASP A 17 7.30 -0.31 -1.54
C ASP A 17 6.96 -1.81 -1.49
N LYS A 18 7.94 -2.64 -1.11
CA LYS A 18 7.76 -4.10 -1.03
C LYS A 18 6.83 -4.51 0.12
N VAL A 19 6.91 -3.77 1.24
CA VAL A 19 6.09 -4.06 2.43
C VAL A 19 4.59 -3.87 2.16
N LEU A 20 4.24 -2.76 1.48
CA LEU A 20 2.84 -2.46 1.15
C LEU A 20 2.37 -3.19 -0.11
N ASN A 21 3.33 -3.58 -0.97
CA ASN A 21 3.03 -4.33 -2.20
C ASN A 21 2.58 -5.76 -1.87
N GLU A 22 3.22 -6.36 -0.87
CA GLU A 22 2.90 -7.73 -0.43
C GLU A 22 1.84 -7.79 0.68
N LYS A 23 1.82 -6.78 1.57
CA LYS A 23 0.88 -6.78 2.70
C LYS A 23 -0.47 -6.11 2.42
N CYS A 24 -0.46 -4.90 1.82
CA CYS A 24 -1.70 -4.17 1.58
C CYS A 24 -1.76 -3.62 0.15
N SER A 25 -1.81 -4.54 -0.81
CA SER A 25 -1.91 -4.20 -2.23
C SER A 25 -2.99 -5.04 -2.92
N ALA A 26 -3.54 -6.02 -2.20
CA ALA A 26 -4.56 -6.91 -2.74
C ALA A 26 -5.95 -6.51 -2.23
N TYR A 27 -6.69 -5.85 -3.11
CA TYR A 27 -8.05 -5.39 -2.81
C TYR A 27 -9.05 -6.12 -3.71
N THR A 28 -10.35 -6.04 -3.38
CA THR A 28 -11.39 -6.72 -4.16
C THR A 28 -12.15 -5.76 -5.07
N VAL A 29 -12.22 -6.12 -6.36
CA VAL A 29 -12.89 -5.32 -7.38
C VAL A 29 -13.64 -6.22 -8.39
N GLU A 30 -14.43 -5.53 -9.27
CA GLU A 30 -15.26 -6.15 -10.34
C GLU A 30 -16.60 -6.64 -9.78
N LEU A 31 -16.75 -6.53 -8.46
CA LEU A 31 -17.99 -6.92 -7.78
C LEU A 31 -18.81 -5.67 -7.49
N GLY A 32 -18.29 -4.53 -7.98
CA GLY A 32 -18.93 -3.25 -7.79
C GLY A 32 -17.97 -2.19 -7.29
N THR A 33 -16.65 -2.42 -7.42
CA THR A 33 -15.65 -1.45 -6.95
C THR A 33 -15.38 -0.37 -7.99
N GLU A 34 -15.44 0.88 -7.54
CA GLU A 34 -15.19 2.04 -8.39
C GLU A 34 -13.75 2.54 -8.19
N VAL A 35 -13.29 3.42 -9.08
CA VAL A 35 -11.92 3.97 -9.03
C VAL A 35 -11.73 4.95 -7.86
N ASN A 36 -12.74 5.80 -7.62
CA ASN A 36 -12.71 6.79 -6.53
C ASN A 36 -12.70 6.07 -5.17
N GLU A 37 -13.57 5.06 -5.04
CA GLU A 37 -13.67 4.25 -3.82
C GLU A 37 -12.43 3.36 -3.69
N PHE A 38 -11.75 3.13 -4.82
CA PHE A 38 -10.53 2.33 -4.87
C PHE A 38 -9.36 3.11 -4.25
N ALA A 39 -9.30 4.41 -4.58
CA ALA A 39 -8.26 5.31 -4.05
C ALA A 39 -8.49 5.55 -2.55
N CYS A 40 -9.77 5.62 -2.16
CA CYS A 40 -10.17 5.83 -0.76
C CYS A 40 -9.90 4.60 0.11
N VAL A 41 -10.07 3.38 -0.47
CA VAL A 41 -9.85 2.13 0.28
C VAL A 41 -8.35 1.86 0.48
N VAL A 42 -7.56 2.07 -0.58
CA VAL A 42 -6.10 1.89 -0.52
C VAL A 42 -5.47 2.90 0.47
N ALA A 43 -5.96 4.15 0.39
CA ALA A 43 -5.52 5.23 1.27
C ALA A 43 -5.88 4.95 2.73
N ASP A 44 -7.07 4.35 2.93
CA ASP A 44 -7.57 4.00 4.27
C ASP A 44 -6.73 2.88 4.92
N ALA A 45 -6.43 1.83 4.14
CA ALA A 45 -5.64 0.68 4.63
C ALA A 45 -4.22 1.11 5.06
N VAL A 46 -3.53 1.85 4.18
CA VAL A 46 -2.16 2.33 4.45
C VAL A 46 -2.13 3.36 5.59
N ILE A 47 -3.14 4.24 5.62
CA ILE A 47 -3.24 5.31 6.63
C ILE A 47 -3.73 4.80 8.00
N LYS A 48 -4.37 3.63 8.01
CA LYS A 48 -4.87 3.05 9.25
C LYS A 48 -3.83 2.14 9.93
N THR A 49 -3.09 1.36 9.12
CA THR A 49 -2.11 0.41 9.67
C THR A 49 -0.68 0.97 9.78
N LEU A 50 -0.25 1.75 8.78
CA LEU A 50 1.12 2.27 8.75
C LEU A 50 1.29 3.65 9.42
N GLN A 51 0.19 4.38 9.60
CA GLN A 51 0.24 5.73 10.20
C GLN A 51 0.45 5.72 11.73
N PRO A 52 -0.23 4.80 12.51
CA PRO A 52 -0.06 4.74 13.99
C PRO A 52 1.39 4.60 14.46
N VAL A 53 2.28 4.19 13.55
CA VAL A 53 3.71 4.04 13.84
C VAL A 53 4.54 5.10 13.08
N SER A 54 4.00 6.33 13.02
CA SER A 54 4.65 7.46 12.32
C SER A 54 5.95 7.91 13.01
N GLU A 55 6.27 7.30 14.17
CA GLU A 55 7.49 7.63 14.92
C GLU A 55 8.77 7.33 14.13
N LEU A 56 8.74 6.26 13.34
CA LEU A 56 9.88 5.85 12.51
C LEU A 56 9.82 6.46 11.09
N LEU A 57 8.60 6.50 10.51
CA LEU A 57 8.38 7.04 9.15
C LEU A 57 8.72 8.52 9.00
N THR A 58 8.35 9.33 9.99
CA THR A 58 8.60 10.78 9.96
C THR A 58 10.13 11.10 9.89
N PRO A 59 11.01 10.52 10.78
CA PRO A 59 12.45 10.77 10.72
C PRO A 59 13.14 10.02 9.58
N LEU A 60 12.48 8.93 9.10
CA LEU A 60 13.00 8.11 8.00
C LEU A 60 12.93 8.85 6.65
N GLY A 61 11.78 9.49 6.37
CA GLY A 61 11.62 10.22 5.11
C GLY A 61 10.35 11.05 5.06
N ILE A 62 9.21 10.38 4.84
CA ILE A 62 7.90 11.05 4.73
C ILE A 62 7.29 11.36 6.10
N ASP A 63 6.41 12.35 6.13
CA ASP A 63 5.73 12.78 7.37
C ASP A 63 4.27 12.31 7.43
N LEU A 64 3.82 11.62 6.36
CA LEU A 64 2.42 11.10 6.25
C LEU A 64 1.36 12.21 6.19
N ASP A 65 1.82 13.44 5.90
CA ASP A 65 0.93 14.61 5.80
C ASP A 65 0.38 14.80 4.38
N GLU A 66 1.05 14.17 3.41
CA GLU A 66 0.65 14.25 2.00
C GLU A 66 -0.08 12.98 1.54
N TRP A 67 -0.08 11.97 2.42
CA TRP A 67 -0.73 10.68 2.14
C TRP A 67 -2.21 10.68 2.58
N SER A 68 -2.49 11.43 3.66
CA SER A 68 -3.84 11.52 4.20
C SER A 68 -4.58 12.77 3.69
N MET A 69 -3.82 13.82 3.36
CA MET A 69 -4.40 15.07 2.85
C MET A 69 -4.57 15.05 1.33
N ALA A 70 -3.58 14.50 0.62
CA ALA A 70 -3.62 14.42 -0.84
C ALA A 70 -4.05 13.04 -1.31
N THR A 71 -5.02 13.02 -2.23
CA THR A 71 -5.55 11.77 -2.79
C THR A 71 -4.90 11.45 -4.13
N TYR A 72 -4.79 10.16 -4.44
CA TYR A 72 -4.17 9.71 -5.69
C TYR A 72 -5.23 9.28 -6.70
N TYR A 73 -4.86 9.30 -7.99
CA TYR A 73 -5.76 8.90 -9.07
C TYR A 73 -5.35 7.52 -9.57
N LEU A 74 -6.35 6.68 -9.88
CA LEU A 74 -6.11 5.33 -10.36
C LEU A 74 -6.36 5.21 -11.86
N PHE A 75 -5.34 4.68 -12.57
CA PHE A 75 -5.41 4.49 -14.02
C PHE A 75 -4.69 3.18 -14.42
N ASP A 76 -4.85 2.78 -15.70
CA ASP A 76 -4.23 1.56 -16.21
C ASP A 76 -2.79 1.81 -16.67
N GLU A 77 -2.58 2.85 -17.49
CA GLU A 77 -1.24 3.19 -18.00
C GLU A 77 -0.99 4.71 -17.97
N SER A 78 -1.93 5.48 -18.53
CA SER A 78 -1.82 6.95 -18.56
C SER A 78 -3.13 7.63 -18.16
N GLY A 79 -4.25 7.18 -18.77
CA GLY A 79 -5.55 7.76 -18.46
C GLY A 79 -6.70 6.91 -18.97
N GLU A 80 -6.73 5.65 -18.56
CA GLU A 80 -7.78 4.71 -18.96
C GLU A 80 -8.46 4.12 -17.73
N PHE A 81 -9.75 3.82 -17.87
CA PHE A 81 -10.54 3.25 -16.77
C PHE A 81 -10.61 1.72 -16.86
N LYS A 82 -9.64 1.06 -16.24
CA LYS A 82 -9.56 -0.41 -16.22
C LYS A 82 -8.99 -0.90 -14.89
N LEU A 83 -9.39 -2.11 -14.48
CA LEU A 83 -8.93 -2.70 -13.22
C LEU A 83 -7.58 -3.41 -13.40
N ALA A 84 -7.55 -4.43 -14.30
CA ALA A 84 -6.33 -5.22 -14.61
C ALA A 84 -5.72 -5.87 -13.35
N SER A 85 -4.68 -6.71 -13.55
CA SER A 85 -4.00 -7.40 -12.44
C SER A 85 -3.23 -6.43 -11.54
N HIS A 86 -2.59 -5.44 -12.17
CA HIS A 86 -1.83 -4.41 -11.44
C HIS A 86 -2.18 -3.02 -11.97
N MET A 87 -2.79 -2.21 -11.10
CA MET A 87 -3.18 -0.84 -11.46
C MET A 87 -2.23 0.18 -10.85
N TYR A 88 -2.17 1.37 -11.46
CA TYR A 88 -1.29 2.43 -10.99
C TYR A 88 -2.07 3.52 -10.25
N CYS A 89 -1.77 3.66 -8.96
CA CYS A 89 -2.41 4.65 -8.10
C CYS A 89 -1.42 5.78 -7.79
N SER A 90 -1.57 6.91 -8.53
CA SER A 90 -0.69 8.08 -8.37
C SER A 90 -1.37 9.36 -8.88
N PHE A 91 -0.80 10.51 -8.51
CA PHE A 91 -1.32 11.82 -8.93
C PHE A 91 -0.28 12.58 -9.73
N TYR A 92 -0.74 13.40 -10.68
CA TYR A 92 0.14 14.21 -11.53
C TYR A 92 -0.34 15.68 -11.55
N PRO A 93 0.20 16.56 -10.64
CA PRO A 93 -0.17 17.99 -10.59
C PRO A 93 0.46 18.81 -11.74
N PRO A 94 -0.35 19.26 -12.76
CA PRO A 94 0.16 20.07 -13.88
C PRO A 94 0.50 21.50 -13.48
N ASP A 95 1.66 21.98 -13.94
CA ASP A 95 2.12 23.35 -13.65
C ASP A 95 2.50 24.10 -14.92
N GLU A 96 3.20 23.40 -15.82
CA GLU A 96 3.65 24.00 -17.09
C GLU A 96 3.26 23.11 -18.27
N ARG B 1 9.98 1.06 37.70
CA ARG B 1 9.69 0.96 36.28
C ARG B 1 8.98 2.23 35.77
N ASN B 2 9.60 2.90 34.79
CA ASN B 2 9.06 4.12 34.21
C ASN B 2 9.07 4.05 32.67
N SER B 3 10.17 3.54 32.11
CA SER B 3 10.31 3.40 30.66
C SER B 3 10.54 1.95 30.27
N SER B 4 9.80 1.50 29.25
CA SER B 4 9.90 0.12 28.77
C SER B 4 10.75 0.05 27.49
N ARG B 5 11.69 -0.89 27.48
CA ARG B 5 12.59 -1.09 26.33
C ARG B 5 12.60 -2.55 25.90
N ASN B 6 12.84 -2.77 24.59
CA ASN B 6 12.88 -4.12 24.03
C ASN B 6 14.32 -4.63 23.92
N SER B 7 15.23 -3.75 23.44
CA SER B 7 16.67 -4.06 23.26
C SER B 7 16.89 -5.18 22.23
N THR B 8 17.72 -4.89 21.22
CA THR B 8 18.03 -5.87 20.17
C THR B 8 19.55 -5.99 19.96
N PRO B 9 20.05 -7.12 19.36
CA PRO B 9 21.51 -7.32 19.12
C PRO B 9 22.03 -6.46 17.96
N GLY B 10 23.20 -5.85 18.18
CA GLY B 10 23.82 -5.01 17.17
C GLY B 10 24.34 -3.70 17.73
N SER B 11 25.60 -3.38 17.42
CA SER B 11 26.24 -2.16 17.89
C SER B 11 26.28 -1.10 16.79
N SER B 12 26.18 0.16 17.19
CA SER B 12 26.20 1.29 16.26
C SER B 12 27.58 1.93 16.19
N ARG B 13 28.21 2.10 17.35
CA ARG B 13 29.55 2.71 17.44
C ARG B 13 30.57 1.68 17.95
N GLY B 14 31.79 1.74 17.39
CA GLY B 14 32.84 0.83 17.78
C GLY B 14 33.07 -0.26 16.76
N THR B 15 33.28 -1.49 17.25
CA THR B 15 33.52 -2.65 16.39
C THR B 15 32.75 -3.87 16.90
N SER B 16 32.03 -4.52 15.99
CA SER B 16 31.24 -5.71 16.32
C SER B 16 31.92 -6.98 15.79
N PRO B 17 32.38 -7.92 16.69
CA PRO B 17 33.04 -9.18 16.26
C PRO B 17 32.12 -10.09 15.47
N ALA B 18 32.69 -10.79 14.48
CA ALA B 18 31.94 -11.72 13.63
C ALA B 18 32.56 -13.11 13.64
N ARG B 19 31.70 -14.13 13.66
CA ARG B 19 32.14 -15.53 13.66
C ARG B 19 31.43 -16.35 12.59
N MET B 20 30.11 -16.17 12.49
CA MET B 20 29.29 -16.88 11.50
C MET B 20 28.99 -15.99 10.30
N ALA B 21 28.93 -16.62 9.12
CA ALA B 21 28.65 -15.91 7.88
C ALA B 21 27.19 -16.06 7.47
N GLY B 22 26.65 -15.01 6.85
CA GLY B 22 25.26 -15.02 6.41
C GLY B 22 24.80 -13.67 5.90
N ASN B 23 24.86 -12.67 6.78
CA ASN B 23 24.45 -11.29 6.44
C ASN B 23 25.66 -10.42 6.14
N GLY B 24 25.49 -9.49 5.19
CA GLY B 24 26.56 -8.60 4.80
C GLY B 24 26.42 -7.22 5.41
N GLY B 25 25.83 -6.30 4.66
CA GLY B 25 25.63 -4.93 5.14
C GLY B 25 24.28 -4.37 4.76
N ASP B 26 23.22 -5.09 5.14
CA ASP B 26 21.84 -4.68 4.85
C ASP B 26 21.12 -4.29 6.13
N ALA B 27 20.30 -3.23 6.04
CA ALA B 27 19.54 -2.74 7.19
C ALA B 27 18.06 -2.64 6.86
N ALA B 28 17.22 -3.03 7.82
CA ALA B 28 15.77 -3.01 7.66
C ALA B 28 15.15 -1.86 8.46
N LEU B 29 14.18 -1.18 7.85
CA LEU B 29 13.49 -0.04 8.49
C LEU B 29 11.98 -0.12 8.28
N ALA B 30 11.55 -0.66 7.13
CA ALA B 30 10.14 -0.79 6.78
C ALA B 30 9.52 -2.08 7.33
N LEU B 31 10.36 -3.11 7.52
CA LEU B 31 9.91 -4.42 8.02
C LEU B 31 9.54 -4.36 9.51
N LEU B 32 10.19 -3.43 10.24
CA LEU B 32 9.95 -3.25 11.67
C LEU B 32 8.60 -2.57 11.96
N LEU B 33 8.27 -1.54 11.15
CA LEU B 33 7.02 -0.79 11.31
C LEU B 33 5.83 -1.59 10.78
N LEU B 34 6.04 -2.29 9.65
CA LEU B 34 4.99 -3.12 9.04
C LEU B 34 4.64 -4.30 9.96
N ASP B 35 5.67 -5.05 10.40
CA ASP B 35 5.47 -6.20 11.27
C ASP B 35 4.84 -5.80 12.62
N ARG B 36 5.42 -4.77 13.26
CA ARG B 36 4.95 -4.29 14.57
C ARG B 36 3.46 -3.88 14.55
N LEU B 37 3.10 -2.90 13.71
CA LEU B 37 1.71 -2.39 13.69
C LEU B 37 0.73 -3.31 12.96
N ASN B 38 1.07 -3.78 11.75
CA ASN B 38 0.18 -4.65 10.97
C ASN B 38 -0.18 -5.92 11.75
N GLN B 39 0.77 -6.43 12.54
CA GLN B 39 0.53 -7.61 13.38
C GLN B 39 0.01 -7.19 14.78
N LEU B 40 0.24 -5.91 15.15
CA LEU B 40 -0.22 -5.35 16.44
C LEU B 40 -1.76 -5.34 16.50
N GLU B 41 -2.40 -4.98 15.37
CA GLU B 41 -3.86 -4.92 15.27
C GLU B 41 -4.50 -6.31 15.14
N SER B 42 -3.71 -7.28 14.67
CA SER B 42 -4.18 -8.67 14.50
C SER B 42 -3.79 -9.53 15.69
N LYS B 43 -4.74 -10.33 16.18
CA LYS B 43 -4.51 -11.21 17.32
C LYS B 43 -4.92 -12.65 17.00
N MET B 44 -6.09 -12.81 16.36
CA MET B 44 -6.61 -14.13 15.99
C MET B 44 -6.59 -14.32 14.49
N SER B 45 -6.06 -15.47 14.05
CA SER B 45 -5.97 -15.80 12.63
C SER B 45 -6.60 -17.16 12.34
N GLY B 46 -7.46 -17.21 11.32
CA GLY B 46 -8.12 -18.45 10.94
C GLY B 46 -9.57 -18.52 11.41
N LYS B 47 -10.22 -17.36 11.51
CA LYS B 47 -11.62 -17.28 11.95
C LYS B 47 -12.41 -16.28 11.09
N GLY B 48 -11.79 -15.13 10.79
CA GLY B 48 -12.44 -14.11 9.98
C GLY B 48 -11.88 -12.73 10.23
N GLN B 49 -11.15 -12.21 9.24
CA GLN B 49 -10.53 -10.87 9.34
C GLN B 49 -11.39 -9.84 8.61
N GLN B 50 -11.37 -8.60 9.13
CA GLN B 50 -12.14 -7.49 8.55
C GLN B 50 -11.25 -6.63 7.64
N GLN B 51 -10.09 -6.22 8.17
CA GLN B 51 -9.14 -5.39 7.41
C GLN B 51 -7.71 -5.89 7.59
N GLN B 52 -7.17 -6.52 6.53
CA GLN B 52 -5.81 -7.05 6.54
C GLN B 52 -5.15 -6.90 5.16
N GLY B 53 -5.93 -7.21 4.11
CA GLY B 53 -5.43 -7.11 2.74
C GLY B 53 -6.02 -8.17 1.84
N GLN B 54 -7.36 -8.23 1.80
CA GLN B 54 -8.10 -9.20 0.99
C GLN B 54 -9.43 -8.60 0.57
N THR B 55 -10.04 -7.86 1.51
CA THR B 55 -11.32 -7.21 1.27
C THR B 55 -11.35 -5.81 1.91
N VAL B 56 -12.14 -4.91 1.30
CA VAL B 56 -12.25 -3.54 1.80
C VAL B 56 -13.70 -3.04 1.77
N THR B 57 -14.35 -3.17 0.61
CA THR B 57 -15.74 -2.73 0.43
C THR B 57 -16.52 -3.69 -0.46
N LYS B 58 -17.77 -3.95 -0.10
CA LYS B 58 -18.64 -4.84 -0.86
C LYS B 58 -20.04 -4.25 -1.03
N LYS B 59 -20.63 -3.79 0.08
CA LYS B 59 -21.98 -3.20 0.08
C LYS B 59 -21.93 -1.67 -0.14
N SER B 60 -20.77 -1.06 0.11
CA SER B 60 -20.61 0.39 -0.01
C SER B 60 -20.32 0.83 -1.46
N ALA B 61 -19.53 0.04 -2.19
CA ALA B 61 -19.17 0.37 -3.58
C ALA B 61 -20.15 -0.22 -4.60
N ALA B 62 -20.80 -1.34 -4.25
CA ALA B 62 -21.75 -2.01 -5.15
C ALA B 62 -23.16 -1.38 -5.09
N GLU B 63 -23.45 -0.65 -4.01
CA GLU B 63 -24.76 0.00 -3.85
C GLU B 63 -24.81 1.38 -4.51
N ALA B 64 -23.63 2.03 -4.62
CA ALA B 64 -23.53 3.36 -5.24
C ALA B 64 -23.26 3.28 -6.74
N SER B 65 -22.70 2.16 -7.20
CA SER B 65 -22.38 1.95 -8.62
C SER B 65 -23.54 1.31 -9.38
N LYS B 66 -24.15 0.28 -8.79
CA LYS B 66 -25.28 -0.43 -9.41
C LYS B 66 -26.61 0.20 -9.01
N LYS B 67 -26.82 0.41 -7.70
CA LYS B 67 -28.06 1.02 -7.13
C LYS B 67 -29.31 0.14 -7.40
N PRO B 68 -30.41 0.26 -6.60
CA PRO B 68 -31.65 -0.53 -6.80
C PRO B 68 -32.47 -0.05 -7.99
N ARG B 69 -32.53 1.29 -8.19
CA ARG B 69 -33.28 1.94 -9.28
C ARG B 69 -34.78 1.67 -9.20
N GLN B 70 -35.57 2.76 -9.16
CA GLN B 70 -37.03 2.67 -9.07
C GLN B 70 -37.68 3.55 -10.13
N LYS B 71 -38.58 2.95 -10.90
CA LYS B 71 -39.29 3.67 -11.97
C LYS B 71 -40.77 3.82 -11.63
N ARG B 72 -41.28 5.05 -11.78
CA ARG B 72 -42.69 5.35 -11.50
C ARG B 72 -43.38 5.96 -12.73
N THR B 73 -42.68 6.87 -13.41
CA THR B 73 -43.21 7.53 -14.61
C THR B 73 -42.31 7.28 -15.81
N GLN A 1 -19.54 -16.71 -3.75
CA GLN A 1 -18.18 -16.55 -4.29
C GLN A 1 -18.21 -15.78 -5.61
N GLY A 2 -17.16 -15.00 -5.86
CA GLY A 2 -17.06 -14.22 -7.08
C GLY A 2 -16.51 -12.83 -6.84
N TYR A 3 -15.22 -12.76 -6.49
CA TYR A 3 -14.55 -11.49 -6.22
C TYR A 3 -13.22 -11.41 -6.97
N LYS A 4 -12.90 -10.24 -7.55
CA LYS A 4 -11.64 -10.08 -8.28
C LYS A 4 -10.66 -9.29 -7.43
N SER A 5 -9.65 -9.98 -6.89
CA SER A 5 -8.66 -9.36 -6.03
C SER A 5 -7.35 -9.13 -6.79
N VAL A 6 -6.84 -7.91 -6.64
CA VAL A 6 -5.61 -7.48 -7.31
C VAL A 6 -4.69 -6.68 -6.37
N ASN A 7 -3.47 -6.39 -6.84
CA ASN A 7 -2.48 -5.65 -6.07
C ASN A 7 -2.39 -4.21 -6.58
N ILE A 8 -2.35 -3.25 -5.65
CA ILE A 8 -2.30 -1.83 -6.01
C ILE A 8 -1.11 -1.12 -5.36
N THR A 9 -0.54 -0.17 -6.11
CA THR A 9 0.59 0.64 -5.64
C THR A 9 0.18 2.12 -5.64
N PHE A 10 0.49 2.82 -4.53
CA PHE A 10 0.11 4.23 -4.38
C PHE A 10 1.27 5.10 -3.91
N GLU A 11 1.76 5.96 -4.82
CA GLU A 11 2.87 6.92 -4.57
C GLU A 11 4.23 6.24 -4.30
N LEU A 12 4.23 5.25 -3.39
CA LEU A 12 5.44 4.50 -3.01
C LEU A 12 6.11 3.81 -4.20
N ASP A 13 7.45 3.67 -4.12
CA ASP A 13 8.24 3.04 -5.18
C ASP A 13 9.63 2.65 -4.66
N GLU A 14 10.29 3.58 -3.96
CA GLU A 14 11.64 3.35 -3.42
C GLU A 14 11.61 3.19 -1.90
N ARG A 15 10.45 3.45 -1.28
CA ARG A 15 10.27 3.34 0.16
C ARG A 15 8.90 2.77 0.43
N ILE A 16 8.86 1.73 1.29
CA ILE A 16 7.61 1.04 1.70
C ILE A 16 6.80 0.45 0.51
N ASP A 17 7.39 0.46 -0.70
CA ASP A 17 6.75 -0.05 -1.91
C ASP A 17 6.47 -1.56 -1.82
N LYS A 18 7.53 -2.37 -1.70
CA LYS A 18 7.40 -3.84 -1.60
C LYS A 18 6.78 -4.27 -0.27
N VAL A 19 6.94 -3.42 0.76
CA VAL A 19 6.42 -3.69 2.11
C VAL A 19 4.87 -3.73 2.10
N LEU A 20 4.26 -2.69 1.48
CA LEU A 20 2.81 -2.60 1.36
C LEU A 20 2.29 -3.37 0.14
N ASN A 21 3.19 -3.64 -0.82
CA ASN A 21 2.84 -4.40 -2.03
C ASN A 21 2.70 -5.88 -1.69
N GLU A 22 3.42 -6.30 -0.64
CA GLU A 22 3.37 -7.68 -0.17
C GLU A 22 2.31 -7.89 0.92
N LYS A 23 2.22 -6.96 1.88
CA LYS A 23 1.29 -7.10 3.01
C LYS A 23 -0.10 -6.45 2.82
N CYS A 24 -0.18 -5.26 2.22
CA CYS A 24 -1.48 -4.58 2.10
C CYS A 24 -1.71 -3.91 0.74
N SER A 25 -1.83 -4.74 -0.29
CA SER A 25 -2.12 -4.28 -1.66
C SER A 25 -3.13 -5.20 -2.35
N ALA A 26 -3.73 -6.13 -1.58
CA ALA A 26 -4.69 -7.07 -2.12
C ALA A 26 -6.11 -6.70 -1.72
N TYR A 27 -6.86 -6.14 -2.68
CA TYR A 27 -8.25 -5.73 -2.44
C TYR A 27 -9.17 -6.33 -3.50
N THR A 28 -10.49 -6.28 -3.26
CA THR A 28 -11.47 -6.87 -4.17
C THR A 28 -12.19 -5.82 -5.02
N VAL A 29 -12.28 -6.12 -6.32
CA VAL A 29 -12.90 -5.24 -7.32
C VAL A 29 -13.66 -6.07 -8.37
N GLU A 30 -14.39 -5.33 -9.25
CA GLU A 30 -15.22 -5.89 -10.35
C GLU A 30 -16.60 -6.32 -9.82
N LEU A 31 -16.74 -6.25 -8.49
CA LEU A 31 -17.99 -6.60 -7.82
C LEU A 31 -18.77 -5.33 -7.52
N GLY A 32 -18.18 -4.19 -7.90
CA GLY A 32 -18.79 -2.90 -7.69
C GLY A 32 -17.82 -1.86 -7.13
N THR A 33 -16.50 -2.10 -7.26
CA THR A 33 -15.51 -1.16 -6.74
C THR A 33 -15.20 -0.05 -7.76
N GLU A 34 -15.27 1.20 -7.27
CA GLU A 34 -14.99 2.38 -8.10
C GLU A 34 -13.55 2.85 -7.85
N VAL A 35 -12.97 3.54 -8.83
CA VAL A 35 -11.57 4.03 -8.75
C VAL A 35 -11.35 5.03 -7.61
N ASN A 36 -12.34 5.90 -7.36
CA ASN A 36 -12.27 6.91 -6.29
C ASN A 36 -12.32 6.25 -4.91
N GLU A 37 -13.28 5.32 -4.73
CA GLU A 37 -13.43 4.58 -3.46
C GLU A 37 -12.30 3.58 -3.28
N PHE A 38 -11.66 3.21 -4.40
CA PHE A 38 -10.53 2.27 -4.42
C PHE A 38 -9.26 2.98 -3.92
N ALA A 39 -9.09 4.25 -4.35
CA ALA A 39 -7.94 5.08 -3.96
C ALA A 39 -8.06 5.50 -2.50
N CYS A 40 -9.31 5.77 -2.06
CA CYS A 40 -9.60 6.18 -0.68
C CYS A 40 -9.50 4.99 0.28
N VAL A 41 -9.88 3.79 -0.20
CA VAL A 41 -9.83 2.57 0.62
C VAL A 41 -8.37 2.11 0.83
N VAL A 42 -7.53 2.19 -0.23
CA VAL A 42 -6.10 1.84 -0.12
C VAL A 42 -5.39 2.86 0.79
N ALA A 43 -5.78 4.14 0.62
CA ALA A 43 -5.28 5.24 1.43
C ALA A 43 -5.59 4.99 2.90
N ASP A 44 -6.78 4.39 3.14
CA ASP A 44 -7.24 4.03 4.48
C ASP A 44 -6.42 2.85 5.03
N ALA A 45 -6.04 1.90 4.15
CA ALA A 45 -5.23 0.74 4.54
C ALA A 45 -3.88 1.16 5.12
N VAL A 46 -3.19 2.05 4.41
CA VAL A 46 -1.88 2.56 4.83
C VAL A 46 -2.00 3.49 6.06
N ILE A 47 -3.05 4.31 6.07
CA ILE A 47 -3.32 5.27 7.16
C ILE A 47 -3.83 4.57 8.44
N LYS A 48 -4.35 3.35 8.28
CA LYS A 48 -4.87 2.59 9.43
C LYS A 48 -3.79 1.71 10.07
N THR A 49 -3.02 1.00 9.24
CA THR A 49 -2.00 0.06 9.75
C THR A 49 -0.61 0.68 9.93
N LEU A 50 -0.20 1.52 8.98
CA LEU A 50 1.15 2.10 8.99
C LEU A 50 1.24 3.46 9.71
N GLN A 51 0.11 4.15 9.90
CA GLN A 51 0.10 5.47 10.55
C GLN A 51 0.52 5.43 12.04
N PRO A 52 0.04 4.45 12.87
CA PRO A 52 0.39 4.37 14.31
C PRO A 52 1.91 4.32 14.58
N VAL A 53 2.70 3.99 13.55
CA VAL A 53 4.16 3.93 13.66
C VAL A 53 4.81 5.16 12.99
N SER A 54 4.13 6.32 13.10
CA SER A 54 4.61 7.59 12.52
C SER A 54 5.95 8.06 13.14
N GLU A 55 6.35 7.43 14.26
CA GLU A 55 7.60 7.79 14.97
C GLU A 55 8.85 7.45 14.14
N LEU A 56 8.77 6.35 13.36
CA LEU A 56 9.88 5.91 12.51
C LEU A 56 9.76 6.49 11.09
N LEU A 57 8.52 6.58 10.59
CA LEU A 57 8.23 7.10 9.24
C LEU A 57 8.60 8.57 9.07
N THR A 58 8.31 9.40 10.09
CA THR A 58 8.61 10.83 10.07
C THR A 58 10.12 11.11 9.84
N PRO A 59 11.08 10.50 10.64
CA PRO A 59 12.52 10.69 10.41
C PRO A 59 13.01 9.92 9.19
N LEU A 60 12.25 8.88 8.81
CA LEU A 60 12.52 8.03 7.64
C LEU A 60 12.57 8.86 6.34
N GLY A 61 11.56 9.73 6.15
CA GLY A 61 11.51 10.56 4.96
C GLY A 61 10.09 10.98 4.60
N ILE A 62 9.17 10.00 4.54
CA ILE A 62 7.77 10.27 4.19
C ILE A 62 6.89 10.39 5.44
N ASP A 63 5.79 11.14 5.31
CA ASP A 63 4.85 11.35 6.42
C ASP A 63 3.42 11.15 5.93
N LEU A 64 2.57 10.59 6.81
CA LEU A 64 1.16 10.35 6.47
C LEU A 64 0.31 11.59 6.70
N ASP A 65 0.61 12.64 5.92
CA ASP A 65 -0.10 13.92 6.00
C ASP A 65 -0.46 14.43 4.60
N GLU A 66 0.20 13.87 3.58
CA GLU A 66 -0.04 14.25 2.19
C GLU A 66 -0.44 13.03 1.34
N TRP A 67 -0.69 11.90 2.02
CA TRP A 67 -1.07 10.66 1.37
C TRP A 67 -2.59 10.47 1.38
N SER A 68 -3.25 10.98 2.43
CA SER A 68 -4.70 10.85 2.57
C SER A 68 -5.42 12.17 2.26
N MET A 69 -4.69 13.29 2.35
CA MET A 69 -5.26 14.62 2.07
C MET A 69 -5.07 15.05 0.62
N ALA A 70 -4.25 14.30 -0.13
CA ALA A 70 -3.97 14.62 -1.53
C ALA A 70 -4.82 13.78 -2.49
N THR A 71 -5.15 12.53 -2.07
CA THR A 71 -5.96 11.57 -2.86
C THR A 71 -5.38 11.32 -4.26
N TYR A 72 -4.95 10.07 -4.50
CA TYR A 72 -4.35 9.69 -5.78
C TYR A 72 -5.38 9.07 -6.73
N TYR A 73 -5.09 9.12 -8.03
CA TYR A 73 -5.94 8.53 -9.06
C TYR A 73 -5.32 7.24 -9.56
N LEU A 74 -6.14 6.29 -10.01
CA LEU A 74 -5.62 5.00 -10.48
C LEU A 74 -5.63 4.92 -12.01
N PHE A 75 -4.53 4.40 -12.57
CA PHE A 75 -4.39 4.24 -14.02
C PHE A 75 -3.70 2.91 -14.33
N ASP A 76 -3.88 2.43 -15.57
CA ASP A 76 -3.29 1.17 -16.03
C ASP A 76 -1.96 1.39 -16.76
N GLU A 77 -1.93 2.39 -17.64
CA GLU A 77 -0.73 2.71 -18.42
C GLU A 77 -0.21 4.11 -18.10
N SER A 78 -1.07 5.13 -18.29
CA SER A 78 -0.70 6.52 -18.02
C SER A 78 -1.85 7.29 -17.36
N GLY A 79 -3.06 7.18 -17.93
CA GLY A 79 -4.22 7.87 -17.39
C GLY A 79 -5.52 7.33 -17.94
N GLU A 80 -5.74 6.03 -17.75
CA GLU A 80 -6.97 5.37 -18.22
C GLU A 80 -7.64 4.59 -17.09
N PHE A 81 -8.96 4.48 -17.16
CA PHE A 81 -9.74 3.76 -16.15
C PHE A 81 -9.99 2.31 -16.56
N LYS A 82 -9.08 1.42 -16.13
CA LYS A 82 -9.15 -0.02 -16.43
C LYS A 82 -8.66 -0.84 -15.25
N LEU A 83 -9.41 -1.89 -14.90
CA LEU A 83 -9.06 -2.77 -13.79
C LEU A 83 -8.18 -3.93 -14.26
N ALA A 84 -6.94 -3.94 -13.78
CA ALA A 84 -5.95 -4.97 -14.14
C ALA A 84 -5.37 -5.63 -12.90
N SER A 85 -4.34 -6.49 -13.09
CA SER A 85 -3.67 -7.20 -11.98
C SER A 85 -2.94 -6.24 -11.03
N HIS A 86 -2.28 -5.23 -11.62
CA HIS A 86 -1.54 -4.23 -10.84
C HIS A 86 -1.90 -2.82 -11.33
N MET A 87 -2.45 -2.01 -10.42
CA MET A 87 -2.83 -0.64 -10.76
C MET A 87 -1.90 0.38 -10.10
N TYR A 88 -1.80 1.56 -10.71
CA TYR A 88 -0.93 2.62 -10.18
C TYR A 88 -1.75 3.84 -9.74
N CYS A 89 -1.48 4.30 -8.52
CA CYS A 89 -2.18 5.45 -7.95
C CYS A 89 -1.20 6.63 -7.78
N SER A 90 -1.46 7.72 -8.52
CA SER A 90 -0.62 8.91 -8.47
C SER A 90 -1.49 10.18 -8.53
N PHE A 91 -0.91 11.32 -8.11
CA PHE A 91 -1.62 12.60 -8.12
C PHE A 91 -1.33 13.39 -9.40
N TYR A 92 -2.37 13.54 -10.24
CA TYR A 92 -2.25 14.28 -11.51
C TYR A 92 -3.53 15.10 -11.78
N PRO A 93 -3.52 16.44 -11.52
CA PRO A 93 -4.69 17.32 -11.76
C PRO A 93 -4.92 17.58 -13.27
N PRO A 94 -6.09 17.16 -13.86
CA PRO A 94 -6.39 17.38 -15.29
C PRO A 94 -6.55 18.87 -15.65
N ASP A 95 -7.21 19.63 -14.76
CA ASP A 95 -7.43 21.05 -14.97
C ASP A 95 -7.16 21.84 -13.69
N GLU A 96 -6.23 22.82 -13.79
CA GLU A 96 -5.82 23.69 -12.65
C GLU A 96 -5.37 22.87 -11.43
N ARG B 1 23.49 -23.79 11.50
CA ARG B 1 23.56 -24.02 12.94
C ARG B 1 22.17 -23.92 13.57
N ASN B 2 21.42 -22.87 13.20
CA ASN B 2 20.06 -22.64 13.72
C ASN B 2 19.11 -22.30 12.58
N SER B 3 17.94 -22.98 12.57
CA SER B 3 16.88 -22.80 11.55
C SER B 3 17.36 -23.18 10.14
N SER B 4 16.54 -23.98 9.45
CA SER B 4 16.85 -24.44 8.09
C SER B 4 16.15 -23.58 7.05
N ARG B 5 16.93 -23.08 6.08
CA ARG B 5 16.40 -22.24 5.00
C ARG B 5 16.90 -22.71 3.63
N ASN B 6 18.19 -23.14 3.59
CA ASN B 6 18.86 -23.64 2.35
C ASN B 6 19.13 -22.53 1.32
N SER B 7 18.47 -21.38 1.48
CA SER B 7 18.63 -20.25 0.57
C SER B 7 19.59 -19.21 1.16
N THR B 8 19.40 -18.89 2.45
CA THR B 8 20.22 -17.91 3.22
C THR B 8 20.23 -16.49 2.58
N PRO B 9 20.53 -15.40 3.36
CA PRO B 9 20.56 -14.02 2.82
C PRO B 9 21.81 -13.73 1.99
N GLY B 10 22.94 -14.32 2.40
CA GLY B 10 24.20 -14.12 1.68
C GLY B 10 25.19 -13.28 2.47
N SER B 11 26.31 -13.91 2.85
CA SER B 11 27.36 -13.24 3.62
C SER B 11 28.55 -12.90 2.73
N SER B 12 29.23 -11.79 3.05
CA SER B 12 30.39 -11.33 2.29
C SER B 12 31.57 -11.08 3.22
N ARG B 13 32.79 -11.32 2.69
CA ARG B 13 34.07 -11.14 3.43
C ARG B 13 34.17 -12.07 4.63
N GLY B 14 35.28 -12.83 4.69
CA GLY B 14 35.51 -13.76 5.78
C GLY B 14 36.85 -14.47 5.67
N THR B 15 37.09 -15.10 4.52
CA THR B 15 38.34 -15.82 4.27
C THR B 15 38.94 -15.44 2.93
N SER B 16 38.10 -15.38 1.89
CA SER B 16 38.54 -15.02 0.54
C SER B 16 37.76 -13.80 0.02
N PRO B 17 38.45 -12.65 -0.27
CA PRO B 17 37.78 -11.43 -0.79
C PRO B 17 37.12 -11.64 -2.15
N ALA B 18 36.07 -10.85 -2.43
CA ALA B 18 35.34 -10.93 -3.68
C ALA B 18 35.78 -9.83 -4.64
N ARG B 19 35.80 -10.15 -5.94
CA ARG B 19 36.19 -9.20 -6.98
C ARG B 19 35.00 -8.80 -7.85
N MET B 20 34.18 -9.80 -8.20
CA MET B 20 33.00 -9.57 -9.05
C MET B 20 31.73 -10.01 -8.32
N ALA B 21 30.65 -9.21 -8.47
CA ALA B 21 29.34 -9.46 -7.83
C ALA B 21 29.41 -9.43 -6.30
N GLY B 22 28.57 -8.60 -5.69
CA GLY B 22 28.53 -8.47 -4.24
C GLY B 22 27.41 -7.57 -3.76
N ASN B 23 26.19 -8.09 -3.81
CA ASN B 23 25.00 -7.34 -3.39
C ASN B 23 24.18 -8.15 -2.39
N GLY B 24 23.54 -7.45 -1.44
CA GLY B 24 22.72 -8.09 -0.43
C GLY B 24 22.26 -7.13 0.64
N GLY B 25 21.10 -7.43 1.24
CA GLY B 25 20.54 -6.58 2.29
C GLY B 25 20.79 -7.15 3.68
N ASP B 26 21.16 -6.26 4.61
CA ASP B 26 21.44 -6.66 6.00
C ASP B 26 20.65 -5.79 6.99
N ALA B 27 20.58 -4.49 6.70
CA ALA B 27 19.86 -3.54 7.56
C ALA B 27 18.46 -3.26 7.03
N ALA B 28 17.49 -3.20 7.94
CA ALA B 28 16.10 -2.93 7.58
C ALA B 28 15.54 -1.76 8.37
N LEU B 29 14.59 -1.04 7.77
CA LEU B 29 13.96 0.13 8.41
C LEU B 29 12.44 0.13 8.20
N ALA B 30 11.99 -0.38 7.06
CA ALA B 30 10.56 -0.42 6.72
C ALA B 30 9.90 -1.72 7.21
N LEU B 31 10.65 -2.82 7.18
CA LEU B 31 10.13 -4.14 7.61
C LEU B 31 9.81 -4.18 9.11
N LEU B 32 10.47 -3.30 9.88
CA LEU B 32 10.27 -3.22 11.34
C LEU B 32 8.95 -2.54 11.70
N LEU B 33 8.60 -1.46 10.97
CA LEU B 33 7.37 -0.72 11.21
C LEU B 33 6.16 -1.47 10.70
N LEU B 34 6.32 -2.11 9.52
CA LEU B 34 5.25 -2.89 8.89
C LEU B 34 4.94 -4.16 9.70
N ASP B 35 5.97 -4.93 10.05
CA ASP B 35 5.79 -6.17 10.82
C ASP B 35 5.28 -5.90 12.24
N ARG B 36 5.93 -4.97 12.95
CA ARG B 36 5.54 -4.65 14.34
C ARG B 36 4.10 -4.14 14.46
N LEU B 37 3.73 -3.10 13.67
CA LEU B 37 2.39 -2.52 13.77
C LEU B 37 1.30 -3.37 13.09
N ASN B 38 1.55 -3.84 11.85
CA ASN B 38 0.56 -4.66 11.14
C ASN B 38 0.22 -5.93 11.90
N GLN B 39 1.20 -6.48 12.63
CA GLN B 39 0.98 -7.67 13.45
C GLN B 39 0.54 -7.28 14.87
N LEU B 40 0.82 -6.02 15.26
CA LEU B 40 0.42 -5.46 16.57
C LEU B 40 -1.11 -5.37 16.69
N GLU B 41 -1.76 -4.92 15.61
CA GLU B 41 -3.22 -4.77 15.57
C GLU B 41 -3.93 -6.05 15.11
N SER B 42 -3.26 -6.81 14.23
CA SER B 42 -3.80 -8.06 13.70
C SER B 42 -3.42 -9.26 14.55
N LYS B 43 -4.32 -10.24 14.64
CA LYS B 43 -4.09 -11.45 15.43
C LYS B 43 -3.72 -12.63 14.54
N MET B 44 -2.94 -13.57 15.09
CA MET B 44 -2.50 -14.76 14.36
C MET B 44 -3.38 -15.96 14.71
N SER B 45 -3.74 -16.73 13.68
CA SER B 45 -4.57 -17.93 13.85
C SER B 45 -3.93 -19.15 13.21
N GLY B 46 -4.15 -20.31 13.83
CA GLY B 46 -3.59 -21.55 13.32
C GLY B 46 -4.63 -22.43 12.66
N LYS B 47 -5.35 -23.21 13.47
CA LYS B 47 -6.39 -24.12 12.97
C LYS B 47 -7.78 -23.51 13.18
N GLY B 48 -8.64 -23.69 12.18
CA GLY B 48 -10.00 -23.16 12.24
C GLY B 48 -10.39 -22.42 10.98
N GLN B 49 -10.43 -21.09 11.07
CA GLN B 49 -10.80 -20.24 9.92
C GLN B 49 -9.56 -19.63 9.28
N GLN B 50 -9.46 -19.76 7.95
CA GLN B 50 -8.33 -19.23 7.20
C GLN B 50 -8.76 -18.02 6.37
N GLN B 51 -7.97 -16.94 6.46
CA GLN B 51 -8.25 -15.71 5.72
C GLN B 51 -7.38 -15.61 4.49
N GLN B 52 -7.92 -14.96 3.44
CA GLN B 52 -7.20 -14.79 2.18
C GLN B 52 -6.58 -13.39 2.09
N GLY B 53 -7.34 -12.37 2.49
CA GLY B 53 -6.87 -11.00 2.45
C GLY B 53 -7.57 -10.10 3.45
N GLN B 54 -8.30 -9.10 2.93
CA GLN B 54 -9.04 -8.15 3.78
C GLN B 54 -10.48 -7.99 3.30
N THR B 55 -10.66 -8.05 1.96
CA THR B 55 -11.98 -7.91 1.29
C THR B 55 -12.71 -6.61 1.65
N VAL B 56 -13.01 -5.81 0.63
CA VAL B 56 -13.70 -4.51 0.81
C VAL B 56 -15.22 -4.68 0.74
N THR B 57 -15.96 -3.62 1.11
CA THR B 57 -17.43 -3.63 1.11
C THR B 57 -18.02 -3.51 -0.29
N LYS B 58 -19.29 -3.91 -0.42
CA LYS B 58 -20.01 -3.87 -1.70
C LYS B 58 -21.11 -2.80 -1.70
N LYS B 59 -21.84 -2.69 -0.58
CA LYS B 59 -22.94 -1.72 -0.44
C LYS B 59 -22.47 -0.26 -0.43
N SER B 60 -21.18 -0.05 -0.14
CA SER B 60 -20.59 1.29 -0.09
C SER B 60 -20.07 1.75 -1.44
N ALA B 61 -19.50 0.80 -2.22
CA ALA B 61 -18.94 1.12 -3.54
C ALA B 61 -19.97 0.97 -4.67
N ALA B 62 -21.03 0.19 -4.43
CA ALA B 62 -22.08 -0.03 -5.44
C ALA B 62 -23.21 1.00 -5.35
N GLU B 63 -23.47 1.50 -4.14
CA GLU B 63 -24.53 2.49 -3.90
C GLU B 63 -24.02 3.93 -4.10
N ALA B 64 -22.71 4.13 -3.98
CA ALA B 64 -22.09 5.44 -4.15
C ALA B 64 -21.68 5.72 -5.60
N SER B 65 -21.54 4.65 -6.39
CA SER B 65 -21.15 4.77 -7.81
C SER B 65 -22.36 4.92 -8.74
N LYS B 66 -23.48 4.29 -8.37
CA LYS B 66 -24.72 4.35 -9.18
C LYS B 66 -25.60 5.54 -8.79
N LYS B 67 -25.92 5.63 -7.48
CA LYS B 67 -26.79 6.72 -6.91
C LYS B 67 -28.21 6.71 -7.52
N PRO B 68 -29.24 7.31 -6.83
CA PRO B 68 -30.62 7.35 -7.34
C PRO B 68 -30.80 8.35 -8.49
N ARG B 69 -31.63 7.97 -9.46
CA ARG B 69 -31.89 8.83 -10.63
C ARG B 69 -33.39 9.03 -10.86
N GLN B 70 -34.17 7.94 -10.66
CA GLN B 70 -35.62 7.98 -10.84
C GLN B 70 -36.34 8.28 -9.53
N LYS B 71 -35.88 7.66 -8.44
CA LYS B 71 -36.47 7.85 -7.12
C LYS B 71 -35.67 8.85 -6.30
N ARG B 72 -36.37 9.85 -5.73
CA ARG B 72 -35.73 10.89 -4.92
C ARG B 72 -36.31 10.90 -3.51
N THR B 73 -35.45 11.23 -2.52
CA THR B 73 -35.82 11.30 -1.08
C THR B 73 -36.50 10.02 -0.58
N GLN A 1 -16.03 -16.35 -11.00
CA GLN A 1 -17.35 -16.29 -10.35
C GLN A 1 -17.24 -15.70 -8.95
N GLY A 2 -18.14 -14.77 -8.64
CA GLY A 2 -18.14 -14.13 -7.33
C GLY A 2 -17.53 -12.74 -7.37
N TYR A 3 -16.54 -12.52 -6.50
CA TYR A 3 -15.84 -11.23 -6.41
C TYR A 3 -14.46 -11.32 -7.05
N LYS A 4 -14.01 -10.22 -7.69
CA LYS A 4 -12.68 -10.23 -8.31
C LYS A 4 -11.70 -9.42 -7.46
N SER A 5 -10.72 -10.12 -6.89
CA SER A 5 -9.72 -9.50 -6.03
C SER A 5 -8.42 -9.33 -6.78
N VAL A 6 -7.89 -8.10 -6.73
CA VAL A 6 -6.65 -7.75 -7.43
C VAL A 6 -5.67 -7.01 -6.51
N ASN A 7 -4.43 -6.82 -7.02
CA ASN A 7 -3.36 -6.13 -6.30
C ASN A 7 -3.19 -4.72 -6.85
N ILE A 8 -2.91 -3.76 -5.95
CA ILE A 8 -2.74 -2.35 -6.34
C ILE A 8 -1.53 -1.71 -5.70
N THR A 9 -1.04 -0.65 -6.33
CA THR A 9 0.08 0.13 -5.83
C THR A 9 -0.40 1.55 -5.53
N PHE A 10 0.18 2.19 -4.50
CA PHE A 10 -0.24 3.54 -4.11
C PHE A 10 0.89 4.34 -3.46
N GLU A 11 1.14 5.52 -4.05
CA GLU A 11 2.16 6.51 -3.61
C GLU A 11 3.53 5.91 -3.23
N LEU A 12 4.58 6.47 -3.83
CA LEU A 12 5.96 6.05 -3.58
C LEU A 12 6.81 7.24 -3.17
N ASP A 13 7.70 7.05 -2.19
CA ASP A 13 8.57 8.11 -1.71
C ASP A 13 10.04 7.66 -1.68
N GLU A 14 10.29 6.53 -1.00
CA GLU A 14 11.64 5.98 -0.89
C GLU A 14 11.65 4.48 -1.17
N ARG A 15 10.97 3.68 -0.33
CA ARG A 15 10.93 2.22 -0.50
C ARG A 15 9.72 1.58 0.18
N ILE A 16 8.90 2.38 0.88
CA ILE A 16 7.70 1.88 1.56
C ILE A 16 6.61 1.42 0.55
N ASP A 17 6.82 1.74 -0.73
CA ASP A 17 5.91 1.38 -1.82
C ASP A 17 5.90 -0.14 -2.06
N LYS A 18 7.10 -0.75 -2.02
CA LYS A 18 7.24 -2.20 -2.23
C LYS A 18 6.67 -3.00 -1.05
N VAL A 19 6.88 -2.50 0.18
CA VAL A 19 6.38 -3.15 1.40
C VAL A 19 4.84 -3.12 1.45
N LEU A 20 4.27 -1.98 0.98
CA LEU A 20 2.81 -1.81 0.94
C LEU A 20 2.20 -2.45 -0.31
N ASN A 21 3.03 -2.66 -1.35
CA ASN A 21 2.58 -3.28 -2.60
C ASN A 21 2.57 -4.80 -2.46
N GLU A 22 3.38 -5.32 -1.54
CA GLU A 22 3.45 -6.76 -1.28
C GLU A 22 2.48 -7.19 -0.17
N LYS A 23 2.44 -6.41 0.92
CA LYS A 23 1.59 -6.73 2.09
C LYS A 23 0.20 -6.11 2.04
N CYS A 24 0.03 -4.98 1.33
CA CYS A 24 -1.26 -4.28 1.30
C CYS A 24 -1.70 -3.97 -0.14
N SER A 25 -1.87 -5.01 -0.94
CA SER A 25 -2.32 -4.89 -2.32
C SER A 25 -3.33 -5.98 -2.66
N ALA A 26 -4.45 -5.99 -1.93
CA ALA A 26 -5.50 -6.99 -2.14
C ALA A 26 -6.88 -6.47 -1.75
N TYR A 27 -7.69 -6.15 -2.76
CA TYR A 27 -9.06 -5.67 -2.55
C TYR A 27 -10.02 -6.30 -3.58
N THR A 28 -11.34 -6.11 -3.39
CA THR A 28 -12.36 -6.68 -4.28
C THR A 28 -12.95 -5.63 -5.22
N VAL A 29 -13.03 -6.01 -6.50
CA VAL A 29 -13.57 -5.16 -7.57
C VAL A 29 -14.31 -5.99 -8.64
N GLU A 30 -14.96 -5.26 -9.57
CA GLU A 30 -15.75 -5.81 -10.71
C GLU A 30 -17.18 -6.14 -10.28
N LEU A 31 -17.44 -6.02 -8.97
CA LEU A 31 -18.77 -6.27 -8.41
C LEU A 31 -19.47 -4.93 -8.17
N GLY A 32 -18.82 -3.87 -8.63
CA GLY A 32 -19.35 -2.53 -8.48
C GLY A 32 -18.37 -1.58 -7.82
N THR A 33 -17.07 -1.93 -7.80
CA THR A 33 -16.05 -1.08 -7.17
C THR A 33 -15.62 0.04 -8.11
N GLU A 34 -15.74 1.28 -7.61
CA GLU A 34 -15.36 2.48 -8.36
C GLU A 34 -13.91 2.85 -8.07
N VAL A 35 -13.29 3.62 -8.97
CA VAL A 35 -11.89 4.05 -8.83
C VAL A 35 -11.68 5.03 -7.67
N ASN A 36 -12.72 5.80 -7.34
CA ASN A 36 -12.67 6.78 -6.23
C ASN A 36 -12.69 6.07 -4.87
N GLU A 37 -13.63 5.10 -4.73
CA GLU A 37 -13.75 4.31 -3.50
C GLU A 37 -12.59 3.33 -3.38
N PHE A 38 -11.96 3.04 -4.53
CA PHE A 38 -10.81 2.13 -4.62
C PHE A 38 -9.55 2.85 -4.14
N ALA A 39 -9.41 4.13 -4.54
CA ALA A 39 -8.28 4.97 -4.14
C ALA A 39 -8.39 5.32 -2.66
N CYS A 40 -9.64 5.46 -2.19
CA CYS A 40 -9.93 5.76 -0.79
C CYS A 40 -9.74 4.54 0.11
N VAL A 41 -10.05 3.34 -0.42
CA VAL A 41 -9.90 2.09 0.33
C VAL A 41 -8.40 1.73 0.50
N VAL A 42 -7.59 1.97 -0.56
CA VAL A 42 -6.13 1.73 -0.52
C VAL A 42 -5.48 2.77 0.39
N ALA A 43 -5.99 4.01 0.32
CA ALA A 43 -5.55 5.11 1.15
C ALA A 43 -5.76 4.80 2.64
N ASP A 44 -6.91 4.17 2.93
CA ASP A 44 -7.27 3.77 4.30
C ASP A 44 -6.36 2.64 4.80
N ALA A 45 -6.08 1.65 3.91
CA ALA A 45 -5.21 0.51 4.25
C ALA A 45 -3.81 0.97 4.69
N VAL A 46 -3.23 1.90 3.93
CA VAL A 46 -1.88 2.43 4.21
C VAL A 46 -1.85 3.31 5.49
N ILE A 47 -2.82 4.23 5.60
CA ILE A 47 -2.91 5.16 6.76
C ILE A 47 -3.31 4.41 8.06
N LYS A 48 -3.90 3.22 7.92
CA LYS A 48 -4.33 2.44 9.07
C LYS A 48 -3.26 1.45 9.58
N THR A 49 -2.55 0.78 8.67
CA THR A 49 -1.56 -0.23 9.07
C THR A 49 -0.13 0.31 9.24
N LEU A 50 0.27 1.23 8.36
CA LEU A 50 1.63 1.76 8.39
C LEU A 50 1.82 3.04 9.21
N GLN A 51 0.73 3.76 9.51
CA GLN A 51 0.84 5.06 10.21
C GLN A 51 0.96 4.98 11.75
N PRO A 52 0.15 4.15 12.50
CA PRO A 52 0.23 4.06 13.99
C PRO A 52 1.63 4.21 14.61
N VAL A 53 2.69 3.80 13.87
CA VAL A 53 4.08 3.93 14.38
C VAL A 53 4.72 5.23 13.84
N SER A 54 4.00 6.35 13.99
CA SER A 54 4.46 7.66 13.53
C SER A 54 5.75 8.14 14.23
N GLU A 55 6.04 7.54 15.40
CA GLU A 55 7.23 7.89 16.21
C GLU A 55 8.56 7.54 15.49
N LEU A 56 8.55 6.43 14.74
CA LEU A 56 9.73 5.98 13.99
C LEU A 56 9.75 6.54 12.56
N LEU A 57 8.55 6.76 12.00
CA LEU A 57 8.40 7.27 10.63
C LEU A 57 8.76 8.74 10.48
N THR A 58 8.49 9.57 11.51
CA THR A 58 8.81 11.01 11.44
C THR A 58 10.34 11.29 11.46
N PRO A 59 11.19 10.56 12.26
CA PRO A 59 12.64 10.77 12.26
C PRO A 59 13.32 10.01 11.09
N LEU A 60 12.65 8.92 10.66
CA LEU A 60 13.12 8.07 9.54
C LEU A 60 13.38 8.91 8.27
N GLY A 61 12.41 9.77 7.90
CA GLY A 61 12.56 10.61 6.71
C GLY A 61 11.27 11.24 6.25
N ILE A 62 10.35 10.40 5.74
CA ILE A 62 9.05 10.87 5.22
C ILE A 62 7.98 10.85 6.32
N ASP A 63 6.96 11.69 6.13
CA ASP A 63 5.85 11.79 7.08
C ASP A 63 4.53 11.60 6.34
N LEU A 64 3.68 10.70 6.88
CA LEU A 64 2.38 10.39 6.29
C LEU A 64 1.32 11.44 6.67
N ASP A 65 1.63 12.27 7.67
CA ASP A 65 0.72 13.33 8.13
C ASP A 65 0.78 14.57 7.24
N GLU A 66 1.64 14.52 6.20
CA GLU A 66 1.81 15.63 5.27
C GLU A 66 1.01 15.39 3.97
N TRP A 67 0.84 14.12 3.59
CA TRP A 67 0.11 13.76 2.38
C TRP A 67 -0.93 12.66 2.64
N SER A 68 -1.65 12.78 3.76
CA SER A 68 -2.68 11.81 4.15
C SER A 68 -4.07 12.26 3.68
N MET A 69 -4.33 13.58 3.72
CA MET A 69 -5.62 14.15 3.31
C MET A 69 -5.68 14.41 1.79
N ALA A 70 -4.69 13.89 1.06
CA ALA A 70 -4.62 14.04 -0.40
C ALA A 70 -5.15 12.81 -1.11
N THR A 71 -6.01 13.03 -2.11
CA THR A 71 -6.60 11.93 -2.88
C THR A 71 -5.82 11.70 -4.18
N TYR A 72 -5.79 10.45 -4.63
CA TYR A 72 -5.07 10.07 -5.85
C TYR A 72 -5.97 9.25 -6.79
N TYR A 73 -5.57 9.16 -8.06
CA TYR A 73 -6.32 8.42 -9.08
C TYR A 73 -5.57 7.15 -9.48
N LEU A 74 -6.30 6.17 -10.04
CA LEU A 74 -5.70 4.90 -10.48
C LEU A 74 -5.56 4.85 -11.99
N PHE A 75 -4.49 4.20 -12.46
CA PHE A 75 -4.24 4.04 -13.90
C PHE A 75 -3.67 2.65 -14.20
N ASP A 76 -3.90 2.19 -15.44
CA ASP A 76 -3.43 0.88 -15.88
C ASP A 76 -2.11 1.00 -16.65
N GLU A 77 -1.41 -0.13 -16.85
CA GLU A 77 -0.13 -0.15 -17.56
C GLU A 77 -0.34 0.16 -19.05
N SER A 78 0.24 1.29 -19.50
CA SER A 78 0.13 1.78 -20.90
C SER A 78 -1.31 2.19 -21.26
N GLY A 79 -2.15 2.34 -20.21
CA GLY A 79 -3.55 2.72 -20.40
C GLY A 79 -3.89 4.01 -19.68
N GLU A 80 -5.03 4.00 -18.97
CA GLU A 80 -5.52 5.17 -18.22
C GLU A 80 -6.40 4.73 -17.05
N PHE A 81 -7.46 3.96 -17.37
CA PHE A 81 -8.40 3.45 -16.36
C PHE A 81 -8.94 2.09 -16.77
N LYS A 82 -8.27 1.01 -16.33
CA LYS A 82 -8.67 -0.36 -16.65
C LYS A 82 -8.36 -1.31 -15.50
N LEU A 83 -9.31 -2.21 -15.21
CA LEU A 83 -9.16 -3.19 -14.13
C LEU A 83 -8.84 -4.57 -14.72
N ALA A 84 -7.63 -5.07 -14.43
CA ALA A 84 -7.20 -6.38 -14.94
C ALA A 84 -6.61 -7.24 -13.82
N SER A 85 -5.45 -6.83 -13.27
CA SER A 85 -4.78 -7.58 -12.20
C SER A 85 -4.05 -6.63 -11.23
N HIS A 86 -3.31 -5.68 -11.78
CA HIS A 86 -2.54 -4.71 -10.98
C HIS A 86 -2.78 -3.29 -11.47
N MET A 87 -3.10 -2.39 -10.52
CA MET A 87 -3.34 -0.99 -10.84
C MET A 87 -2.41 -0.08 -10.02
N TYR A 88 -2.19 1.15 -10.50
CA TYR A 88 -1.31 2.11 -9.82
C TYR A 88 -2.07 3.38 -9.44
N CYS A 89 -1.82 3.86 -8.22
CA CYS A 89 -2.46 5.08 -7.70
C CYS A 89 -1.43 6.18 -7.49
N SER A 90 -1.55 7.27 -8.26
CA SER A 90 -0.64 8.40 -8.18
C SER A 90 -1.40 9.73 -8.03
N PHE A 91 -0.67 10.78 -7.62
CA PHE A 91 -1.24 12.12 -7.42
C PHE A 91 -1.29 12.91 -8.75
N TYR A 92 -2.36 13.70 -8.90
CA TYR A 92 -2.56 14.52 -10.09
C TYR A 92 -2.98 15.97 -9.73
N PRO A 93 -4.04 16.21 -8.86
CA PRO A 93 -4.49 17.56 -8.46
C PRO A 93 -3.35 18.57 -8.11
N PRO A 94 -2.30 18.20 -7.29
CA PRO A 94 -1.22 19.15 -6.93
C PRO A 94 -0.31 19.52 -8.11
N ASP A 95 -0.17 18.60 -9.07
CA ASP A 95 0.66 18.83 -10.26
C ASP A 95 -0.19 19.31 -11.44
N GLU A 96 0.25 20.41 -12.06
CA GLU A 96 -0.45 20.99 -13.20
C GLU A 96 0.42 20.93 -14.45
N ARG B 1 40.81 21.51 -6.21
CA ARG B 1 39.59 21.46 -6.99
C ARG B 1 39.88 21.11 -8.45
N ASN B 2 39.02 20.27 -9.03
CA ASN B 2 39.18 19.83 -10.42
C ASN B 2 37.92 20.15 -11.24
N SER B 3 36.74 19.88 -10.65
CA SER B 3 35.46 20.13 -11.31
C SER B 3 34.52 20.92 -10.40
N SER B 4 34.47 20.53 -9.11
CA SER B 4 33.61 21.16 -8.08
C SER B 4 32.12 21.04 -8.41
N ARG B 5 31.38 20.38 -7.51
CA ARG B 5 29.94 20.19 -7.69
C ARG B 5 29.18 20.54 -6.40
N ASN B 6 28.06 21.25 -6.57
CA ASN B 6 27.23 21.66 -5.43
C ASN B 6 25.82 21.07 -5.56
N SER B 7 25.38 20.41 -4.49
CA SER B 7 24.05 19.79 -4.46
C SER B 7 23.29 20.19 -3.18
N THR B 8 23.99 20.18 -2.04
CA THR B 8 23.39 20.54 -0.76
C THR B 8 23.75 21.99 -0.36
N PRO B 9 22.97 22.65 0.55
CA PRO B 9 23.25 24.04 0.98
C PRO B 9 24.47 24.15 1.92
N GLY B 10 24.64 23.14 2.78
CA GLY B 10 25.76 23.12 3.71
C GLY B 10 25.62 22.04 4.75
N SER B 11 26.12 20.84 4.43
CA SER B 11 26.07 19.69 5.33
C SER B 11 27.46 19.07 5.50
N SER B 12 27.73 18.58 6.71
CA SER B 12 29.01 17.95 7.04
C SER B 12 28.81 16.49 7.43
N ARG B 13 29.60 15.60 6.79
CA ARG B 13 29.55 14.13 7.02
C ARG B 13 28.18 13.53 6.67
N GLY B 14 28.21 12.50 5.82
CA GLY B 14 26.99 11.83 5.40
C GLY B 14 27.10 11.25 3.99
N THR B 15 26.75 12.07 3.00
CA THR B 15 26.81 11.65 1.59
C THR B 15 27.37 12.76 0.71
N SER B 16 28.19 12.36 -0.27
CA SER B 16 28.82 13.32 -1.20
C SER B 16 28.04 13.37 -2.52
N PRO B 17 28.17 14.47 -3.33
CA PRO B 17 27.46 14.60 -4.63
C PRO B 17 28.08 13.74 -5.73
N ALA B 18 29.41 13.62 -5.72
CA ALA B 18 30.14 12.84 -6.72
C ALA B 18 30.65 11.53 -6.12
N ARG B 19 30.39 10.42 -6.81
CA ARG B 19 30.82 9.10 -6.37
C ARG B 19 31.52 8.34 -7.51
N MET B 20 32.70 7.80 -7.20
CA MET B 20 33.50 7.05 -8.18
C MET B 20 33.43 5.55 -7.90
N ALA B 21 33.56 5.17 -6.62
CA ALA B 21 33.52 3.78 -6.21
C ALA B 21 32.48 3.54 -5.11
N GLY B 22 31.80 2.40 -5.18
CA GLY B 22 30.79 2.06 -4.20
C GLY B 22 29.38 2.32 -4.70
N ASN B 23 28.54 1.28 -4.66
CA ASN B 23 27.15 1.37 -5.11
C ASN B 23 26.19 0.85 -4.05
N GLY B 24 25.09 1.59 -3.84
CA GLY B 24 24.10 1.20 -2.86
C GLY B 24 24.03 2.17 -1.70
N GLY B 25 24.33 1.67 -0.49
CA GLY B 25 24.29 2.51 0.70
C GLY B 25 23.13 2.17 1.61
N ASP B 26 21.99 2.84 1.38
CA ASP B 26 20.73 2.66 2.16
C ASP B 26 20.91 3.05 3.63
N ALA B 27 20.02 3.91 4.12
CA ALA B 27 20.06 4.38 5.50
C ALA B 27 18.76 4.04 6.26
N ALA B 28 17.63 4.20 5.56
CA ALA B 28 16.31 3.91 6.15
C ALA B 28 15.81 2.52 5.74
N LEU B 29 15.05 1.89 6.63
CA LEU B 29 14.50 0.56 6.39
C LEU B 29 12.98 0.55 6.63
N ALA B 30 12.24 0.07 5.64
CA ALA B 30 10.77 -0.01 5.71
C ALA B 30 10.29 -1.35 6.29
N LEU B 31 11.19 -2.33 6.35
CA LEU B 31 10.87 -3.67 6.87
C LEU B 31 10.58 -3.66 8.38
N LEU B 32 11.14 -2.68 9.10
CA LEU B 32 10.94 -2.55 10.55
C LEU B 32 9.54 -2.04 10.91
N LEU B 33 9.07 -1.03 10.16
CA LEU B 33 7.75 -0.43 10.38
C LEU B 33 6.62 -1.35 9.90
N LEU B 34 6.84 -1.98 8.73
CA LEU B 34 5.87 -2.92 8.15
C LEU B 34 5.72 -4.16 9.02
N ASP B 35 6.85 -4.80 9.37
CA ASP B 35 6.84 -6.01 10.20
C ASP B 35 6.24 -5.76 11.58
N ARG B 36 6.72 -4.70 12.25
CA ARG B 36 6.24 -4.36 13.60
C ARG B 36 4.72 -4.09 13.65
N LEU B 37 4.24 -3.11 12.86
CA LEU B 37 2.81 -2.74 12.87
C LEU B 37 1.90 -3.79 12.20
N ASN B 38 2.20 -4.15 10.94
CA ASN B 38 1.39 -5.13 10.18
C ASN B 38 1.26 -6.47 10.90
N GLN B 39 2.31 -6.87 11.63
CA GLN B 39 2.27 -8.14 12.39
C GLN B 39 1.74 -7.89 13.81
N LEU B 40 1.79 -6.62 14.28
CA LEU B 40 1.27 -6.24 15.60
C LEU B 40 -0.25 -6.48 15.66
N GLU B 41 -0.96 -6.06 14.59
CA GLU B 41 -2.40 -6.23 14.50
C GLU B 41 -2.76 -7.59 13.88
N SER B 42 -2.18 -7.87 12.68
CA SER B 42 -2.38 -9.14 11.93
C SER B 42 -3.86 -9.46 11.70
N LYS B 43 -4.28 -9.41 10.41
CA LYS B 43 -5.67 -9.71 9.97
C LYS B 43 -6.70 -8.75 10.57
N MET B 44 -7.80 -8.56 9.84
CA MET B 44 -8.88 -7.67 10.28
C MET B 44 -10.19 -8.45 10.47
N SER B 45 -11.05 -7.94 11.34
CA SER B 45 -12.34 -8.59 11.63
C SER B 45 -13.45 -8.02 10.75
N GLY B 46 -14.20 -8.92 10.11
CA GLY B 46 -15.30 -8.52 9.24
C GLY B 46 -16.43 -9.52 9.23
N LYS B 47 -16.34 -10.50 8.32
CA LYS B 47 -17.37 -11.54 8.19
C LYS B 47 -16.93 -12.85 8.85
N GLY B 48 -15.66 -13.23 8.61
CA GLY B 48 -15.12 -14.46 9.19
C GLY B 48 -13.73 -14.77 8.67
N GLN B 49 -13.66 -15.61 7.64
CA GLN B 49 -12.38 -16.02 7.05
C GLN B 49 -12.06 -15.18 5.80
N GLN B 50 -10.88 -14.55 5.80
CA GLN B 50 -10.43 -13.71 4.68
C GLN B 50 -9.00 -14.06 4.29
N GLN B 51 -8.71 -13.94 2.99
CA GLN B 51 -7.38 -14.24 2.46
C GLN B 51 -6.85 -13.10 1.59
N GLN B 52 -5.60 -12.68 1.87
CA GLN B 52 -4.91 -11.58 1.15
C GLN B 52 -5.53 -10.21 1.43
N GLY B 53 -6.82 -10.05 1.10
CA GLY B 53 -7.52 -8.79 1.32
C GLY B 53 -8.77 -8.68 0.48
N GLN B 54 -9.93 -8.60 1.15
CA GLN B 54 -11.24 -8.50 0.49
C GLN B 54 -12.24 -7.81 1.42
N THR B 55 -11.72 -6.92 2.30
CA THR B 55 -12.54 -6.20 3.26
C THR B 55 -13.18 -4.92 2.65
N VAL B 56 -13.79 -5.10 1.47
CA VAL B 56 -14.46 -3.99 0.77
C VAL B 56 -15.98 -4.14 0.86
N THR B 57 -16.68 -3.00 0.81
CA THR B 57 -18.15 -2.99 0.88
C THR B 57 -18.76 -3.00 -0.51
N LYS B 58 -19.63 -3.98 -0.76
CA LYS B 58 -20.30 -4.12 -2.06
C LYS B 58 -21.65 -3.39 -2.08
N LYS B 59 -22.11 -2.92 -0.91
CA LYS B 59 -23.38 -2.21 -0.79
C LYS B 59 -23.21 -0.70 -0.98
N SER B 60 -21.99 -0.19 -0.75
CA SER B 60 -21.69 1.24 -0.86
C SER B 60 -21.23 1.63 -2.28
N ALA B 61 -20.46 0.75 -2.92
CA ALA B 61 -19.94 1.02 -4.27
C ALA B 61 -20.88 0.52 -5.38
N ALA B 62 -21.53 -0.63 -5.16
CA ALA B 62 -22.43 -1.21 -6.16
C ALA B 62 -23.89 -0.77 -6.00
N GLU B 63 -24.39 -0.75 -4.75
CA GLU B 63 -25.78 -0.38 -4.47
C GLU B 63 -25.98 1.11 -4.22
N ALA B 64 -24.99 1.78 -3.60
CA ALA B 64 -25.10 3.21 -3.30
C ALA B 64 -24.56 4.11 -4.41
N SER B 65 -23.51 3.65 -5.10
CA SER B 65 -22.89 4.43 -6.17
C SER B 65 -23.48 4.16 -7.55
N LYS B 66 -23.75 2.88 -7.86
CA LYS B 66 -24.30 2.50 -9.18
C LYS B 66 -25.83 2.50 -9.21
N LYS B 67 -26.46 1.52 -8.53
CA LYS B 67 -27.92 1.41 -8.49
C LYS B 67 -28.44 1.07 -7.09
N PRO B 68 -29.43 1.84 -6.53
CA PRO B 68 -29.99 1.57 -5.17
C PRO B 68 -30.58 0.15 -5.03
N ARG B 69 -31.36 -0.27 -6.03
CA ARG B 69 -31.98 -1.60 -6.04
C ARG B 69 -31.99 -2.19 -7.45
N GLN B 70 -32.72 -1.55 -8.38
CA GLN B 70 -32.82 -2.00 -9.77
C GLN B 70 -32.98 -0.82 -10.72
N LYS B 71 -32.30 -0.90 -11.88
CA LYS B 71 -32.36 0.14 -12.90
C LYS B 71 -32.54 -0.46 -14.30
N ARG B 72 -31.80 -1.54 -14.57
CA ARG B 72 -31.87 -2.22 -15.88
C ARG B 72 -32.09 -3.72 -15.70
N THR B 73 -31.39 -4.32 -14.74
CA THR B 73 -31.50 -5.76 -14.46
C THR B 73 -32.33 -6.01 -13.20
N GLN A 1 -15.21 -18.07 -12.30
CA GLN A 1 -14.79 -16.75 -11.79
C GLN A 1 -15.89 -16.12 -10.93
N GLY A 2 -15.47 -15.37 -9.91
CA GLY A 2 -16.41 -14.73 -9.01
C GLY A 2 -15.94 -13.35 -8.57
N TYR A 3 -14.91 -13.34 -7.71
CA TYR A 3 -14.35 -12.10 -7.18
C TYR A 3 -13.01 -11.79 -7.85
N LYS A 4 -12.79 -10.53 -8.25
CA LYS A 4 -11.54 -10.15 -8.90
C LYS A 4 -10.67 -9.31 -7.96
N SER A 5 -9.65 -9.96 -7.38
CA SER A 5 -8.73 -9.30 -6.46
C SER A 5 -7.42 -9.00 -7.16
N VAL A 6 -6.93 -7.76 -6.97
CA VAL A 6 -5.70 -7.31 -7.61
C VAL A 6 -4.78 -6.52 -6.65
N ASN A 7 -3.56 -6.24 -7.14
CA ASN A 7 -2.54 -5.49 -6.40
C ASN A 7 -2.47 -4.06 -6.92
N ILE A 8 -2.24 -3.11 -6.01
CA ILE A 8 -2.16 -1.68 -6.38
C ILE A 8 -0.91 -1.03 -5.80
N THR A 9 -0.48 0.07 -6.43
CA THR A 9 0.67 0.83 -5.99
C THR A 9 0.26 2.28 -5.71
N PHE A 10 0.86 2.87 -4.67
CA PHE A 10 0.55 4.25 -4.27
C PHE A 10 1.82 5.02 -3.96
N GLU A 11 2.10 6.03 -4.82
CA GLU A 11 3.31 6.89 -4.70
C GLU A 11 4.60 6.07 -4.87
N LEU A 12 5.07 5.40 -3.78
CA LEU A 12 6.27 4.54 -3.80
C LEU A 12 7.55 5.30 -4.18
N ASP A 13 8.61 5.05 -3.41
CA ASP A 13 9.91 5.68 -3.64
C ASP A 13 11.03 4.62 -3.58
N GLU A 14 11.37 4.16 -2.37
CA GLU A 14 12.42 3.15 -2.16
C GLU A 14 12.23 2.41 -0.83
N ARG A 15 11.72 3.12 0.18
CA ARG A 15 11.51 2.55 1.51
C ARG A 15 10.04 2.17 1.77
N ILE A 16 9.29 1.99 0.67
CA ILE A 16 7.87 1.62 0.76
C ILE A 16 7.47 0.69 -0.41
N ASP A 17 8.42 0.49 -1.35
CA ASP A 17 8.18 -0.32 -2.56
C ASP A 17 7.79 -1.78 -2.24
N LYS A 18 8.74 -2.58 -1.72
CA LYS A 18 8.50 -4.01 -1.42
C LYS A 18 7.45 -4.23 -0.33
N VAL A 19 7.53 -3.43 0.75
CA VAL A 19 6.61 -3.54 1.89
C VAL A 19 5.12 -3.27 1.51
N LEU A 20 4.84 -2.14 0.88
CA LEU A 20 3.47 -1.75 0.51
C LEU A 20 2.97 -2.39 -0.80
N ASN A 21 3.90 -2.85 -1.65
CA ASN A 21 3.52 -3.49 -2.92
C ASN A 21 3.30 -4.99 -2.76
N GLU A 22 3.92 -5.57 -1.72
CA GLU A 22 3.75 -7.00 -1.42
C GLU A 22 2.61 -7.28 -0.44
N LYS A 23 2.58 -6.53 0.67
CA LYS A 23 1.58 -6.75 1.74
C LYS A 23 0.30 -5.91 1.60
N CYS A 24 0.46 -4.60 1.41
CA CYS A 24 -0.70 -3.69 1.37
C CYS A 24 -1.18 -3.39 -0.06
N SER A 25 -1.16 -4.40 -0.93
CA SER A 25 -1.61 -4.24 -2.30
C SER A 25 -2.52 -5.41 -2.70
N ALA A 26 -3.62 -5.58 -1.97
CA ALA A 26 -4.57 -6.65 -2.25
C ALA A 26 -5.99 -6.29 -1.85
N TYR A 27 -6.82 -5.99 -2.85
CA TYR A 27 -8.23 -5.64 -2.63
C TYR A 27 -9.12 -6.35 -3.65
N THR A 28 -10.44 -6.36 -3.40
CA THR A 28 -11.41 -7.04 -4.28
C THR A 28 -12.18 -6.03 -5.13
N VAL A 29 -12.30 -6.35 -6.42
CA VAL A 29 -12.99 -5.49 -7.40
C VAL A 29 -13.78 -6.32 -8.43
N GLU A 30 -14.56 -5.60 -9.26
CA GLU A 30 -15.44 -6.15 -10.34
C GLU A 30 -16.79 -6.59 -9.76
N LEU A 31 -16.91 -6.55 -8.44
CA LEU A 31 -18.15 -6.92 -7.75
C LEU A 31 -18.90 -5.66 -7.34
N GLY A 32 -18.36 -4.51 -7.76
CA GLY A 32 -18.95 -3.23 -7.46
C GLY A 32 -17.93 -2.22 -6.97
N THR A 33 -16.63 -2.47 -7.21
CA THR A 33 -15.59 -1.56 -6.76
C THR A 33 -15.27 -0.50 -7.83
N GLU A 34 -15.35 0.76 -7.42
CA GLU A 34 -15.07 1.90 -8.27
C GLU A 34 -13.69 2.47 -7.95
N VAL A 35 -13.08 3.18 -8.91
CA VAL A 35 -11.74 3.77 -8.74
C VAL A 35 -11.67 4.79 -7.59
N ASN A 36 -12.82 5.41 -7.27
CA ASN A 36 -12.91 6.39 -6.19
C ASN A 36 -12.89 5.70 -4.82
N GLU A 37 -13.73 4.65 -4.68
CA GLU A 37 -13.81 3.86 -3.45
C GLU A 37 -12.56 2.97 -3.31
N PHE A 38 -11.89 2.75 -4.46
CA PHE A 38 -10.66 1.96 -4.54
C PHE A 38 -9.49 2.79 -4.03
N ALA A 39 -9.47 4.07 -4.44
CA ALA A 39 -8.44 5.02 -4.02
C ALA A 39 -8.59 5.38 -2.54
N CYS A 40 -9.86 5.37 -2.08
CA CYS A 40 -10.19 5.66 -0.69
C CYS A 40 -9.89 4.45 0.22
N VAL A 41 -10.09 3.24 -0.32
CA VAL A 41 -9.82 2.00 0.44
C VAL A 41 -8.30 1.77 0.61
N VAL A 42 -7.51 2.11 -0.43
CA VAL A 42 -6.04 2.00 -0.38
C VAL A 42 -5.49 3.09 0.54
N ALA A 43 -6.08 4.29 0.42
CA ALA A 43 -5.74 5.44 1.26
C ALA A 43 -6.02 5.09 2.73
N ASP A 44 -7.08 4.27 2.91
CA ASP A 44 -7.50 3.80 4.23
C ASP A 44 -6.55 2.71 4.74
N ALA A 45 -6.08 1.83 3.85
CA ALA A 45 -5.13 0.76 4.21
C ALA A 45 -3.85 1.33 4.82
N VAL A 46 -3.30 2.37 4.18
CA VAL A 46 -2.07 3.02 4.64
C VAL A 46 -2.30 3.94 5.85
N ILE A 47 -3.40 4.72 5.81
CA ILE A 47 -3.74 5.67 6.87
C ILE A 47 -4.24 4.98 8.16
N LYS A 48 -4.83 3.79 8.02
CA LYS A 48 -5.35 3.04 9.17
C LYS A 48 -4.29 2.07 9.75
N THR A 49 -3.53 1.41 8.86
CA THR A 49 -2.55 0.41 9.29
C THR A 49 -1.14 0.99 9.55
N LEU A 50 -0.65 1.83 8.63
CA LEU A 50 0.72 2.37 8.74
C LEU A 50 0.83 3.70 9.51
N GLN A 51 -0.28 4.42 9.68
CA GLN A 51 -0.27 5.74 10.35
C GLN A 51 -0.05 5.69 11.88
N PRO A 52 -0.77 4.84 12.68
CA PRO A 52 -0.59 4.79 14.15
C PRO A 52 0.86 4.49 14.60
N VAL A 53 1.66 3.95 13.68
CA VAL A 53 3.08 3.66 13.95
C VAL A 53 3.98 4.63 13.18
N SER A 54 3.55 5.91 13.14
CA SER A 54 4.27 6.98 12.44
C SER A 54 5.64 7.31 13.06
N GLU A 55 5.94 6.69 14.22
CA GLU A 55 7.22 6.91 14.92
C GLU A 55 8.42 6.53 14.05
N LEU A 56 8.25 5.50 13.23
CA LEU A 56 9.30 5.02 12.31
C LEU A 56 9.20 5.68 10.93
N LEU A 57 7.96 5.86 10.44
CA LEU A 57 7.69 6.46 9.11
C LEU A 57 8.13 7.93 9.03
N THR A 58 8.18 8.61 10.19
CA THR A 58 8.58 10.02 10.23
C THR A 58 10.11 10.17 9.97
N PRO A 59 11.02 9.44 10.71
CA PRO A 59 12.47 9.52 10.44
C PRO A 59 12.86 8.79 9.15
N LEU A 60 11.96 7.89 8.69
CA LEU A 60 12.16 7.11 7.45
C LEU A 60 12.18 8.02 6.20
N GLY A 61 11.28 9.00 6.17
CA GLY A 61 11.20 9.93 5.05
C GLY A 61 9.77 10.23 4.62
N ILE A 62 8.82 9.94 5.51
CA ILE A 62 7.39 10.17 5.24
C ILE A 62 6.77 10.95 6.41
N ASP A 63 5.88 11.89 6.06
CA ASP A 63 5.19 12.72 7.06
C ASP A 63 3.79 12.18 7.37
N LEU A 64 3.17 11.50 6.37
CA LEU A 64 1.81 10.91 6.48
C LEU A 64 0.70 11.98 6.57
N ASP A 65 1.11 13.27 6.50
CA ASP A 65 0.15 14.39 6.55
C ASP A 65 -0.25 14.82 5.14
N GLU A 66 0.45 14.28 4.13
CA GLU A 66 0.20 14.59 2.73
C GLU A 66 -0.53 13.42 2.05
N TRP A 67 -0.74 12.34 2.80
CA TRP A 67 -1.41 11.13 2.29
C TRP A 67 -2.92 11.15 2.59
N SER A 68 -3.31 11.86 3.66
CA SER A 68 -4.72 11.94 4.08
C SER A 68 -5.46 13.11 3.44
N MET A 69 -4.80 14.28 3.32
CA MET A 69 -5.42 15.48 2.73
C MET A 69 -5.37 15.48 1.19
N ALA A 70 -4.45 14.70 0.62
CA ALA A 70 -4.31 14.62 -0.83
C ALA A 70 -5.04 13.41 -1.39
N THR A 71 -5.85 13.64 -2.43
CA THR A 71 -6.63 12.58 -3.08
C THR A 71 -5.91 12.07 -4.33
N TYR A 72 -5.54 10.79 -4.30
CA TYR A 72 -4.84 10.15 -5.43
C TYR A 72 -5.79 9.25 -6.21
N TYR A 73 -5.69 9.31 -7.55
CA TYR A 73 -6.54 8.51 -8.43
C TYR A 73 -5.74 7.35 -9.03
N LEU A 74 -6.45 6.38 -9.63
CA LEU A 74 -5.79 5.21 -10.22
C LEU A 74 -5.79 5.31 -11.74
N PHE A 75 -4.72 4.78 -12.35
CA PHE A 75 -4.57 4.80 -13.81
C PHE A 75 -3.96 3.49 -14.31
N ASP A 76 -4.24 3.15 -15.57
CA ASP A 76 -3.73 1.93 -16.20
C ASP A 76 -2.40 2.21 -16.92
N GLU A 77 -1.62 1.15 -17.15
CA GLU A 77 -0.32 1.26 -17.83
C GLU A 77 -0.49 1.60 -19.33
N SER A 78 -1.57 1.08 -19.93
CA SER A 78 -1.89 1.32 -21.33
C SER A 78 -3.15 2.16 -21.47
N GLY A 79 -3.91 2.27 -20.37
CA GLY A 79 -5.14 3.06 -20.38
C GLY A 79 -5.06 4.28 -19.49
N GLU A 80 -6.04 4.42 -18.58
CA GLU A 80 -6.13 5.56 -17.64
C GLU A 80 -7.18 5.31 -16.55
N PHE A 81 -8.32 4.75 -16.95
CA PHE A 81 -9.41 4.44 -16.01
C PHE A 81 -9.95 3.02 -16.25
N LYS A 82 -9.07 2.03 -16.06
CA LYS A 82 -9.41 0.62 -16.25
C LYS A 82 -8.93 -0.24 -15.09
N LEU A 83 -9.55 -1.41 -14.92
CA LEU A 83 -9.20 -2.33 -13.84
C LEU A 83 -8.33 -3.47 -14.37
N ALA A 84 -7.09 -3.54 -13.88
CA ALA A 84 -6.13 -4.56 -14.30
C ALA A 84 -5.49 -5.25 -13.08
N SER A 85 -4.45 -6.08 -13.32
CA SER A 85 -3.75 -6.81 -12.26
C SER A 85 -3.02 -5.86 -11.31
N HIS A 86 -2.41 -4.81 -11.87
CA HIS A 86 -1.68 -3.81 -11.09
C HIS A 86 -2.07 -2.40 -11.52
N MET A 87 -2.65 -1.63 -10.59
CA MET A 87 -3.07 -0.26 -10.88
C MET A 87 -2.11 0.75 -10.24
N TYR A 88 -2.08 1.98 -10.80
CA TYR A 88 -1.20 3.04 -10.31
C TYR A 88 -1.99 4.16 -9.65
N CYS A 89 -1.65 4.47 -8.39
CA CYS A 89 -2.30 5.53 -7.64
C CYS A 89 -1.34 6.70 -7.41
N SER A 90 -1.69 7.85 -8.00
CA SER A 90 -0.88 9.07 -7.89
C SER A 90 -1.77 10.31 -7.67
N PHE A 91 -1.18 11.34 -7.07
CA PHE A 91 -1.90 12.60 -6.80
C PHE A 91 -1.43 13.73 -7.72
N TYR A 92 -2.29 14.74 -7.89
CA TYR A 92 -1.97 15.89 -8.74
C TYR A 92 -1.47 17.08 -7.87
N PRO A 93 -0.73 18.08 -8.46
CA PRO A 93 -0.23 19.25 -7.70
C PRO A 93 -1.34 20.26 -7.38
N PRO A 94 -1.11 21.23 -6.43
CA PRO A 94 -2.12 22.25 -6.07
C PRO A 94 -2.27 23.34 -7.12
N ASP A 95 -3.43 24.00 -7.12
CA ASP A 95 -3.73 25.07 -8.08
C ASP A 95 -3.61 26.44 -7.42
N GLU A 96 -4.15 26.56 -6.20
CA GLU A 96 -4.11 27.83 -5.45
C GLU A 96 -3.12 27.74 -4.29
N ARG B 1 18.15 9.42 22.83
CA ARG B 1 19.02 10.20 23.72
C ARG B 1 20.25 9.39 24.12
N ASN B 2 20.06 8.10 24.42
CA ASN B 2 21.15 7.22 24.82
C ASN B 2 21.65 6.37 23.64
N SER B 3 20.69 5.82 22.87
CA SER B 3 21.01 4.98 21.72
C SER B 3 20.86 5.77 20.42
N SER B 4 21.81 5.56 19.50
CA SER B 4 21.81 6.24 18.20
C SER B 4 21.43 5.29 17.07
N ARG B 5 22.00 4.07 17.11
CA ARG B 5 21.74 3.05 16.10
C ARG B 5 20.89 1.92 16.67
N ASN B 6 20.02 1.35 15.84
CA ASN B 6 19.14 0.26 16.24
C ASN B 6 19.26 -0.91 15.26
N SER B 7 19.14 -2.14 15.80
CA SER B 7 19.23 -3.41 15.02
C SER B 7 20.60 -3.58 14.38
N THR B 8 21.22 -4.75 14.63
CA THR B 8 22.54 -5.07 14.08
C THR B 8 22.53 -6.44 13.37
N PRO B 9 22.38 -6.48 12.01
CA PRO B 9 22.38 -7.74 11.24
C PRO B 9 23.73 -8.45 11.21
N GLY B 10 24.82 -7.66 11.20
CA GLY B 10 26.16 -8.20 11.17
C GLY B 10 27.16 -7.28 10.50
N SER B 11 28.05 -7.86 9.70
CA SER B 11 29.08 -7.09 8.99
C SER B 11 28.68 -6.89 7.52
N SER B 12 28.91 -5.67 7.03
CA SER B 12 28.58 -5.31 5.65
C SER B 12 29.79 -4.70 4.94
N ARG B 13 30.03 -5.13 3.70
CA ARG B 13 31.15 -4.64 2.91
C ARG B 13 30.68 -3.65 1.85
N GLY B 14 29.56 -3.98 1.18
CA GLY B 14 29.01 -3.11 0.15
C GLY B 14 27.63 -3.55 -0.31
N THR B 15 27.50 -3.80 -1.62
CA THR B 15 26.23 -4.23 -2.20
C THR B 15 26.42 -5.46 -3.11
N SER B 16 25.66 -6.52 -2.83
CA SER B 16 25.72 -7.76 -3.61
C SER B 16 24.39 -8.05 -4.31
N PRO B 17 24.34 -8.05 -5.68
CA PRO B 17 23.10 -8.33 -6.44
C PRO B 17 22.58 -9.75 -6.23
N ALA B 18 21.28 -9.87 -5.98
CA ALA B 18 20.63 -11.18 -5.76
C ALA B 18 19.42 -11.34 -6.66
N ARG B 19 19.20 -12.57 -7.14
CA ARG B 19 18.07 -12.89 -8.01
C ARG B 19 17.11 -13.85 -7.32
N MET B 20 15.85 -13.40 -7.16
CA MET B 20 14.77 -14.20 -6.51
C MET B 20 15.13 -14.61 -5.08
N ALA B 21 14.42 -14.02 -4.09
CA ALA B 21 14.62 -14.29 -2.65
C ALA B 21 16.02 -13.89 -2.18
N GLY B 22 16.07 -13.03 -1.17
CA GLY B 22 17.34 -12.57 -0.62
C GLY B 22 17.17 -11.80 0.67
N ASN B 23 17.58 -12.43 1.79
CA ASN B 23 17.48 -11.80 3.11
C ASN B 23 18.81 -11.90 3.86
N GLY B 24 19.14 -10.83 4.59
CA GLY B 24 20.39 -10.81 5.35
C GLY B 24 20.89 -9.39 5.58
N GLY B 25 21.91 -9.00 4.81
CA GLY B 25 22.49 -7.66 4.92
C GLY B 25 21.98 -6.73 3.84
N ASP B 26 20.70 -6.38 3.93
CA ASP B 26 20.07 -5.47 2.96
C ASP B 26 19.33 -4.33 3.66
N ALA B 27 18.68 -4.65 4.80
CA ALA B 27 17.91 -3.68 5.61
C ALA B 27 16.71 -3.11 4.85
N ALA B 28 15.51 -3.26 5.44
CA ALA B 28 14.28 -2.77 4.84
C ALA B 28 13.77 -1.50 5.54
N LEU B 29 13.89 -1.48 6.88
CA LEU B 29 13.46 -0.33 7.74
C LEU B 29 11.93 -0.21 7.83
N ALA B 30 11.22 -0.55 6.74
CA ALA B 30 9.76 -0.47 6.70
C ALA B 30 9.10 -1.77 7.17
N LEU B 31 9.87 -2.86 7.16
CA LEU B 31 9.38 -4.18 7.59
C LEU B 31 9.06 -4.21 9.09
N LEU B 32 9.73 -3.33 9.85
CA LEU B 32 9.54 -3.23 11.31
C LEU B 32 8.20 -2.59 11.67
N LEU B 33 7.84 -1.49 10.95
CA LEU B 33 6.59 -0.76 11.19
C LEU B 33 5.37 -1.56 10.70
N LEU B 34 5.48 -2.13 9.48
CA LEU B 34 4.38 -2.94 8.92
C LEU B 34 4.15 -4.18 9.77
N ASP B 35 5.23 -4.94 10.08
CA ASP B 35 5.12 -6.15 10.91
C ASP B 35 4.56 -5.84 12.29
N ARG B 36 5.01 -4.71 12.88
CA ARG B 36 4.55 -4.29 14.21
C ARG B 36 3.03 -4.10 14.29
N LEU B 37 2.47 -3.18 13.47
CA LEU B 37 1.03 -2.92 13.51
C LEU B 37 0.19 -4.01 12.83
N ASN B 38 0.59 -4.42 11.60
CA ASN B 38 -0.15 -5.45 10.83
C ASN B 38 -0.32 -6.74 11.65
N GLN B 39 0.71 -7.09 12.43
CA GLN B 39 0.64 -8.28 13.29
C GLN B 39 0.09 -7.92 14.68
N LEU B 40 0.15 -6.61 15.02
CA LEU B 40 -0.39 -6.08 16.29
C LEU B 40 -1.91 -6.33 16.41
N GLU B 41 -2.63 -6.04 15.31
CA GLU B 41 -4.09 -6.21 15.26
C GLU B 41 -4.49 -7.60 14.77
N SER B 42 -3.74 -8.13 13.79
CA SER B 42 -4.03 -9.46 13.22
C SER B 42 -3.31 -10.56 14.00
N LYS B 43 -3.99 -11.69 14.17
CA LYS B 43 -3.43 -12.84 14.89
C LYS B 43 -2.81 -13.85 13.93
N MET B 44 -3.53 -14.14 12.83
CA MET B 44 -3.10 -15.11 11.76
C MET B 44 -3.15 -16.56 12.24
N SER B 45 -2.58 -16.83 13.42
CA SER B 45 -2.56 -18.18 14.00
C SER B 45 -3.67 -18.34 15.03
N GLY B 46 -4.22 -19.57 15.10
CA GLY B 46 -5.29 -19.86 16.04
C GLY B 46 -6.65 -19.91 15.38
N LYS B 47 -7.17 -21.14 15.19
CA LYS B 47 -8.50 -21.38 14.56
C LYS B 47 -8.52 -20.91 13.10
N GLY B 48 -8.86 -21.84 12.19
CA GLY B 48 -8.93 -21.52 10.77
C GLY B 48 -8.33 -22.60 9.91
N GLN B 49 -8.81 -22.70 8.66
CA GLN B 49 -8.32 -23.70 7.71
C GLN B 49 -7.86 -23.03 6.40
N GLN B 50 -8.65 -22.06 5.92
CA GLN B 50 -8.34 -21.34 4.69
C GLN B 50 -8.29 -19.84 4.93
N GLN B 51 -7.35 -19.17 4.26
CA GLN B 51 -7.18 -17.72 4.39
C GLN B 51 -7.18 -17.05 3.03
N GLN B 52 -8.11 -16.10 2.84
CA GLN B 52 -8.24 -15.36 1.59
C GLN B 52 -7.91 -13.89 1.78
N GLY B 53 -7.32 -13.28 0.73
CA GLY B 53 -6.94 -11.88 0.78
C GLY B 53 -7.89 -11.00 0.00
N GLN B 54 -8.56 -10.08 0.69
CA GLN B 54 -9.51 -9.15 0.08
C GLN B 54 -9.40 -7.79 0.75
N THR B 55 -9.60 -7.79 2.09
CA THR B 55 -9.51 -6.61 2.97
C THR B 55 -10.35 -5.39 2.50
N VAL B 56 -11.18 -5.55 1.45
CA VAL B 56 -12.01 -4.45 0.94
C VAL B 56 -13.35 -4.36 1.68
N THR B 57 -13.97 -3.17 1.62
CA THR B 57 -15.25 -2.92 2.27
C THR B 57 -16.41 -3.07 1.29
N LYS B 58 -17.59 -3.42 1.82
CA LYS B 58 -18.80 -3.61 1.01
C LYS B 58 -19.85 -2.54 1.33
N LYS B 59 -19.49 -1.58 2.19
CA LYS B 59 -20.40 -0.49 2.59
C LYS B 59 -20.27 0.73 1.67
N SER B 60 -19.03 1.03 1.25
CA SER B 60 -18.75 2.18 0.37
C SER B 60 -18.81 1.81 -1.11
N ALA B 61 -18.26 0.64 -1.47
CA ALA B 61 -18.21 0.19 -2.86
C ALA B 61 -19.43 -0.62 -3.30
N ALA B 62 -19.91 -1.53 -2.44
CA ALA B 62 -21.05 -2.40 -2.78
C ALA B 62 -22.41 -1.73 -2.57
N GLU B 63 -22.48 -0.75 -1.66
CA GLU B 63 -23.74 -0.04 -1.36
C GLU B 63 -23.95 1.20 -2.25
N ALA B 64 -22.84 1.70 -2.83
CA ALA B 64 -22.91 2.88 -3.71
C ALA B 64 -23.13 2.50 -5.19
N SER B 65 -22.76 1.27 -5.54
CA SER B 65 -22.92 0.76 -6.92
C SER B 65 -24.28 0.08 -7.12
N LYS B 66 -24.85 -0.45 -6.04
CA LYS B 66 -26.15 -1.13 -6.08
C LYS B 66 -27.32 -0.17 -5.85
N LYS B 67 -27.07 0.91 -5.09
CA LYS B 67 -28.09 1.91 -4.78
C LYS B 67 -28.07 3.05 -5.82
N PRO B 68 -29.05 3.10 -6.79
CA PRO B 68 -29.12 4.15 -7.81
C PRO B 68 -29.56 5.51 -7.24
N ARG B 69 -29.24 6.58 -7.95
CA ARG B 69 -29.60 7.95 -7.54
C ARG B 69 -30.33 8.71 -8.65
N GLN B 70 -29.99 8.39 -9.91
CA GLN B 70 -30.61 9.04 -11.07
C GLN B 70 -31.83 8.26 -11.55
N LYS B 71 -32.88 8.99 -11.91
CA LYS B 71 -34.13 8.39 -12.39
C LYS B 71 -34.23 8.50 -13.91
N ARG B 72 -34.84 7.47 -14.53
CA ARG B 72 -35.02 7.43 -15.98
C ARG B 72 -36.46 7.10 -16.34
N THR B 73 -36.93 7.66 -17.47
CA THR B 73 -38.29 7.44 -17.95
C THR B 73 -38.31 7.10 -19.43
N GLN A 1 -17.47 -17.75 -9.47
CA GLN A 1 -18.28 -16.53 -9.37
C GLN A 1 -18.20 -15.94 -7.96
N GLY A 2 -18.19 -14.61 -7.89
CA GLY A 2 -18.11 -13.91 -6.62
C GLY A 2 -17.47 -12.55 -6.74
N TYR A 3 -16.43 -12.31 -5.93
CA TYR A 3 -15.71 -11.04 -5.93
C TYR A 3 -14.35 -11.17 -6.63
N LYS A 4 -13.91 -10.10 -7.32
CA LYS A 4 -12.62 -10.13 -8.00
C LYS A 4 -11.61 -9.32 -7.21
N SER A 5 -10.61 -10.01 -6.68
CA SER A 5 -9.57 -9.37 -5.86
C SER A 5 -8.28 -9.20 -6.66
N VAL A 6 -7.73 -7.98 -6.59
CA VAL A 6 -6.50 -7.64 -7.32
C VAL A 6 -5.48 -6.95 -6.41
N ASN A 7 -4.25 -6.79 -6.94
CA ASN A 7 -3.16 -6.16 -6.21
C ASN A 7 -2.90 -4.74 -6.74
N ILE A 8 -3.01 -3.75 -5.85
CA ILE A 8 -2.77 -2.34 -6.21
C ILE A 8 -1.39 -1.89 -5.75
N THR A 9 -0.76 -1.04 -6.54
CA THR A 9 0.57 -0.53 -6.22
C THR A 9 0.53 0.90 -5.70
N PHE A 10 1.52 1.22 -4.85
CA PHE A 10 1.65 2.55 -4.25
C PHE A 10 2.94 3.18 -4.78
N GLU A 11 2.77 4.15 -5.69
CA GLU A 11 3.89 4.85 -6.33
C GLU A 11 4.72 5.72 -5.34
N LEU A 12 5.64 5.05 -4.64
CA LEU A 12 6.54 5.73 -3.71
C LEU A 12 8.00 5.38 -4.03
N ASP A 13 8.28 4.06 -4.22
CA ASP A 13 9.63 3.54 -4.56
C ASP A 13 10.66 3.85 -3.48
N GLU A 14 11.29 2.79 -2.92
CA GLU A 14 12.31 2.90 -1.85
C GLU A 14 11.75 3.66 -0.61
N ARG A 15 10.41 3.66 -0.50
CA ARG A 15 9.69 4.32 0.58
C ARG A 15 8.37 3.61 0.78
N ILE A 16 8.43 2.54 1.61
CA ILE A 16 7.28 1.69 1.99
C ILE A 16 6.48 1.11 0.80
N ASP A 17 7.06 1.20 -0.42
CA ASP A 17 6.42 0.71 -1.65
C ASP A 17 6.22 -0.83 -1.63
N LYS A 18 7.32 -1.57 -1.43
CA LYS A 18 7.29 -3.04 -1.40
C LYS A 18 6.58 -3.60 -0.16
N VAL A 19 6.69 -2.88 0.97
CA VAL A 19 6.07 -3.30 2.23
C VAL A 19 4.53 -3.24 2.16
N LEU A 20 4.01 -2.15 1.58
CA LEU A 20 2.57 -1.96 1.44
C LEU A 20 2.00 -2.73 0.25
N ASN A 21 2.88 -3.02 -0.74
CA ASN A 21 2.48 -3.78 -1.93
C ASN A 21 2.41 -5.29 -1.63
N GLU A 22 3.22 -5.74 -0.67
CA GLU A 22 3.26 -7.15 -0.28
C GLU A 22 2.29 -7.49 0.87
N LYS A 23 2.12 -6.54 1.82
CA LYS A 23 1.28 -6.78 3.00
C LYS A 23 -0.18 -6.37 2.84
N CYS A 24 -0.47 -5.35 2.01
CA CYS A 24 -1.84 -4.86 1.83
C CYS A 24 -2.06 -4.32 0.42
N SER A 25 -2.17 -5.24 -0.53
CA SER A 25 -2.40 -4.92 -1.93
C SER A 25 -3.59 -5.68 -2.51
N ALA A 26 -4.21 -6.55 -1.69
CA ALA A 26 -5.31 -7.38 -2.15
C ALA A 26 -6.66 -6.85 -1.68
N TYR A 27 -7.42 -6.27 -2.61
CA TYR A 27 -8.74 -5.72 -2.34
C TYR A 27 -9.77 -6.27 -3.35
N THR A 28 -11.07 -6.00 -3.11
CA THR A 28 -12.13 -6.54 -3.98
C THR A 28 -12.70 -5.49 -4.92
N VAL A 29 -12.82 -5.90 -6.20
CA VAL A 29 -13.33 -5.05 -7.29
C VAL A 29 -14.11 -5.90 -8.33
N GLU A 30 -14.74 -5.19 -9.30
CA GLU A 30 -15.54 -5.77 -10.41
C GLU A 30 -16.98 -6.02 -9.96
N LEU A 31 -17.22 -5.88 -8.66
CA LEU A 31 -18.55 -6.06 -8.08
C LEU A 31 -19.22 -4.70 -7.91
N GLY A 32 -18.57 -3.69 -8.48
CA GLY A 32 -19.06 -2.33 -8.41
C GLY A 32 -18.05 -1.37 -7.80
N THR A 33 -16.77 -1.78 -7.72
CA THR A 33 -15.74 -0.92 -7.14
C THR A 33 -15.26 0.15 -8.12
N GLU A 34 -15.38 1.41 -7.69
CA GLU A 34 -14.95 2.56 -8.50
C GLU A 34 -13.54 2.98 -8.09
N VAL A 35 -12.79 3.56 -9.04
CA VAL A 35 -11.40 4.01 -8.81
C VAL A 35 -11.27 5.03 -7.67
N ASN A 36 -12.33 5.83 -7.46
CA ASN A 36 -12.36 6.86 -6.41
C ASN A 36 -12.53 6.22 -5.02
N GLU A 37 -13.50 5.29 -4.90
CA GLU A 37 -13.75 4.56 -3.64
C GLU A 37 -12.63 3.56 -3.38
N PHE A 38 -12.00 3.10 -4.48
CA PHE A 38 -10.88 2.16 -4.43
C PHE A 38 -9.61 2.87 -3.94
N ALA A 39 -9.44 4.13 -4.39
CA ALA A 39 -8.30 4.96 -4.01
C ALA A 39 -8.40 5.42 -2.55
N CYS A 40 -9.64 5.71 -2.10
CA CYS A 40 -9.90 6.14 -0.73
C CYS A 40 -9.76 4.98 0.26
N VAL A 41 -10.22 3.79 -0.15
CA VAL A 41 -10.15 2.58 0.69
C VAL A 41 -8.68 2.09 0.85
N VAL A 42 -7.91 2.15 -0.24
CA VAL A 42 -6.47 1.76 -0.21
C VAL A 42 -5.67 2.77 0.61
N ALA A 43 -6.04 4.06 0.45
CA ALA A 43 -5.44 5.17 1.18
C ALA A 43 -5.64 4.95 2.68
N ASP A 44 -6.85 4.45 3.02
CA ASP A 44 -7.21 4.12 4.40
C ASP A 44 -6.42 2.91 4.89
N ALA A 45 -6.16 1.94 3.98
CA ALA A 45 -5.37 0.73 4.33
C ALA A 45 -3.98 1.10 4.86
N VAL A 46 -3.27 1.92 4.09
CA VAL A 46 -1.92 2.37 4.44
C VAL A 46 -1.92 3.34 5.66
N ILE A 47 -2.91 4.22 5.70
CA ILE A 47 -3.03 5.23 6.77
C ILE A 47 -3.61 4.63 8.08
N LYS A 48 -4.27 3.47 7.99
CA LYS A 48 -4.83 2.81 9.17
C LYS A 48 -3.85 1.82 9.79
N THR A 49 -3.09 1.10 8.96
CA THR A 49 -2.15 0.07 9.45
C THR A 49 -0.75 0.61 9.72
N LEU A 50 -0.26 1.49 8.85
CA LEU A 50 1.10 2.03 8.96
C LEU A 50 1.20 3.31 9.80
N GLN A 51 0.08 4.02 10.02
CA GLN A 51 0.07 5.29 10.78
C GLN A 51 0.51 5.16 12.26
N PRO A 52 0.08 4.10 13.03
CA PRO A 52 0.45 3.94 14.46
C PRO A 52 1.96 3.99 14.79
N VAL A 53 2.82 4.19 13.78
CA VAL A 53 4.28 4.28 14.02
C VAL A 53 4.64 5.73 14.36
N SER A 54 4.51 6.64 13.36
CA SER A 54 4.80 8.10 13.49
C SER A 54 6.27 8.40 13.83
N GLU A 55 6.80 7.76 14.89
CA GLU A 55 8.19 7.97 15.36
C GLU A 55 9.26 7.65 14.31
N LEU A 56 9.06 6.55 13.56
CA LEU A 56 10.01 6.13 12.52
C LEU A 56 9.68 6.72 11.15
N LEU A 57 8.39 6.90 10.87
CA LEU A 57 7.93 7.43 9.57
C LEU A 57 8.19 8.93 9.37
N THR A 58 8.26 9.72 10.47
CA THR A 58 8.51 11.16 10.33
C THR A 58 10.00 11.49 10.02
N PRO A 59 11.03 10.77 10.60
CA PRO A 59 12.44 11.01 10.26
C PRO A 59 12.83 10.27 8.97
N LEU A 60 12.08 9.17 8.69
CA LEU A 60 12.25 8.34 7.49
C LEU A 60 12.28 9.19 6.19
N GLY A 61 11.35 10.15 6.08
CA GLY A 61 11.30 11.01 4.91
C GLY A 61 9.89 11.40 4.50
N ILE A 62 8.99 10.40 4.42
CA ILE A 62 7.60 10.63 4.00
C ILE A 62 6.68 10.91 5.20
N ASP A 63 5.57 11.60 4.92
CA ASP A 63 4.59 11.95 5.94
C ASP A 63 3.27 11.21 5.69
N LEU A 64 2.47 11.04 6.74
CA LEU A 64 1.19 10.34 6.65
C LEU A 64 0.01 11.28 6.45
N ASP A 65 0.06 12.45 7.10
CA ASP A 65 -1.01 13.45 7.02
C ASP A 65 -0.80 14.43 5.85
N GLU A 66 0.16 14.12 4.96
CA GLU A 66 0.46 14.98 3.82
C GLU A 66 -0.26 14.50 2.54
N TRP A 67 -0.43 13.18 2.40
CA TRP A 67 -1.09 12.61 1.22
C TRP A 67 -2.25 11.66 1.58
N SER A 68 -2.73 11.71 2.84
CA SER A 68 -3.83 10.88 3.30
C SER A 68 -5.19 11.35 2.76
N MET A 69 -5.38 12.67 2.70
CA MET A 69 -6.62 13.27 2.20
C MET A 69 -6.33 14.39 1.19
N ALA A 70 -5.25 14.23 0.41
CA ALA A 70 -4.85 15.23 -0.59
C ALA A 70 -5.40 14.89 -1.97
N THR A 71 -4.76 13.91 -2.66
CA THR A 71 -5.18 13.49 -4.01
C THR A 71 -4.56 12.13 -4.37
N TYR A 72 -5.42 11.16 -4.73
CA TYR A 72 -4.97 9.82 -5.10
C TYR A 72 -5.84 9.25 -6.22
N TYR A 73 -5.18 8.86 -7.32
CA TYR A 73 -5.86 8.28 -8.48
C TYR A 73 -5.17 7.00 -8.94
N LEU A 74 -5.94 6.11 -9.58
CA LEU A 74 -5.39 4.84 -10.06
C LEU A 74 -5.30 4.83 -11.58
N PHE A 75 -4.22 4.22 -12.10
CA PHE A 75 -4.00 4.12 -13.54
C PHE A 75 -3.54 2.71 -13.92
N ASP A 76 -3.71 2.37 -15.21
CA ASP A 76 -3.32 1.05 -15.72
C ASP A 76 -1.89 1.06 -16.30
N GLU A 77 -1.57 2.10 -17.07
CA GLU A 77 -0.24 2.23 -17.68
C GLU A 77 0.37 3.61 -17.40
N SER A 78 -0.30 4.68 -17.86
CA SER A 78 0.17 6.05 -17.66
C SER A 78 -0.98 7.02 -17.39
N GLY A 79 -2.02 6.95 -18.24
CA GLY A 79 -3.18 7.82 -18.09
C GLY A 79 -4.47 7.17 -18.58
N GLU A 80 -4.73 5.95 -18.09
CA GLU A 80 -5.93 5.21 -18.47
C GLU A 80 -6.61 4.62 -17.23
N PHE A 81 -7.93 4.77 -17.15
CA PHE A 81 -8.72 4.27 -16.04
C PHE A 81 -9.36 2.92 -16.38
N LYS A 82 -8.69 1.84 -15.95
CA LYS A 82 -9.17 0.46 -16.21
C LYS A 82 -8.83 -0.44 -15.03
N LEU A 83 -9.66 -1.47 -14.83
CA LEU A 83 -9.46 -2.43 -13.73
C LEU A 83 -8.78 -3.70 -14.24
N ALA A 84 -7.55 -3.92 -13.73
CA ALA A 84 -6.75 -5.09 -14.10
C ALA A 84 -6.20 -5.80 -12.86
N SER A 85 -5.33 -6.80 -13.07
CA SER A 85 -4.72 -7.57 -11.96
C SER A 85 -3.74 -6.71 -11.14
N HIS A 86 -3.00 -5.84 -11.84
CA HIS A 86 -2.04 -4.95 -11.20
C HIS A 86 -2.30 -3.50 -11.58
N MET A 87 -2.68 -2.70 -10.59
CA MET A 87 -2.97 -1.27 -10.80
C MET A 87 -1.92 -0.39 -10.13
N TYR A 88 -1.91 0.90 -10.49
CA TYR A 88 -0.93 1.84 -9.94
C TYR A 88 -1.62 3.06 -9.34
N CYS A 89 -1.17 3.45 -8.14
CA CYS A 89 -1.72 4.60 -7.43
C CYS A 89 -0.71 5.74 -7.41
N SER A 90 -1.08 6.86 -8.05
CA SER A 90 -0.21 8.04 -8.13
C SER A 90 -0.96 9.31 -7.71
N PHE A 91 -0.20 10.30 -7.24
CA PHE A 91 -0.75 11.58 -6.80
C PHE A 91 -0.22 12.73 -7.67
N TYR A 92 -1.14 13.44 -8.32
CA TYR A 92 -0.80 14.56 -9.19
C TYR A 92 -1.72 15.78 -8.90
N PRO A 93 -1.17 16.95 -8.46
CA PRO A 93 -1.98 18.16 -8.18
C PRO A 93 -2.65 18.74 -9.44
N PRO A 94 -3.66 19.66 -9.31
CA PRO A 94 -4.35 20.27 -10.47
C PRO A 94 -3.48 21.31 -11.19
N ASP A 95 -3.72 21.47 -12.49
CA ASP A 95 -2.98 22.44 -13.31
C ASP A 95 -3.86 23.63 -13.69
N GLU A 96 -3.35 24.84 -13.41
CA GLU A 96 -4.07 26.07 -13.71
C GLU A 96 -3.19 27.05 -14.47
N ARG B 1 29.90 -9.73 12.83
CA ARG B 1 30.33 -8.63 11.98
C ARG B 1 31.85 -8.66 11.78
N ASN B 2 32.28 -8.41 10.54
CA ASN B 2 33.70 -8.40 10.19
C ASN B 2 34.06 -7.10 9.47
N SER B 3 35.03 -6.36 10.05
CA SER B 3 35.54 -5.08 9.50
C SER B 3 34.41 -4.03 9.37
N SER B 4 34.50 -2.98 10.20
CA SER B 4 33.51 -1.90 10.19
C SER B 4 34.19 -0.53 10.16
N ARG B 5 35.21 -0.35 11.00
CA ARG B 5 35.96 0.91 11.09
C ARG B 5 37.47 0.66 11.07
N ASN B 6 38.21 1.61 10.52
CA ASN B 6 39.67 1.52 10.43
C ASN B 6 40.35 2.31 11.55
N SER B 7 39.81 3.50 11.84
CA SER B 7 40.36 4.37 12.89
C SER B 7 39.55 4.24 14.17
N THR B 8 40.22 4.46 15.31
CA THR B 8 39.58 4.37 16.63
C THR B 8 39.04 5.73 17.12
N PRO B 9 39.84 6.87 17.06
CA PRO B 9 39.36 8.20 17.51
C PRO B 9 38.40 8.85 16.52
N GLY B 10 37.59 9.79 17.02
CA GLY B 10 36.63 10.49 16.20
C GLY B 10 37.13 11.85 15.75
N SER B 11 37.12 12.08 14.43
CA SER B 11 37.57 13.34 13.85
C SER B 11 36.38 14.25 13.51
N SER B 12 35.32 13.65 12.95
CA SER B 12 34.11 14.39 12.57
C SER B 12 33.04 14.26 13.64
N ARG B 13 32.46 15.39 14.03
CA ARG B 13 31.40 15.42 15.05
C ARG B 13 30.02 15.57 14.40
N GLY B 14 29.93 16.47 13.39
CA GLY B 14 28.69 16.71 12.70
C GLY B 14 28.63 16.00 11.35
N THR B 15 27.57 15.22 11.14
CA THR B 15 27.39 14.48 9.89
C THR B 15 26.41 15.19 8.96
N SER B 16 26.90 15.57 7.77
CA SER B 16 26.09 16.27 6.78
C SER B 16 26.28 15.65 5.38
N PRO B 17 25.31 15.81 4.42
CA PRO B 17 25.42 15.26 3.07
C PRO B 17 26.40 16.03 2.18
N ALA B 18 27.27 15.29 1.49
CA ALA B 18 28.28 15.89 0.60
C ALA B 18 28.26 15.23 -0.78
N ARG B 19 28.17 13.89 -0.81
CA ARG B 19 28.14 13.14 -2.06
C ARG B 19 26.88 12.27 -2.14
N MET B 20 26.38 12.09 -3.37
CA MET B 20 25.18 11.27 -3.61
C MET B 20 25.56 9.90 -4.16
N ALA B 21 24.87 8.86 -3.66
CA ALA B 21 25.13 7.49 -4.07
C ALA B 21 24.10 7.02 -5.10
N GLY B 22 24.54 6.18 -6.04
CA GLY B 22 23.66 5.67 -7.08
C GLY B 22 23.49 4.17 -7.01
N ASN B 23 24.60 3.45 -7.23
CA ASN B 23 24.60 1.98 -7.20
C ASN B 23 25.16 1.47 -5.88
N GLY B 24 24.45 0.51 -5.27
CA GLY B 24 24.88 -0.06 -4.00
C GLY B 24 24.14 -1.34 -3.67
N GLY B 25 23.31 -1.29 -2.61
CA GLY B 25 22.54 -2.45 -2.19
C GLY B 25 21.16 -2.08 -1.70
N ASP B 26 20.61 -2.91 -0.81
CA ASP B 26 19.27 -2.68 -0.25
C ASP B 26 19.30 -2.76 1.27
N ALA B 27 18.72 -1.75 1.91
CA ALA B 27 18.66 -1.68 3.38
C ALA B 27 17.24 -1.87 3.87
N ALA B 28 17.11 -2.45 5.08
CA ALA B 28 15.81 -2.69 5.69
C ALA B 28 15.45 -1.60 6.70
N LEU B 29 14.41 -0.82 6.38
CA LEU B 29 13.94 0.26 7.25
C LEU B 29 12.40 0.30 7.30
N ALA B 30 11.77 -0.05 6.17
CA ALA B 30 10.31 -0.06 6.06
C ALA B 30 9.70 -1.41 6.45
N LEU B 31 10.45 -2.49 6.21
CA LEU B 31 10.01 -3.86 6.52
C LEU B 31 9.86 -4.09 8.03
N LEU B 32 10.65 -3.35 8.82
CA LEU B 32 10.63 -3.46 10.29
C LEU B 32 9.35 -2.87 10.89
N LEU B 33 8.92 -1.72 10.36
CA LEU B 33 7.71 -1.05 10.85
C LEU B 33 6.44 -1.74 10.34
N LEU B 34 6.52 -2.28 9.10
CA LEU B 34 5.39 -3.00 8.49
C LEU B 34 5.10 -4.29 9.26
N ASP B 35 6.13 -5.11 9.48
CA ASP B 35 5.98 -6.40 10.17
C ASP B 35 5.62 -6.21 11.66
N ARG B 36 6.42 -5.38 12.36
CA ARG B 36 6.21 -5.14 13.80
C ARG B 36 4.83 -4.54 14.10
N LEU B 37 4.47 -3.45 13.39
CA LEU B 37 3.20 -2.76 13.63
C LEU B 37 1.97 -3.50 13.09
N ASN B 38 2.01 -3.94 11.81
CA ASN B 38 0.87 -4.66 11.20
C ASN B 38 0.55 -5.94 11.97
N GLN B 39 1.58 -6.57 12.54
CA GLN B 39 1.39 -7.78 13.35
C GLN B 39 1.14 -7.40 14.82
N LEU B 40 1.53 -6.17 15.20
CA LEU B 40 1.33 -5.62 16.55
C LEU B 40 -0.17 -5.48 16.88
N GLU B 41 -0.93 -4.95 15.90
CA GLU B 41 -2.37 -4.73 16.06
C GLU B 41 -3.20 -5.96 15.68
N SER B 42 -2.92 -6.54 14.50
CA SER B 42 -3.64 -7.71 14.02
C SER B 42 -2.69 -8.79 13.48
N LYS B 43 -3.19 -10.02 13.43
CA LYS B 43 -2.41 -11.16 12.92
C LYS B 43 -3.17 -11.89 11.83
N MET B 44 -2.54 -11.97 10.64
CA MET B 44 -3.15 -12.64 9.49
C MET B 44 -2.18 -13.63 8.83
N SER B 45 -0.88 -13.42 9.05
CA SER B 45 0.15 -14.29 8.47
C SER B 45 0.47 -15.45 9.42
N GLY B 46 0.45 -16.67 8.87
CA GLY B 46 0.73 -17.86 9.65
C GLY B 46 0.22 -19.13 8.99
N LYS B 47 -0.21 -20.09 9.82
CA LYS B 47 -0.74 -21.36 9.33
C LYS B 47 -2.08 -21.67 9.99
N GLY B 48 -3.08 -21.99 9.17
CA GLY B 48 -4.41 -22.31 9.67
C GLY B 48 -5.50 -22.07 8.63
N GLN B 49 -5.67 -20.81 8.24
CA GLN B 49 -6.69 -20.45 7.25
C GLN B 49 -6.06 -20.26 5.87
N GLN B 50 -6.75 -20.78 4.84
CA GLN B 50 -6.27 -20.68 3.46
C GLN B 50 -7.16 -19.74 2.63
N GLN B 51 -8.47 -19.75 2.93
CA GLN B 51 -9.44 -18.90 2.22
C GLN B 51 -9.61 -17.55 2.92
N GLN B 52 -10.04 -16.52 2.14
CA GLN B 52 -10.26 -15.15 2.62
C GLN B 52 -8.96 -14.49 3.08
N GLY B 53 -8.67 -13.31 2.52
CA GLY B 53 -7.46 -12.58 2.87
C GLY B 53 -7.75 -11.28 3.59
N GLN B 54 -8.24 -10.28 2.84
CA GLN B 54 -8.57 -8.96 3.37
C GLN B 54 -9.61 -8.32 2.45
N THR B 55 -10.88 -8.60 2.74
CA THR B 55 -11.98 -8.08 1.93
C THR B 55 -12.42 -6.69 2.40
N VAL B 56 -12.83 -5.86 1.44
CA VAL B 56 -13.27 -4.48 1.74
C VAL B 56 -14.80 -4.33 1.58
N THR B 57 -15.50 -5.45 1.29
CA THR B 57 -16.97 -5.48 1.10
C THR B 57 -17.38 -4.75 -0.20
N LYS B 58 -17.26 -3.41 -0.19
CA LYS B 58 -17.61 -2.54 -1.35
C LYS B 58 -19.02 -2.81 -1.91
N LYS B 59 -20.01 -2.81 -1.01
CA LYS B 59 -21.41 -3.03 -1.38
C LYS B 59 -22.12 -1.71 -1.70
N SER B 60 -21.55 -0.60 -1.22
CA SER B 60 -22.11 0.75 -1.45
C SER B 60 -21.61 1.35 -2.77
N ALA B 61 -20.49 0.82 -3.28
CA ALA B 61 -19.89 1.28 -4.54
C ALA B 61 -20.66 0.78 -5.77
N ALA B 62 -21.45 -0.29 -5.59
CA ALA B 62 -22.22 -0.90 -6.68
C ALA B 62 -23.59 -0.23 -6.86
N GLU B 63 -24.12 0.36 -5.78
CA GLU B 63 -25.44 1.03 -5.83
C GLU B 63 -25.32 2.51 -6.22
N ALA B 64 -24.29 3.18 -5.71
CA ALA B 64 -24.06 4.60 -5.99
C ALA B 64 -23.41 4.83 -7.37
N SER B 65 -22.81 3.78 -7.93
CA SER B 65 -22.13 3.84 -9.23
C SER B 65 -23.08 4.16 -10.40
N LYS B 66 -24.39 3.94 -10.21
CA LYS B 66 -25.37 4.21 -11.27
C LYS B 66 -25.88 5.66 -11.21
N LYS B 67 -26.71 5.99 -10.19
CA LYS B 67 -27.29 7.34 -9.98
C LYS B 67 -28.57 7.28 -9.11
N PRO B 68 -29.59 6.41 -9.44
CA PRO B 68 -30.85 6.33 -8.66
C PRO B 68 -30.73 5.55 -7.35
N ARG B 69 -29.84 4.56 -7.32
CA ARG B 69 -29.64 3.72 -6.13
C ARG B 69 -28.68 4.39 -5.14
N GLN B 70 -29.23 4.74 -3.96
CA GLN B 70 -28.44 5.38 -2.89
C GLN B 70 -28.81 4.79 -1.53
N LYS B 71 -30.10 4.86 -1.18
CA LYS B 71 -30.59 4.33 0.10
C LYS B 71 -32.00 3.72 -0.07
N ARG B 72 -32.93 4.51 -0.63
CA ARG B 72 -34.30 4.07 -0.86
C ARG B 72 -34.83 4.56 -2.21
N THR B 73 -34.61 5.85 -2.49
CA THR B 73 -35.05 6.46 -3.75
C THR B 73 -34.01 7.44 -4.28
N GLN A 1 -14.63 -19.36 -8.93
CA GLN A 1 -14.32 -18.02 -8.42
C GLN A 1 -15.46 -17.04 -8.71
N GLY A 2 -15.63 -16.07 -7.80
CA GLY A 2 -16.68 -15.07 -7.95
C GLY A 2 -16.20 -13.65 -7.68
N TYR A 3 -15.10 -13.53 -6.93
CA TYR A 3 -14.52 -12.23 -6.58
C TYR A 3 -13.26 -11.96 -7.41
N LYS A 4 -13.08 -10.70 -7.87
CA LYS A 4 -11.92 -10.34 -8.67
C LYS A 4 -10.94 -9.52 -7.83
N SER A 5 -9.85 -10.19 -7.40
CA SER A 5 -8.82 -9.54 -6.59
C SER A 5 -7.60 -9.23 -7.44
N VAL A 6 -7.12 -7.98 -7.33
CA VAL A 6 -5.97 -7.52 -8.13
C VAL A 6 -4.95 -6.72 -7.29
N ASN A 7 -3.77 -6.48 -7.89
CA ASN A 7 -2.69 -5.71 -7.24
C ASN A 7 -2.61 -4.31 -7.85
N ILE A 8 -2.28 -3.31 -7.02
CA ILE A 8 -2.18 -1.92 -7.47
C ILE A 8 -0.86 -1.28 -7.06
N THR A 9 -0.39 -0.34 -7.87
CA THR A 9 0.85 0.40 -7.59
C THR A 9 0.49 1.85 -7.24
N PHE A 10 0.72 2.23 -5.97
CA PHE A 10 0.38 3.57 -5.49
C PHE A 10 1.63 4.35 -5.04
N GLU A 11 1.98 5.35 -5.89
CA GLU A 11 3.13 6.26 -5.67
C GLU A 11 4.48 5.54 -5.44
N LEU A 12 4.65 4.89 -4.26
CA LEU A 12 5.88 4.18 -3.88
C LEU A 12 7.03 5.16 -3.60
N ASP A 13 7.46 5.21 -2.35
CA ASP A 13 8.53 6.11 -1.91
C ASP A 13 9.88 5.37 -1.79
N GLU A 14 9.89 4.07 -2.18
CA GLU A 14 11.09 3.20 -2.13
C GLU A 14 11.59 2.97 -0.68
N ARG A 15 10.73 3.25 0.30
CA ARG A 15 11.07 3.05 1.71
C ARG A 15 10.13 2.06 2.36
N ILE A 16 8.83 2.33 2.25
CA ILE A 16 7.80 1.46 2.79
C ILE A 16 6.94 0.92 1.64
N ASP A 17 7.49 1.01 0.42
CA ASP A 17 6.82 0.55 -0.80
C ASP A 17 6.62 -0.97 -0.81
N LYS A 18 7.64 -1.70 -0.34
CA LYS A 18 7.60 -3.18 -0.29
C LYS A 18 6.59 -3.69 0.74
N VAL A 19 6.50 -2.99 1.89
CA VAL A 19 5.57 -3.37 2.96
C VAL A 19 4.10 -3.10 2.56
N LEU A 20 3.86 -1.97 1.87
CA LEU A 20 2.51 -1.60 1.44
C LEU A 20 2.12 -2.29 0.12
N ASN A 21 3.12 -2.76 -0.64
CA ASN A 21 2.88 -3.46 -1.91
C ASN A 21 2.67 -4.96 -1.68
N GLU A 22 3.27 -5.48 -0.61
CA GLU A 22 3.14 -6.90 -0.27
C GLU A 22 1.95 -7.15 0.67
N LYS A 23 1.75 -6.25 1.64
CA LYS A 23 0.66 -6.39 2.62
C LYS A 23 -0.64 -5.70 2.22
N CYS A 24 -0.58 -4.70 1.31
CA CYS A 24 -1.78 -3.97 0.91
C CYS A 24 -1.77 -3.58 -0.58
N SER A 25 -1.85 -4.58 -1.46
CA SER A 25 -1.90 -4.35 -2.90
C SER A 25 -2.99 -5.21 -3.56
N ALA A 26 -3.45 -6.23 -2.83
CA ALA A 26 -4.48 -7.12 -3.35
C ALA A 26 -5.84 -6.79 -2.75
N TYR A 27 -6.64 -6.07 -3.54
CA TYR A 27 -7.98 -5.64 -3.14
C TYR A 27 -9.02 -6.43 -3.93
N THR A 28 -10.28 -6.39 -3.47
CA THR A 28 -11.36 -7.11 -4.14
C THR A 28 -12.24 -6.15 -4.94
N VAL A 29 -12.41 -6.48 -6.22
CA VAL A 29 -13.20 -5.66 -7.16
C VAL A 29 -14.11 -6.54 -8.05
N GLU A 30 -14.99 -5.84 -8.82
CA GLU A 30 -15.97 -6.46 -9.76
C GLU A 30 -17.25 -6.87 -9.03
N LEU A 31 -17.20 -6.81 -7.69
CA LEU A 31 -18.34 -7.17 -6.85
C LEU A 31 -19.03 -5.90 -6.34
N GLY A 32 -18.52 -4.75 -6.80
CA GLY A 32 -19.08 -3.46 -6.42
C GLY A 32 -18.03 -2.39 -6.26
N THR A 33 -16.79 -2.65 -6.72
CA THR A 33 -15.72 -1.65 -6.60
C THR A 33 -15.63 -0.75 -7.83
N GLU A 34 -15.38 0.54 -7.56
CA GLU A 34 -15.24 1.55 -8.60
C GLU A 34 -13.79 2.05 -8.63
N VAL A 35 -13.55 3.17 -9.33
CA VAL A 35 -12.20 3.75 -9.45
C VAL A 35 -11.91 4.76 -8.34
N ASN A 36 -12.86 5.68 -8.10
CA ASN A 36 -12.74 6.71 -7.05
C ASN A 36 -12.67 6.06 -5.67
N GLU A 37 -13.52 5.04 -5.46
CA GLU A 37 -13.56 4.27 -4.22
C GLU A 37 -12.32 3.39 -4.11
N PHE A 38 -11.68 3.14 -5.28
CA PHE A 38 -10.46 2.32 -5.36
C PHE A 38 -9.26 3.12 -4.83
N ALA A 39 -9.22 4.41 -5.17
CA ALA A 39 -8.16 5.31 -4.70
C ALA A 39 -8.32 5.59 -3.21
N CYS A 40 -9.58 5.77 -2.79
CA CYS A 40 -9.92 6.03 -1.38
C CYS A 40 -9.73 4.78 -0.50
N VAL A 41 -9.91 3.58 -1.10
CA VAL A 41 -9.76 2.32 -0.36
C VAL A 41 -8.27 1.98 -0.16
N VAL A 42 -7.46 2.14 -1.23
CA VAL A 42 -6.00 1.90 -1.14
C VAL A 42 -5.36 2.87 -0.14
N ALA A 43 -5.82 4.13 -0.19
CA ALA A 43 -5.37 5.19 0.71
C ALA A 43 -5.78 4.90 2.16
N ASP A 44 -7.01 4.36 2.33
CA ASP A 44 -7.55 4.01 3.64
C ASP A 44 -6.82 2.81 4.26
N ALA A 45 -6.52 1.79 3.43
CA ALA A 45 -5.82 0.59 3.90
C ALA A 45 -4.40 0.89 4.37
N VAL A 46 -3.66 1.69 3.58
CA VAL A 46 -2.28 2.07 3.90
C VAL A 46 -2.24 3.02 5.12
N ILE A 47 -3.26 3.90 5.21
CA ILE A 47 -3.38 4.86 6.29
C ILE A 47 -3.94 4.22 7.58
N LYS A 48 -4.58 3.05 7.44
CA LYS A 48 -5.14 2.32 8.57
C LYS A 48 -4.13 1.31 9.15
N THR A 49 -3.26 0.75 8.29
CA THR A 49 -2.29 -0.26 8.72
C THR A 49 -0.94 0.34 9.14
N LEU A 50 -0.43 1.29 8.35
CA LEU A 50 0.89 1.88 8.59
C LEU A 50 0.87 3.14 9.47
N GLN A 51 -0.29 3.79 9.59
CA GLN A 51 -0.41 5.03 10.38
C GLN A 51 -0.49 4.84 11.91
N PRO A 52 -1.11 3.75 12.46
CA PRO A 52 -1.23 3.54 13.94
C PRO A 52 0.10 3.64 14.72
N VAL A 53 1.24 3.60 14.03
CA VAL A 53 2.56 3.73 14.67
C VAL A 53 2.96 5.21 14.77
N SER A 54 3.30 5.82 13.60
CA SER A 54 3.68 7.26 13.49
C SER A 54 5.01 7.59 14.19
N GLU A 55 5.20 7.06 15.40
CA GLU A 55 6.42 7.31 16.22
C GLU A 55 7.71 6.86 15.51
N LEU A 56 7.60 5.87 14.63
CA LEU A 56 8.76 5.36 13.87
C LEU A 56 8.95 6.09 12.54
N LEU A 57 7.83 6.32 11.82
CA LEU A 57 7.84 6.97 10.49
C LEU A 57 8.35 8.42 10.53
N THR A 58 7.95 9.16 11.56
CA THR A 58 8.35 10.58 11.71
C THR A 58 9.89 10.75 11.83
N PRO A 59 10.61 10.00 12.74
CA PRO A 59 12.08 10.11 12.86
C PRO A 59 12.82 9.38 11.73
N LEU A 60 12.13 8.39 11.13
CA LEU A 60 12.68 7.60 10.02
C LEU A 60 12.86 8.46 8.75
N GLY A 61 11.81 9.19 8.37
CA GLY A 61 11.90 10.04 7.18
C GLY A 61 10.54 10.50 6.67
N ILE A 62 9.80 9.58 6.04
CA ILE A 62 8.47 9.88 5.47
C ILE A 62 7.35 9.87 6.51
N ASP A 63 6.28 10.63 6.23
CA ASP A 63 5.12 10.73 7.10
C ASP A 63 3.83 10.62 6.30
N LEU A 64 2.74 10.25 6.98
CA LEU A 64 1.43 10.10 6.33
C LEU A 64 0.63 11.42 6.35
N ASP A 65 1.35 12.54 6.38
CA ASP A 65 0.74 13.88 6.39
C ASP A 65 0.45 14.37 4.98
N GLU A 66 1.14 13.80 3.99
CA GLU A 66 0.97 14.17 2.58
C GLU A 66 0.24 13.07 1.80
N TRP A 67 -0.01 11.93 2.47
CA TRP A 67 -0.70 10.79 1.85
C TRP A 67 -2.21 10.83 2.09
N SER A 68 -2.60 11.32 3.28
CA SER A 68 -4.02 11.43 3.66
C SER A 68 -4.64 12.75 3.20
N MET A 69 -3.80 13.69 2.76
CA MET A 69 -4.26 15.00 2.29
C MET A 69 -4.49 15.02 0.78
N ALA A 70 -3.58 14.37 0.04
CA ALA A 70 -3.66 14.31 -1.43
C ALA A 70 -4.15 12.94 -1.91
N THR A 71 -5.09 12.96 -2.86
CA THR A 71 -5.64 11.73 -3.42
C THR A 71 -4.99 11.41 -4.77
N TYR A 72 -4.95 10.11 -5.11
CA TYR A 72 -4.35 9.66 -6.37
C TYR A 72 -5.42 9.17 -7.34
N TYR A 73 -5.07 9.20 -8.63
CA TYR A 73 -5.98 8.75 -9.69
C TYR A 73 -5.53 7.39 -10.23
N LEU A 74 -6.51 6.53 -10.54
CA LEU A 74 -6.23 5.19 -11.04
C LEU A 74 -6.49 5.09 -12.54
N PHE A 75 -5.54 4.46 -13.26
CA PHE A 75 -5.63 4.27 -14.70
C PHE A 75 -5.21 2.85 -15.10
N ASP A 76 -5.53 2.46 -16.34
CA ASP A 76 -5.18 1.13 -16.85
C ASP A 76 -3.83 1.13 -17.56
N GLU A 77 -3.60 2.14 -18.42
CA GLU A 77 -2.34 2.25 -19.16
C GLU A 77 -1.73 3.65 -19.04
N SER A 78 -2.48 4.67 -19.50
CA SER A 78 -2.02 6.07 -19.44
C SER A 78 -3.16 7.03 -19.07
N GLY A 79 -4.30 6.89 -19.78
CA GLY A 79 -5.45 7.74 -19.53
C GLY A 79 -6.78 7.04 -19.80
N GLU A 80 -6.89 5.79 -19.33
CA GLU A 80 -8.09 4.99 -19.51
C GLU A 80 -8.49 4.32 -18.20
N PHE A 81 -9.79 4.29 -17.91
CA PHE A 81 -10.30 3.68 -16.68
C PHE A 81 -10.83 2.27 -16.97
N LYS A 82 -10.01 1.27 -16.65
CA LYS A 82 -10.37 -0.14 -16.86
C LYS A 82 -9.81 -1.02 -15.73
N LEU A 83 -10.54 -2.09 -15.40
CA LEU A 83 -10.15 -3.02 -14.35
C LEU A 83 -9.29 -4.17 -14.92
N ALA A 84 -8.04 -4.23 -14.47
CA ALA A 84 -7.09 -5.25 -14.91
C ALA A 84 -6.36 -5.89 -13.72
N SER A 85 -5.49 -6.88 -13.99
CA SER A 85 -4.72 -7.58 -12.94
C SER A 85 -3.82 -6.62 -12.15
N HIS A 86 -3.21 -5.67 -12.87
CA HIS A 86 -2.33 -4.67 -12.26
C HIS A 86 -2.73 -3.27 -12.72
N MET A 87 -3.26 -2.47 -11.78
CA MET A 87 -3.69 -1.12 -12.08
C MET A 87 -2.69 -0.09 -11.51
N TYR A 88 -2.69 1.11 -12.11
CA TYR A 88 -1.78 2.17 -11.71
C TYR A 88 -2.49 3.25 -10.89
N CYS A 89 -1.96 3.49 -9.70
CA CYS A 89 -2.48 4.50 -8.78
C CYS A 89 -1.41 5.58 -8.54
N SER A 90 -1.55 6.71 -9.25
CA SER A 90 -0.60 7.83 -9.14
C SER A 90 -1.31 9.18 -9.25
N PHE A 91 -0.58 10.27 -8.95
CA PHE A 91 -1.12 11.63 -9.01
C PHE A 91 -0.98 12.22 -10.41
N TYR A 92 -2.04 12.90 -10.86
CA TYR A 92 -2.07 13.54 -12.18
C TYR A 92 -2.70 14.94 -12.08
N PRO A 93 -1.96 16.04 -12.46
CA PRO A 93 -2.50 17.42 -12.40
C PRO A 93 -3.73 17.63 -13.30
N PRO A 94 -4.54 18.72 -13.10
CA PRO A 94 -5.74 18.99 -13.92
C PRO A 94 -5.40 19.63 -15.27
N ASP A 95 -4.44 20.56 -15.27
CA ASP A 95 -4.01 21.26 -16.48
C ASP A 95 -2.49 21.28 -16.59
N GLU A 96 -1.99 21.29 -17.83
CA GLU A 96 -0.55 21.31 -18.10
C GLU A 96 -0.09 22.73 -18.46
N ARG B 1 8.59 -22.84 2.13
CA ARG B 1 9.84 -22.13 2.33
C ARG B 1 10.80 -22.36 1.17
N ASN B 2 11.37 -21.27 0.65
CA ASN B 2 12.30 -21.32 -0.48
C ASN B 2 13.59 -20.55 -0.17
N SER B 3 13.44 -19.35 0.40
CA SER B 3 14.58 -18.49 0.74
C SER B 3 14.93 -18.63 2.21
N SER B 4 16.24 -18.62 2.50
CA SER B 4 16.74 -18.74 3.87
C SER B 4 17.22 -17.39 4.40
N ARG B 5 16.98 -17.16 5.69
CA ARG B 5 17.38 -15.91 6.36
C ARG B 5 18.52 -16.14 7.36
N ASN B 6 18.78 -17.42 7.67
CA ASN B 6 19.84 -17.79 8.62
C ASN B 6 21.17 -18.03 7.90
N SER B 7 21.10 -18.64 6.71
CA SER B 7 22.29 -18.93 5.92
C SER B 7 22.52 -17.85 4.87
N THR B 8 23.75 -17.33 4.82
CA THR B 8 24.13 -16.29 3.86
C THR B 8 25.01 -16.86 2.73
N PRO B 9 24.91 -16.32 1.46
CA PRO B 9 25.71 -16.82 0.33
C PRO B 9 27.18 -16.41 0.43
N GLY B 10 28.05 -17.20 -0.19
CA GLY B 10 29.48 -16.93 -0.17
C GLY B 10 30.06 -16.72 -1.56
N SER B 11 31.03 -17.57 -1.92
CA SER B 11 31.67 -17.49 -3.23
C SER B 11 31.10 -18.55 -4.17
N SER B 12 30.80 -18.14 -5.41
CA SER B 12 30.24 -19.03 -6.42
C SER B 12 31.26 -19.30 -7.52
N ARG B 13 31.24 -20.53 -8.06
CA ARG B 13 32.15 -20.93 -9.13
C ARG B 13 31.39 -21.14 -10.45
N GLY B 14 30.23 -21.80 -10.36
CA GLY B 14 29.42 -22.07 -11.54
C GLY B 14 28.08 -21.36 -11.50
N THR B 15 28.10 -20.05 -11.76
CA THR B 15 26.89 -19.23 -11.77
C THR B 15 26.89 -18.24 -12.93
N SER B 16 25.77 -18.18 -13.64
CA SER B 16 25.61 -17.28 -14.78
C SER B 16 24.35 -16.40 -14.67
N PRO B 17 23.15 -16.94 -14.25
CA PRO B 17 21.91 -16.15 -14.13
C PRO B 17 21.89 -15.23 -12.90
N ALA B 18 22.58 -15.67 -11.82
CA ALA B 18 22.65 -14.92 -10.58
C ALA B 18 23.91 -14.03 -10.53
N ARG B 19 23.72 -12.77 -10.12
CA ARG B 19 24.82 -11.81 -10.04
C ARG B 19 25.30 -11.68 -8.59
N MET B 20 26.58 -11.31 -8.43
CA MET B 20 27.19 -11.13 -7.10
C MET B 20 27.19 -9.66 -6.71
N ALA B 21 26.87 -9.41 -5.43
CA ALA B 21 26.83 -8.04 -4.89
C ALA B 21 27.91 -7.84 -3.84
N GLY B 22 28.37 -6.59 -3.71
CA GLY B 22 29.42 -6.25 -2.75
C GLY B 22 28.85 -5.68 -1.46
N ASN B 23 28.26 -6.57 -0.63
CA ASN B 23 27.65 -6.21 0.67
C ASN B 23 26.37 -5.38 0.50
N GLY B 24 26.49 -4.20 -0.14
CA GLY B 24 25.35 -3.33 -0.36
C GLY B 24 25.22 -2.26 0.71
N GLY B 25 24.60 -1.13 0.33
CA GLY B 25 24.41 -0.03 1.26
C GLY B 25 22.95 0.24 1.54
N ASP B 26 22.47 -0.25 2.70
CA ASP B 26 21.06 -0.10 3.15
C ASP B 26 20.08 -0.79 2.19
N ALA B 27 19.35 -1.78 2.71
CA ALA B 27 18.38 -2.53 1.91
C ALA B 27 17.00 -2.57 2.58
N ALA B 28 16.99 -2.80 3.90
CA ALA B 28 15.74 -2.86 4.67
C ALA B 28 15.78 -1.91 5.86
N LEU B 29 14.76 -1.05 5.94
CA LEU B 29 14.62 -0.07 7.03
C LEU B 29 13.17 0.03 7.50
N ALA B 30 12.25 -0.57 6.74
CA ALA B 30 10.82 -0.56 7.07
C ALA B 30 10.41 -1.74 7.96
N LEU B 31 11.41 -2.50 8.44
CA LEU B 31 11.18 -3.68 9.30
C LEU B 31 10.59 -3.33 10.67
N LEU B 32 10.83 -2.09 11.14
CA LEU B 32 10.34 -1.62 12.45
C LEU B 32 8.81 -1.46 12.46
N LEU B 33 8.29 -0.65 11.52
CA LEU B 33 6.84 -0.41 11.39
C LEU B 33 6.12 -1.66 10.88
N LEU B 34 6.84 -2.42 10.02
CA LEU B 34 6.33 -3.67 9.44
C LEU B 34 5.97 -4.66 10.55
N ASP B 35 6.99 -5.14 11.28
CA ASP B 35 6.80 -6.09 12.36
C ASP B 35 5.83 -5.57 13.43
N ARG B 36 6.11 -4.36 13.94
CA ARG B 36 5.30 -3.74 15.00
C ARG B 36 3.80 -3.66 14.66
N LEU B 37 3.42 -2.80 13.70
CA LEU B 37 2.01 -2.59 13.37
C LEU B 37 1.40 -3.67 12.46
N ASN B 38 2.14 -4.11 11.44
CA ASN B 38 1.61 -5.12 10.50
C ASN B 38 1.33 -6.45 11.22
N GLN B 39 2.16 -6.80 12.22
CA GLN B 39 1.94 -8.02 12.99
C GLN B 39 1.06 -7.76 14.22
N LEU B 40 0.98 -6.48 14.65
CA LEU B 40 0.13 -6.08 15.80
C LEU B 40 -1.36 -6.27 15.47
N GLU B 41 -1.73 -5.91 14.22
CA GLU B 41 -3.12 -6.03 13.74
C GLU B 41 -3.52 -7.49 13.46
N SER B 42 -2.52 -8.37 13.28
CA SER B 42 -2.75 -9.79 13.01
C SER B 42 -3.07 -10.57 14.29
N LYS B 43 -3.85 -11.64 14.13
CA LYS B 43 -4.26 -12.47 15.27
C LYS B 43 -3.31 -13.65 15.46
N MET B 44 -3.16 -14.08 16.71
CA MET B 44 -2.27 -15.20 17.07
C MET B 44 -3.09 -16.43 17.45
N SER B 45 -2.48 -17.62 17.29
CA SER B 45 -3.09 -18.94 17.59
C SER B 45 -4.46 -19.15 16.90
N GLY B 46 -4.49 -20.09 15.96
CA GLY B 46 -5.71 -20.39 15.22
C GLY B 46 -5.43 -21.08 13.90
N LYS B 47 -4.49 -20.50 13.11
CA LYS B 47 -4.09 -21.03 11.79
C LYS B 47 -5.24 -21.00 10.78
N GLY B 48 -4.99 -20.35 9.63
CA GLY B 48 -6.00 -20.26 8.59
C GLY B 48 -5.45 -19.64 7.31
N GLN B 49 -4.86 -18.45 7.44
CA GLN B 49 -4.28 -17.73 6.30
C GLN B 49 -2.82 -17.39 6.58
N GLN B 50 -1.96 -17.66 5.59
CA GLN B 50 -0.53 -17.39 5.70
C GLN B 50 -0.16 -16.07 5.01
N GLN B 51 -0.74 -15.82 3.84
CA GLN B 51 -0.48 -14.60 3.08
C GLN B 51 -1.66 -13.64 3.18
N GLN B 52 -1.36 -12.36 3.40
CA GLN B 52 -2.39 -11.32 3.52
C GLN B 52 -2.50 -10.53 2.21
N GLY B 53 -3.73 -10.39 1.72
CA GLY B 53 -3.97 -9.65 0.48
C GLY B 53 -5.43 -9.61 0.11
N GLN B 54 -6.26 -9.12 1.03
CA GLN B 54 -7.72 -9.00 0.83
C GLN B 54 -8.25 -7.77 1.56
N THR B 55 -7.38 -6.76 1.72
CA THR B 55 -7.72 -5.52 2.43
C THR B 55 -8.50 -4.55 1.53
N VAL B 56 -9.82 -4.52 1.74
CA VAL B 56 -10.71 -3.63 0.99
C VAL B 56 -11.95 -3.28 1.85
N THR B 57 -12.49 -2.07 1.64
CA THR B 57 -13.65 -1.60 2.40
C THR B 57 -14.98 -2.02 1.75
N LYS B 58 -16.01 -2.12 2.58
CA LYS B 58 -17.36 -2.52 2.12
C LYS B 58 -18.38 -1.40 2.39
N LYS B 59 -17.91 -0.27 2.92
CA LYS B 59 -18.77 0.88 3.22
C LYS B 59 -18.88 1.84 2.05
N SER B 60 -17.79 2.00 1.30
CA SER B 60 -17.75 2.90 0.15
C SER B 60 -18.14 2.22 -1.17
N ALA B 61 -17.58 1.03 -1.42
CA ALA B 61 -17.83 0.28 -2.65
C ALA B 61 -19.03 -0.68 -2.57
N ALA B 62 -19.15 -1.39 -1.42
CA ALA B 62 -20.23 -2.38 -1.24
C ALA B 62 -21.57 -1.76 -0.81
N GLU B 63 -21.52 -0.59 -0.15
CA GLU B 63 -22.74 0.09 0.32
C GLU B 63 -23.31 1.05 -0.75
N ALA B 64 -22.45 1.49 -1.67
CA ALA B 64 -22.86 2.42 -2.74
C ALA B 64 -23.33 1.67 -3.98
N SER B 65 -22.89 0.42 -4.13
CA SER B 65 -23.26 -0.42 -5.29
C SER B 65 -24.52 -1.24 -5.01
N LYS B 66 -24.86 -1.41 -3.73
CA LYS B 66 -26.05 -2.17 -3.33
C LYS B 66 -27.30 -1.26 -3.25
N LYS B 67 -27.16 -0.12 -2.56
CA LYS B 67 -28.26 0.84 -2.41
C LYS B 67 -27.75 2.29 -2.58
N PRO B 68 -28.63 3.26 -2.99
CA PRO B 68 -28.23 4.66 -3.17
C PRO B 68 -28.16 5.44 -1.84
N ARG B 69 -29.11 5.15 -0.93
CA ARG B 69 -29.17 5.80 0.38
C ARG B 69 -29.35 4.78 1.49
N GLN B 70 -28.88 5.12 2.69
CA GLN B 70 -28.97 4.24 3.85
C GLN B 70 -30.18 4.61 4.72
N LYS B 71 -31.13 3.67 4.83
CA LYS B 71 -32.35 3.87 5.62
C LYS B 71 -32.68 2.63 6.45
N ARG B 72 -32.56 1.46 5.81
CA ARG B 72 -32.85 0.18 6.47
C ARG B 72 -31.56 -0.54 6.82
N THR B 73 -31.58 -1.26 7.97
CA THR B 73 -30.44 -2.04 8.49
C THR B 73 -29.14 -1.20 8.60
#